data_4J69
# 
_entry.id   4J69 
# 
_audit_conform.dict_name       mmcif_pdbx.dic 
_audit_conform.dict_version    5.399 
_audit_conform.dict_location   http://mmcif.pdb.org/dictionaries/ascii/mmcif_pdbx.dic 
# 
loop_
_database_2.database_id 
_database_2.database_code 
_database_2.pdbx_database_accession 
_database_2.pdbx_DOI 
PDB   4J69         pdb_00004j69 10.2210/pdb4j69/pdb 
RCSB  RCSB077648   ?            ?                   
WWPDB D_1000077648 ?            ?                   
# 
loop_
_pdbx_audit_revision_history.ordinal 
_pdbx_audit_revision_history.data_content_type 
_pdbx_audit_revision_history.major_revision 
_pdbx_audit_revision_history.minor_revision 
_pdbx_audit_revision_history.revision_date 
1 'Structure model' 1 0 2014-01-22 
2 'Structure model' 1 1 2017-11-15 
3 'Structure model' 1 2 2023-09-20 
4 'Structure model' 1 3 2024-11-27 
# 
_pdbx_audit_revision_details.ordinal             1 
_pdbx_audit_revision_details.revision_ordinal    1 
_pdbx_audit_revision_details.data_content_type   'Structure model' 
_pdbx_audit_revision_details.provider            repository 
_pdbx_audit_revision_details.type                'Initial release' 
_pdbx_audit_revision_details.description         ? 
_pdbx_audit_revision_details.details             ? 
# 
loop_
_pdbx_audit_revision_group.ordinal 
_pdbx_audit_revision_group.revision_ordinal 
_pdbx_audit_revision_group.data_content_type 
_pdbx_audit_revision_group.group 
1 2 'Structure model' 'Refinement description' 
2 3 'Structure model' 'Data collection'        
3 3 'Structure model' 'Database references'    
4 3 'Structure model' 'Derived calculations'   
5 3 'Structure model' 'Refinement description' 
6 4 'Structure model' 'Structure summary'      
# 
loop_
_pdbx_audit_revision_category.ordinal 
_pdbx_audit_revision_category.revision_ordinal 
_pdbx_audit_revision_category.data_content_type 
_pdbx_audit_revision_category.category 
1 2 'Structure model' software                      
2 3 'Structure model' chem_comp_atom                
3 3 'Structure model' chem_comp_bond                
4 3 'Structure model' database_2                    
5 3 'Structure model' pdbx_initial_refinement_model 
6 3 'Structure model' struct_site                   
7 4 'Structure model' pdbx_entry_details            
8 4 'Structure model' pdbx_modification_feature     
# 
loop_
_pdbx_audit_revision_item.ordinal 
_pdbx_audit_revision_item.revision_ordinal 
_pdbx_audit_revision_item.data_content_type 
_pdbx_audit_revision_item.item 
1 3 'Structure model' '_database_2.pdbx_DOI'                
2 3 'Structure model' '_database_2.pdbx_database_accession' 
3 3 'Structure model' '_struct_site.pdbx_auth_asym_id'      
4 3 'Structure model' '_struct_site.pdbx_auth_comp_id'      
5 3 'Structure model' '_struct_site.pdbx_auth_seq_id'       
# 
_pdbx_database_status.entry_id                        4J69 
_pdbx_database_status.status_code                     REL 
_pdbx_database_status.deposit_site                    RCSB 
_pdbx_database_status.process_site                    RCSB 
_pdbx_database_status.recvd_initial_deposition_date   2013-02-11 
_pdbx_database_status.status_code_sf                  REL 
_pdbx_database_status.status_code_mr                  ? 
_pdbx_database_status.SG_entry                        ? 
_pdbx_database_status.status_code_cs                  ? 
_pdbx_database_status.pdb_format_compatible           Y 
_pdbx_database_status.methods_development_category    ? 
_pdbx_database_status.status_code_nmr_data            ? 
# 
loop_
_pdbx_database_related.db_name 
_pdbx_database_related.db_id 
_pdbx_database_related.details 
_pdbx_database_related.content_type 
PDB 4J5Z 'Crystal structure of Ribonuclease A in aqueous solution: One of twelve in MSCS set'                  unspecified 
PDB 4J60 'Crystal structure of Ribonuclease A soaked in 25% Cyclopentanol: One of twelve in MSCS set'          unspecified 
PDB 4J61 'Crystal structure of Ribonuclease A soaked in 40% Cyclopentanone: One of twelve in MSCS set'         unspecified 
PDB 4J62 'Crystal structure of Ribonuclease A soaked in 40% Cyclohexanol: One of twelve in MSCS set'           unspecified 
PDB 4J63 'Crystal structure of Ribonuclease A soaked in 40% Cyclohexanone: One of twelve in MSCS set'          unspecified 
PDB 4J64 'Crystal structure of Ribonuclease A soaked in 40% Dioxane: One of twelve in MSCS set'                unspecified 
PDB 4J65 'Crystal structure of Ribonuclease A soaked in 40% Dimethylformamide: One of twelve in MSCS set'      unspecified 
PDB 4J66 'Crystal structure of Ribonuclease A soaked in 25% Dimethyl sulfoxide: One of twelve in MSCS set'     unspecified 
PDB 4J67 'Crystal structure of Ribonuclease A soaked in 50% 1,6-Hexanediol: One of twelve in MSCS set'         unspecified 
PDB 4J68 'Crystal structure of Ribonuclease A soaked in 40% Isopropanol: One of twelve in MSCS set'            unspecified 
PDB 4J6A 'Crystal structure of Ribonuclease A soaked in 40% 2,2,2-Trifluoroethanol: One of twelve in MSCS set' unspecified 
# 
loop_
_audit_author.name 
_audit_author.pdbx_ordinal 
'Kearney, B.M.' 1 
'Dechene, M.'   2 
'Swartz, P.D.'  3 
'Mattos, C.'    4 
# 
_citation.id                        primary 
_citation.title                     'DRoP: A program for analysis of water structure on protein surfaces' 
_citation.journal_abbrev            'to be published' 
_citation.journal_volume            ? 
_citation.page_first                ? 
_citation.page_last                 ? 
_citation.year                      ? 
_citation.journal_id_ASTM           ? 
_citation.country                   ? 
_citation.journal_id_ISSN           ? 
_citation.journal_id_CSD            0353 
_citation.book_publisher            ? 
_citation.pdbx_database_id_PubMed   ? 
_citation.pdbx_database_id_DOI      ? 
# 
loop_
_citation_author.citation_id 
_citation_author.name 
_citation_author.ordinal 
_citation_author.identifier_ORCID 
primary 'Kearney, B.M.' 1 ? 
primary 'Roberts, D.'   2 ? 
primary 'Dechene, M.'   3 ? 
primary 'Swartz, P.D.'  4 ? 
primary 'Mattos, C.'    5 ? 
# 
loop_
_entity.id 
_entity.type 
_entity.src_method 
_entity.pdbx_description 
_entity.formula_weight 
_entity.pdbx_number_of_molecules 
_entity.pdbx_ec 
_entity.pdbx_mutation 
_entity.pdbx_fragment 
_entity.details 
1 polymer     nat 'Ribonuclease pancreatic'                     13708.326 1  3.1.27.5 ? ? ? 
2 non-polymer syn 'SULFATE ION'                                 96.063    2  ?        ? ? ? 
3 non-polymer syn '(3S,3aR,6aS)-hexahydrofuro[2,3-b]furan-3-ol' 130.142   9  ?        ? ? ? 
4 water       nat water                                         18.015    84 ?        ? ? ? 
# 
_entity_name_com.entity_id   1 
_entity_name_com.name        'RNase 1, RNase A' 
# 
_entity_poly.entity_id                      1 
_entity_poly.type                           'polypeptide(L)' 
_entity_poly.nstd_linkage                   no 
_entity_poly.nstd_monomer                   no 
_entity_poly.pdbx_seq_one_letter_code       
;KETAAAKFERQHMDSSTSAASSSNYCNQMMKSRNLTKDRCKPVNTFVHESLADVQAVCSQKNVACKNGQTNCYQSYSTMS
ITDCRETGSSKYPNCAYKTTQANKHIIVACEGNPYVPVHFDASV
;
_entity_poly.pdbx_seq_one_letter_code_can   
;KETAAAKFERQHMDSSTSAASSSNYCNQMMKSRNLTKDRCKPVNTFVHESLADVQAVCSQKNVACKNGQTNCYQSYSTMS
ITDCRETGSSKYPNCAYKTTQANKHIIVACEGNPYVPVHFDASV
;
_entity_poly.pdbx_strand_id                 A 
_entity_poly.pdbx_target_identifier         ? 
# 
loop_
_pdbx_entity_nonpoly.entity_id 
_pdbx_entity_nonpoly.name 
_pdbx_entity_nonpoly.comp_id 
2 'SULFATE ION'                                 SO4 
3 '(3S,3aR,6aS)-hexahydrofuro[2,3-b]furan-3-ol' RSG 
4 water                                         HOH 
# 
loop_
_entity_poly_seq.entity_id 
_entity_poly_seq.num 
_entity_poly_seq.mon_id 
_entity_poly_seq.hetero 
1 1   LYS n 
1 2   GLU n 
1 3   THR n 
1 4   ALA n 
1 5   ALA n 
1 6   ALA n 
1 7   LYS n 
1 8   PHE n 
1 9   GLU n 
1 10  ARG n 
1 11  GLN n 
1 12  HIS n 
1 13  MET n 
1 14  ASP n 
1 15  SER n 
1 16  SER n 
1 17  THR n 
1 18  SER n 
1 19  ALA n 
1 20  ALA n 
1 21  SER n 
1 22  SER n 
1 23  SER n 
1 24  ASN n 
1 25  TYR n 
1 26  CYS n 
1 27  ASN n 
1 28  GLN n 
1 29  MET n 
1 30  MET n 
1 31  LYS n 
1 32  SER n 
1 33  ARG n 
1 34  ASN n 
1 35  LEU n 
1 36  THR n 
1 37  LYS n 
1 38  ASP n 
1 39  ARG n 
1 40  CYS n 
1 41  LYS n 
1 42  PRO n 
1 43  VAL n 
1 44  ASN n 
1 45  THR n 
1 46  PHE n 
1 47  VAL n 
1 48  HIS n 
1 49  GLU n 
1 50  SER n 
1 51  LEU n 
1 52  ALA n 
1 53  ASP n 
1 54  VAL n 
1 55  GLN n 
1 56  ALA n 
1 57  VAL n 
1 58  CYS n 
1 59  SER n 
1 60  GLN n 
1 61  LYS n 
1 62  ASN n 
1 63  VAL n 
1 64  ALA n 
1 65  CYS n 
1 66  LYS n 
1 67  ASN n 
1 68  GLY n 
1 69  GLN n 
1 70  THR n 
1 71  ASN n 
1 72  CYS n 
1 73  TYR n 
1 74  GLN n 
1 75  SER n 
1 76  TYR n 
1 77  SER n 
1 78  THR n 
1 79  MET n 
1 80  SER n 
1 81  ILE n 
1 82  THR n 
1 83  ASP n 
1 84  CYS n 
1 85  ARG n 
1 86  GLU n 
1 87  THR n 
1 88  GLY n 
1 89  SER n 
1 90  SER n 
1 91  LYS n 
1 92  TYR n 
1 93  PRO n 
1 94  ASN n 
1 95  CYS n 
1 96  ALA n 
1 97  TYR n 
1 98  LYS n 
1 99  THR n 
1 100 THR n 
1 101 GLN n 
1 102 ALA n 
1 103 ASN n 
1 104 LYS n 
1 105 HIS n 
1 106 ILE n 
1 107 ILE n 
1 108 VAL n 
1 109 ALA n 
1 110 CYS n 
1 111 GLU n 
1 112 GLY n 
1 113 ASN n 
1 114 PRO n 
1 115 TYR n 
1 116 VAL n 
1 117 PRO n 
1 118 VAL n 
1 119 HIS n 
1 120 PHE n 
1 121 ASP n 
1 122 ALA n 
1 123 SER n 
1 124 VAL n 
# 
_entity_src_nat.entity_id                  1 
_entity_src_nat.pdbx_src_id                1 
_entity_src_nat.pdbx_alt_source_flag       sample 
_entity_src_nat.pdbx_beg_seq_num           ? 
_entity_src_nat.pdbx_end_seq_num           ? 
_entity_src_nat.common_name                'bovine,cow,domestic cattle,domestic cow' 
_entity_src_nat.pdbx_organism_scientific   'Bos taurus' 
_entity_src_nat.pdbx_ncbi_taxonomy_id      9913 
_entity_src_nat.genus                      ? 
_entity_src_nat.species                    ? 
_entity_src_nat.strain                     ? 
_entity_src_nat.tissue                     ? 
_entity_src_nat.tissue_fraction            ? 
_entity_src_nat.pdbx_secretion             ? 
_entity_src_nat.pdbx_fragment              ? 
_entity_src_nat.pdbx_variant               ? 
_entity_src_nat.pdbx_cell_line             ? 
_entity_src_nat.pdbx_atcc                  ? 
_entity_src_nat.pdbx_cellular_location     ? 
_entity_src_nat.pdbx_organ                 ? 
_entity_src_nat.pdbx_organelle             ? 
_entity_src_nat.pdbx_cell                  ? 
_entity_src_nat.pdbx_plasmid_name          ? 
_entity_src_nat.pdbx_plasmid_details       ? 
_entity_src_nat.details                    pancreas 
# 
loop_
_chem_comp.id 
_chem_comp.type 
_chem_comp.mon_nstd_flag 
_chem_comp.name 
_chem_comp.pdbx_synonyms 
_chem_comp.formula 
_chem_comp.formula_weight 
ALA 'L-peptide linking' y ALANINE                                       ? 'C3 H7 N O2'     89.093  
ARG 'L-peptide linking' y ARGININE                                      ? 'C6 H15 N4 O2 1' 175.209 
ASN 'L-peptide linking' y ASPARAGINE                                    ? 'C4 H8 N2 O3'    132.118 
ASP 'L-peptide linking' y 'ASPARTIC ACID'                               ? 'C4 H7 N O4'     133.103 
CYS 'L-peptide linking' y CYSTEINE                                      ? 'C3 H7 N O2 S'   121.158 
GLN 'L-peptide linking' y GLUTAMINE                                     ? 'C5 H10 N2 O3'   146.144 
GLU 'L-peptide linking' y 'GLUTAMIC ACID'                               ? 'C5 H9 N O4'     147.129 
GLY 'peptide linking'   y GLYCINE                                       ? 'C2 H5 N O2'     75.067  
HIS 'L-peptide linking' y HISTIDINE                                     ? 'C6 H10 N3 O2 1' 156.162 
HOH non-polymer         . WATER                                         ? 'H2 O'           18.015  
ILE 'L-peptide linking' y ISOLEUCINE                                    ? 'C6 H13 N O2'    131.173 
LEU 'L-peptide linking' y LEUCINE                                       ? 'C6 H13 N O2'    131.173 
LYS 'L-peptide linking' y LYSINE                                        ? 'C6 H15 N2 O2 1' 147.195 
MET 'L-peptide linking' y METHIONINE                                    ? 'C5 H11 N O2 S'  149.211 
PHE 'L-peptide linking' y PHENYLALANINE                                 ? 'C9 H11 N O2'    165.189 
PRO 'L-peptide linking' y PROLINE                                       ? 'C5 H9 N O2'     115.130 
RSG non-polymer         . '(3S,3aR,6aS)-hexahydrofuro[2,3-b]furan-3-ol' ? 'C6 H10 O3'      130.142 
SER 'L-peptide linking' y SERINE                                        ? 'C3 H7 N O3'     105.093 
SO4 non-polymer         . 'SULFATE ION'                                 ? 'O4 S -2'        96.063  
THR 'L-peptide linking' y THREONINE                                     ? 'C4 H9 N O3'     119.119 
TYR 'L-peptide linking' y TYROSINE                                      ? 'C9 H11 N O3'    181.189 
VAL 'L-peptide linking' y VALINE                                        ? 'C5 H11 N O2'    117.146 
# 
loop_
_pdbx_poly_seq_scheme.asym_id 
_pdbx_poly_seq_scheme.entity_id 
_pdbx_poly_seq_scheme.seq_id 
_pdbx_poly_seq_scheme.mon_id 
_pdbx_poly_seq_scheme.ndb_seq_num 
_pdbx_poly_seq_scheme.pdb_seq_num 
_pdbx_poly_seq_scheme.auth_seq_num 
_pdbx_poly_seq_scheme.pdb_mon_id 
_pdbx_poly_seq_scheme.auth_mon_id 
_pdbx_poly_seq_scheme.pdb_strand_id 
_pdbx_poly_seq_scheme.pdb_ins_code 
_pdbx_poly_seq_scheme.hetero 
A 1 1   LYS 1   1   1   LYS LYS A . n 
A 1 2   GLU 2   2   2   GLU GLU A . n 
A 1 3   THR 3   3   3   THR THR A . n 
A 1 4   ALA 4   4   4   ALA ALA A . n 
A 1 5   ALA 5   5   5   ALA ALA A . n 
A 1 6   ALA 6   6   6   ALA ALA A . n 
A 1 7   LYS 7   7   7   LYS LYS A . n 
A 1 8   PHE 8   8   8   PHE PHE A . n 
A 1 9   GLU 9   9   9   GLU GLU A . n 
A 1 10  ARG 10  10  10  ARG ARG A . n 
A 1 11  GLN 11  11  11  GLN GLN A . n 
A 1 12  HIS 12  12  12  HIS HIS A . n 
A 1 13  MET 13  13  13  MET MET A . n 
A 1 14  ASP 14  14  14  ASP ASP A . n 
A 1 15  SER 15  15  15  SER SER A . n 
A 1 16  SER 16  16  16  SER SER A . n 
A 1 17  THR 17  17  17  THR THR A . n 
A 1 18  SER 18  18  18  SER SER A . n 
A 1 19  ALA 19  19  19  ALA ALA A . n 
A 1 20  ALA 20  20  20  ALA ALA A . n 
A 1 21  SER 21  21  21  SER SER A . n 
A 1 22  SER 22  22  22  SER SER A . n 
A 1 23  SER 23  23  23  SER SER A . n 
A 1 24  ASN 24  24  24  ASN ASN A . n 
A 1 25  TYR 25  25  25  TYR TYR A . n 
A 1 26  CYS 26  26  26  CYS CYS A . n 
A 1 27  ASN 27  27  27  ASN ASN A . n 
A 1 28  GLN 28  28  28  GLN GLN A . n 
A 1 29  MET 29  29  29  MET MET A . n 
A 1 30  MET 30  30  30  MET MET A . n 
A 1 31  LYS 31  31  31  LYS LYS A . n 
A 1 32  SER 32  32  32  SER SER A . n 
A 1 33  ARG 33  33  33  ARG ARG A . n 
A 1 34  ASN 34  34  34  ASN ASN A . n 
A 1 35  LEU 35  35  35  LEU LEU A . n 
A 1 36  THR 36  36  36  THR THR A . n 
A 1 37  LYS 37  37  37  LYS LYS A . n 
A 1 38  ASP 38  38  38  ASP ASP A . n 
A 1 39  ARG 39  39  39  ARG ARG A . n 
A 1 40  CYS 40  40  40  CYS CYS A . n 
A 1 41  LYS 41  41  41  LYS LYS A . n 
A 1 42  PRO 42  42  42  PRO PRO A . n 
A 1 43  VAL 43  43  43  VAL VAL A . n 
A 1 44  ASN 44  44  44  ASN ASN A . n 
A 1 45  THR 45  45  45  THR THR A . n 
A 1 46  PHE 46  46  46  PHE PHE A . n 
A 1 47  VAL 47  47  47  VAL VAL A . n 
A 1 48  HIS 48  48  48  HIS HIS A . n 
A 1 49  GLU 49  49  49  GLU GLU A . n 
A 1 50  SER 50  50  50  SER SER A . n 
A 1 51  LEU 51  51  51  LEU LEU A . n 
A 1 52  ALA 52  52  52  ALA ALA A . n 
A 1 53  ASP 53  53  53  ASP ASP A . n 
A 1 54  VAL 54  54  54  VAL VAL A . n 
A 1 55  GLN 55  55  55  GLN GLN A . n 
A 1 56  ALA 56  56  56  ALA ALA A . n 
A 1 57  VAL 57  57  57  VAL VAL A . n 
A 1 58  CYS 58  58  58  CYS CYS A . n 
A 1 59  SER 59  59  59  SER SER A . n 
A 1 60  GLN 60  60  60  GLN GLN A . n 
A 1 61  LYS 61  61  61  LYS LYS A . n 
A 1 62  ASN 62  62  62  ASN ASN A . n 
A 1 63  VAL 63  63  63  VAL VAL A . n 
A 1 64  ALA 64  64  64  ALA ALA A . n 
A 1 65  CYS 65  65  65  CYS CYS A . n 
A 1 66  LYS 66  66  66  LYS LYS A . n 
A 1 67  ASN 67  67  67  ASN ASN A . n 
A 1 68  GLY 68  68  68  GLY GLY A . n 
A 1 69  GLN 69  69  69  GLN GLN A . n 
A 1 70  THR 70  70  70  THR THR A . n 
A 1 71  ASN 71  71  71  ASN ASN A . n 
A 1 72  CYS 72  72  72  CYS CYS A . n 
A 1 73  TYR 73  73  73  TYR TYR A . n 
A 1 74  GLN 74  74  74  GLN GLN A . n 
A 1 75  SER 75  75  75  SER SER A . n 
A 1 76  TYR 76  76  76  TYR TYR A . n 
A 1 77  SER 77  77  77  SER SER A . n 
A 1 78  THR 78  78  78  THR THR A . n 
A 1 79  MET 79  79  79  MET MET A . n 
A 1 80  SER 80  80  80  SER SER A . n 
A 1 81  ILE 81  81  81  ILE ILE A . n 
A 1 82  THR 82  82  82  THR THR A . n 
A 1 83  ASP 83  83  83  ASP ASP A . n 
A 1 84  CYS 84  84  84  CYS CYS A . n 
A 1 85  ARG 85  85  85  ARG ARG A . n 
A 1 86  GLU 86  86  86  GLU GLU A . n 
A 1 87  THR 87  87  87  THR THR A . n 
A 1 88  GLY 88  88  88  GLY GLY A . n 
A 1 89  SER 89  89  89  SER SER A . n 
A 1 90  SER 90  90  90  SER SER A . n 
A 1 91  LYS 91  91  91  LYS LYS A . n 
A 1 92  TYR 92  92  92  TYR TYR A . n 
A 1 93  PRO 93  93  93  PRO PRO A . n 
A 1 94  ASN 94  94  94  ASN ASN A . n 
A 1 95  CYS 95  95  95  CYS CYS A . n 
A 1 96  ALA 96  96  96  ALA ALA A . n 
A 1 97  TYR 97  97  97  TYR TYR A . n 
A 1 98  LYS 98  98  98  LYS LYS A . n 
A 1 99  THR 99  99  99  THR THR A . n 
A 1 100 THR 100 100 100 THR THR A . n 
A 1 101 GLN 101 101 101 GLN GLN A . n 
A 1 102 ALA 102 102 102 ALA ALA A . n 
A 1 103 ASN 103 103 103 ASN ASN A . n 
A 1 104 LYS 104 104 104 LYS LYS A . n 
A 1 105 HIS 105 105 105 HIS HIS A . n 
A 1 106 ILE 106 106 106 ILE ILE A . n 
A 1 107 ILE 107 107 107 ILE ILE A . n 
A 1 108 VAL 108 108 108 VAL VAL A . n 
A 1 109 ALA 109 109 109 ALA ALA A . n 
A 1 110 CYS 110 110 110 CYS CYS A . n 
A 1 111 GLU 111 111 111 GLU GLU A . n 
A 1 112 GLY 112 112 112 GLY GLY A . n 
A 1 113 ASN 113 113 113 ASN ASN A . n 
A 1 114 PRO 114 114 114 PRO PRO A . n 
A 1 115 TYR 115 115 115 TYR TYR A . n 
A 1 116 VAL 116 116 116 VAL VAL A . n 
A 1 117 PRO 117 117 117 PRO PRO A . n 
A 1 118 VAL 118 118 118 VAL VAL A . n 
A 1 119 HIS 119 119 119 HIS HIS A . n 
A 1 120 PHE 120 120 120 PHE PHE A . n 
A 1 121 ASP 121 121 121 ASP ASP A . n 
A 1 122 ALA 122 122 122 ALA ALA A . n 
A 1 123 SER 123 123 123 SER SER A . n 
A 1 124 VAL 124 124 124 VAL VAL A . n 
# 
loop_
_pdbx_nonpoly_scheme.asym_id 
_pdbx_nonpoly_scheme.entity_id 
_pdbx_nonpoly_scheme.mon_id 
_pdbx_nonpoly_scheme.ndb_seq_num 
_pdbx_nonpoly_scheme.pdb_seq_num 
_pdbx_nonpoly_scheme.auth_seq_num 
_pdbx_nonpoly_scheme.pdb_mon_id 
_pdbx_nonpoly_scheme.auth_mon_id 
_pdbx_nonpoly_scheme.pdb_strand_id 
_pdbx_nonpoly_scheme.pdb_ins_code 
B 2 SO4 1  201 201 SO4 SO4 A . 
C 2 SO4 1  202 202 SO4 SO4 A . 
D 3 RSG 1  204 204 RSG RSG A . 
E 3 RSG 1  205 205 RSG RSG A . 
F 3 RSG 1  206 206 RSG RSG A . 
G 3 RSG 1  212 212 RSG RSG A . 
H 3 RSG 1  213 213 RSG RSG A . 
I 3 RSG 1  214 214 RSG RSG A . 
J 3 RSG 1  215 215 RSG RSG A . 
K 3 RSG 1  211 211 RSG RSG A . 
L 3 RSG 1  216 216 RSG RSG A . 
M 4 HOH 1  301 301 HOH HOH A . 
M 4 HOH 2  302 302 HOH HOH A . 
M 4 HOH 3  303 303 HOH HOH A . 
M 4 HOH 4  304 304 HOH HOH A . 
M 4 HOH 5  305 305 HOH HOH A . 
M 4 HOH 6  306 306 HOH HOH A . 
M 4 HOH 7  307 307 HOH HOH A . 
M 4 HOH 8  308 308 HOH HOH A . 
M 4 HOH 9  309 309 HOH HOH A . 
M 4 HOH 10 310 310 HOH HOH A . 
M 4 HOH 11 311 311 HOH HOH A . 
M 4 HOH 12 312 312 HOH HOH A . 
M 4 HOH 13 313 313 HOH HOH A . 
M 4 HOH 14 314 314 HOH HOH A . 
M 4 HOH 15 315 315 HOH HOH A . 
M 4 HOH 16 316 316 HOH HOH A . 
M 4 HOH 17 317 317 HOH HOH A . 
M 4 HOH 18 318 318 HOH HOH A . 
M 4 HOH 19 319 319 HOH HOH A . 
M 4 HOH 20 320 320 HOH HOH A . 
M 4 HOH 21 321 321 HOH HOH A . 
M 4 HOH 22 322 322 HOH HOH A . 
M 4 HOH 23 323 323 HOH HOH A . 
M 4 HOH 24 324 324 HOH HOH A . 
M 4 HOH 25 325 325 HOH HOH A . 
M 4 HOH 26 326 326 HOH HOH A . 
M 4 HOH 27 327 327 HOH HOH A . 
M 4 HOH 28 328 328 HOH HOH A . 
M 4 HOH 29 329 329 HOH HOH A . 
M 4 HOH 30 330 330 HOH HOH A . 
M 4 HOH 31 331 331 HOH HOH A . 
M 4 HOH 32 332 332 HOH HOH A . 
M 4 HOH 33 333 333 HOH HOH A . 
M 4 HOH 34 334 334 HOH HOH A . 
M 4 HOH 35 335 335 HOH HOH A . 
M 4 HOH 36 336 336 HOH HOH A . 
M 4 HOH 37 337 337 HOH HOH A . 
M 4 HOH 38 338 338 HOH HOH A . 
M 4 HOH 39 339 339 HOH HOH A . 
M 4 HOH 40 341 341 HOH HOH A . 
M 4 HOH 41 342 342 HOH HOH A . 
M 4 HOH 42 343 343 HOH HOH A . 
M 4 HOH 43 344 344 HOH HOH A . 
M 4 HOH 44 345 345 HOH HOH A . 
M 4 HOH 45 346 346 HOH HOH A . 
M 4 HOH 46 347 347 HOH HOH A . 
M 4 HOH 47 348 348 HOH HOH A . 
M 4 HOH 48 349 349 HOH HOH A . 
M 4 HOH 49 350 350 HOH HOH A . 
M 4 HOH 50 351 351 HOH HOH A . 
M 4 HOH 51 352 352 HOH HOH A . 
M 4 HOH 52 353 353 HOH HOH A . 
M 4 HOH 53 357 357 HOH HOH A . 
M 4 HOH 54 358 358 HOH HOH A . 
M 4 HOH 55 361 361 HOH HOH A . 
M 4 HOH 56 363 363 HOH HOH A . 
M 4 HOH 57 364 364 HOH HOH A . 
M 4 HOH 58 366 366 HOH HOH A . 
M 4 HOH 59 367 367 HOH HOH A . 
M 4 HOH 60 370 370 HOH HOH A . 
M 4 HOH 61 371 371 HOH HOH A . 
M 4 HOH 62 375 375 HOH HOH A . 
M 4 HOH 63 377 377 HOH HOH A . 
M 4 HOH 64 379 379 HOH HOH A . 
M 4 HOH 65 381 381 HOH HOH A . 
M 4 HOH 66 385 385 HOH HOH A . 
M 4 HOH 67 391 391 HOH HOH A . 
M 4 HOH 68 392 392 HOH HOH A . 
M 4 HOH 69 393 393 HOH HOH A . 
M 4 HOH 70 394 394 HOH HOH A . 
M 4 HOH 71 405 405 HOH HOH A . 
M 4 HOH 72 407 407 HOH HOH A . 
M 4 HOH 73 409 409 HOH HOH A . 
M 4 HOH 74 411 411 HOH HOH A . 
M 4 HOH 75 415 415 HOH HOH A . 
M 4 HOH 76 416 416 HOH HOH A . 
M 4 HOH 77 429 429 HOH HOH A . 
M 4 HOH 78 431 431 HOH HOH A . 
M 4 HOH 79 438 438 HOH HOH A . 
M 4 HOH 80 466 466 HOH HOH A . 
M 4 HOH 81 467 467 HOH HOH A . 
M 4 HOH 82 468 468 HOH HOH A . 
M 4 HOH 83 469 469 HOH HOH A . 
M 4 HOH 84 470 470 HOH HOH A . 
# 
loop_
_software.pdbx_ordinal 
_software.name 
_software.version 
_software.date 
_software.type 
_software.contact_author 
_software.contact_author_email 
_software.classification 
_software.location 
_software.language 
_software.citation_id 
1 DENZO       .          ?                package 'Zbyszek Otwinowski' hkl@hkl-xray.com            'data reduction'  
http://www.hkl-xray.com/                    ?   ? 
2 SCALEPACK   .          ?                package 'Zbyszek Otwinowski' hkl@hkl-xray.com            'data scaling'    
http://www.hkl-xray.com/                    ?   ? 
3 PHASER      .          ?                program 'Randy J. Read'      cimr-phaser@lists.cam.ac.uk phasing           
http://www-structmed.cimr.cam.ac.uk/phaser/ ?   ? 
4 PHENIX      1.8.1_1168 ?                package 'Paul D. Adams'      PDAdams@lbl.gov             refinement        
http://www.phenix-online.org/               C++ ? 
5 PDB_EXTRACT 3.11       'April 22, 2011' package PDB                  deposit@deposit.rcsb.org    'data extraction' 
http://sw-tools.pdb.org/apps/PDB_EXTRACT/   C++ ? 
6 HKL-2000    .          ?                ?       ?                    ?                           'data collection' ? ?   ? 
7 HKL-2000    .          ?                ?       ?                    ?                           'data reduction'  ? ?   ? 
8 HKL-2000    .          ?                ?       ?                    ?                           'data scaling'    ? ?   ? 
# 
_cell.entry_id           4J69 
_cell.length_a           64.070 
_cell.length_b           64.070 
_cell.length_c           64.073 
_cell.angle_alpha        90.00 
_cell.angle_beta         90.00 
_cell.angle_gamma        120.00 
_cell.Z_PDB              6 
_cell.pdbx_unique_axis   ? 
# 
_symmetry.entry_id                         4J69 
_symmetry.space_group_name_H-M             'P 32 2 1' 
_symmetry.pdbx_full_space_group_name_H-M   ? 
_symmetry.cell_setting                     ? 
_symmetry.Int_Tables_number                154 
# 
_exptl.crystals_number   1 
_exptl.entry_id          4J69 
_exptl.method            'X-RAY DIFFRACTION' 
# 
_exptl_crystal.id                    1 
_exptl_crystal.density_Matthews      2.77 
_exptl_crystal.density_meas          ? 
_exptl_crystal.density_percent_sol   55.59 
_exptl_crystal.description           ? 
_exptl_crystal.F_000                 ? 
_exptl_crystal.preparation           ? 
# 
_exptl_crystal_grow.crystal_id      1 
_exptl_crystal_grow.method          'VAPOR DIFFUSION, HANGING DROP' 
_exptl_crystal_grow.pH              6.0 
_exptl_crystal_grow.temp            291 
_exptl_crystal_grow.pdbx_details    
;35% ammonium sulfate, 1.5 M sodium chloride, 35 mg/mL protein in 20 mM sodium phosphate buffer, pH 6.0, vapor diffusion, hanging drop, temperature 291K
;
_exptl_crystal_grow.temp_details    ? 
_exptl_crystal_grow.pdbx_pH_range   ? 
# 
_diffrn.id                     1 
_diffrn.ambient_temp           100 
_diffrn.ambient_temp_details   ? 
_diffrn.crystal_id             1 
# 
_diffrn_detector.diffrn_id              1 
_diffrn_detector.detector               'IMAGE PLATE' 
_diffrn_detector.type                   'MAR scanner 300 mm plate' 
_diffrn_detector.pdbx_collection_date   2004-12-15 
_diffrn_detector.details                mirror 
# 
_diffrn_radiation.diffrn_id                        1 
_diffrn_radiation.pdbx_diffrn_protocol             'SINGLE WAVELENGTH' 
_diffrn_radiation.monochromator                    'Double crystal - liquid nitrogen cooled' 
_diffrn_radiation.wavelength_id                    1 
_diffrn_radiation.pdbx_monochromatic_or_laue_m_l   M 
_diffrn_radiation.pdbx_scattering_type             x-ray 
# 
_diffrn_radiation_wavelength.id           1 
_diffrn_radiation_wavelength.wavelength   1.0 
_diffrn_radiation_wavelength.wt           1.0 
# 
_diffrn_source.diffrn_id                   1 
_diffrn_source.source                      SYNCHROTRON 
_diffrn_source.type                        'APS BEAMLINE 22-ID' 
_diffrn_source.pdbx_wavelength_list        1.0 
_diffrn_source.pdbx_wavelength             ? 
_diffrn_source.pdbx_synchrotron_site       APS 
_diffrn_source.pdbx_synchrotron_beamline   22-ID 
# 
_reflns.entry_id                     4J69 
_reflns.d_resolution_high            1.890 
_reflns.d_resolution_low             50.000 
_reflns.number_obs                   12507 
_reflns.pdbx_Rmerge_I_obs            0.090 
_reflns.pdbx_netI_over_sigmaI        7.800 
_reflns.pdbx_chi_squared             1.643 
_reflns.pdbx_redundancy              10.200 
_reflns.percent_possible_obs         100.000 
_reflns.observed_criterion_sigma_F   1.0 
_reflns.observed_criterion_sigma_I   1.0 
_reflns.number_all                   12507 
_reflns.pdbx_Rsym_value              ? 
_reflns.B_iso_Wilson_estimate        ? 
_reflns.R_free_details               ? 
_reflns.limit_h_max                  ? 
_reflns.limit_h_min                  ? 
_reflns.limit_k_max                  ? 
_reflns.limit_k_min                  ? 
_reflns.limit_l_max                  ? 
_reflns.limit_l_min                  ? 
_reflns.observed_criterion_F_max     ? 
_reflns.observed_criterion_F_min     ? 
_reflns.pdbx_scaling_rejects         ? 
_reflns.pdbx_ordinal                 1 
_reflns.pdbx_diffrn_id               1 
# 
loop_
_reflns_shell.d_res_high 
_reflns_shell.d_res_low 
_reflns_shell.number_measured_obs 
_reflns_shell.number_measured_all 
_reflns_shell.number_unique_obs 
_reflns_shell.Rmerge_I_obs 
_reflns_shell.meanI_over_sigI_obs 
_reflns_shell.pdbx_Rsym_value 
_reflns_shell.pdbx_chi_squared 
_reflns_shell.pdbx_redundancy 
_reflns_shell.percent_possible_obs 
_reflns_shell.number_unique_all 
_reflns_shell.percent_possible_all 
_reflns_shell.pdbx_ordinal 
_reflns_shell.pdbx_diffrn_id 
1.890 1.960  ? ? ? ?     ? ? 1.019 9.400  ? 1205 100.000 1  1 
1.960 2.040  ? ? ? 0.819 ? ? 1.050 9.900  ? 1238 100.000 2  1 
2.040 2.130  ? ? ? 0.540 ? ? 1.196 10.000 ? 1247 100.000 3  1 
2.130 2.240  ? ? ? 0.380 ? ? 1.272 10.200 ? 1210 100.000 4  1 
2.240 2.380  ? ? ? 0.296 ? ? 1.377 10.300 ? 1264 100.000 5  1 
2.380 2.570  ? ? ? 0.209 ? ? 1.271 10.500 ? 1232 100.000 6  1 
2.570 2.820  ? ? ? 0.144 ? ? 1.233 10.700 ? 1240 100.000 7  1 
2.820 3.230  ? ? ? 0.086 ? ? 1.338 10.800 ? 1256 100.000 8  1 
3.230 4.070  ? ? ? 0.055 ? ? 1.985 10.100 ? 1262 100.000 9  1 
4.070 50.000 ? ? ? 0.046 ? ? 4.475 9.900  ? 1353 100.000 10 1 
# 
_refine.entry_id                                 4J69 
_refine.ls_d_res_high                            1.8920 
_refine.ls_d_res_low                             41.9450 
_refine.pdbx_ls_sigma_F                          1.330 
_refine.pdbx_data_cutoff_high_absF               ? 
_refine.pdbx_data_cutoff_low_absF                ? 
_refine.ls_percent_reflns_obs                    99.7300 
_refine.ls_number_reflns_obs                     12472 
_refine.ls_number_reflns_all                     12505 
_refine.pdbx_ls_cross_valid_method               ? 
_refine.pdbx_R_Free_selection_details            RANDOM 
_refine.details                                  ? 
_refine.ls_R_factor_all                          0.1949 
_refine.ls_R_factor_obs                          0.1949 
_refine.ls_R_factor_R_work                       0.1915 
_refine.ls_wR_factor_R_work                      ? 
_refine.ls_R_factor_R_free                       0.2224 
_refine.ls_wR_factor_R_free                      ? 
_refine.ls_percent_reflns_R_free                 10.1600 
_refine.ls_number_reflns_R_free                  1267 
_refine.ls_R_factor_R_free_error                 ? 
_refine.B_iso_mean                               33.4012 
_refine.solvent_model_param_bsol                 ? 
_refine.solvent_model_param_ksol                 ? 
_refine.pdbx_isotropic_thermal_model             ? 
_refine.aniso_B[1][1]                            ? 
_refine.aniso_B[2][2]                            ? 
_refine.aniso_B[3][3]                            ? 
_refine.aniso_B[1][2]                            ? 
_refine.aniso_B[1][3]                            ? 
_refine.aniso_B[2][3]                            ? 
_refine.correlation_coeff_Fo_to_Fc               ? 
_refine.correlation_coeff_Fo_to_Fc_free          ? 
_refine.overall_SU_R_Cruickshank_DPI             ? 
_refine.overall_SU_R_free                        ? 
_refine.pdbx_overall_ESU_R                       ? 
_refine.pdbx_overall_ESU_R_Free                  ? 
_refine.overall_SU_ML                            0.2100 
_refine.overall_SU_B                             ? 
_refine.solvent_model_details                    'FLAT BULK SOLVENT MODEL' 
_refine.pdbx_solvent_vdw_probe_radii             1.1100 
_refine.pdbx_solvent_ion_probe_radii             ? 
_refine.pdbx_solvent_shrinkage_radii             0.9000 
_refine.ls_number_parameters                     ? 
_refine.ls_number_restraints                     ? 
_refine.pdbx_starting_model                      'PDB ENTRY 1RPH' 
_refine.pdbx_method_to_determine_struct          'MOLECULAR REPLACEMENT' 
_refine.pdbx_stereochemistry_target_values       ML 
_refine.pdbx_stereochem_target_val_spec_case     ? 
_refine.overall_FOM_work_R_set                   ? 
_refine.B_iso_max                                78.910 
_refine.B_iso_min                                17.110 
_refine.pdbx_overall_phase_error                 23.2500 
_refine.occupancy_max                            1.000 
_refine.occupancy_min                            1.000 
_refine.pdbx_ls_sigma_I                          ? 
_refine.ls_redundancy_reflns_obs                 ? 
_refine.ls_R_factor_R_free_error_details         ? 
_refine.pdbx_data_cutoff_high_rms_absF           ? 
_refine.overall_FOM_free_R_set                   ? 
_refine.pdbx_diffrn_id                           1 
_refine.pdbx_refine_id                           'X-RAY DIFFRACTION' 
_refine.pdbx_TLS_residual_ADP_flag               ? 
_refine.pdbx_overall_SU_R_free_Cruickshank_DPI   ? 
_refine.pdbx_overall_SU_R_Blow_DPI               ? 
_refine.pdbx_overall_SU_R_free_Blow_DPI          ? 
# 
_refine_hist.pdbx_refine_id                   'X-RAY DIFFRACTION' 
_refine_hist.cycle_id                         LAST 
_refine_hist.pdbx_number_atoms_protein        951 
_refine_hist.pdbx_number_atoms_nucleic_acid   0 
_refine_hist.pdbx_number_atoms_ligand         91 
_refine_hist.number_atoms_solvent             84 
_refine_hist.number_atoms_total               1126 
_refine_hist.d_res_high                       1.8920 
_refine_hist.d_res_low                        41.9450 
# 
loop_
_refine_ls_restr.type 
_refine_ls_restr.number 
_refine_ls_restr.dev_ideal 
_refine_ls_restr.dev_ideal_target 
_refine_ls_restr.weight 
_refine_ls_restr.pdbx_restraint_function 
_refine_ls_restr.pdbx_refine_id 
f_bond_d           1069 0.007  ? ? ? 'X-RAY DIFFRACTION' 
f_angle_d          1444 1.216  ? ? ? 'X-RAY DIFFRACTION' 
f_chiral_restr     172  0.076  ? ? ? 'X-RAY DIFFRACTION' 
f_plane_restr      172  0.005  ? ? ? 'X-RAY DIFFRACTION' 
f_dihedral_angle_d 385  14.285 ? ? ? 'X-RAY DIFFRACTION' 
# 
loop_
_refine_ls_shell.d_res_high 
_refine_ls_shell.d_res_low 
_refine_ls_shell.pdbx_total_number_of_bins_used 
_refine_ls_shell.percent_reflns_obs 
_refine_ls_shell.number_reflns_R_work 
_refine_ls_shell.R_factor_all 
_refine_ls_shell.R_factor_R_work 
_refine_ls_shell.R_factor_R_free 
_refine_ls_shell.percent_reflns_R_free 
_refine_ls_shell.number_reflns_R_free 
_refine_ls_shell.R_factor_R_free_error 
_refine_ls_shell.number_reflns_all 
_refine_ls_shell.number_reflns_obs 
_refine_ls_shell.redundancy_reflns_obs 
_refine_ls_shell.pdbx_refine_id 
1.8924 1.9682  9 99.0000  1218 . 0.2467 0.3016 . 137 . 1355 . . 'X-RAY DIFFRACTION' 
1.9682 2.0578  9 100.0000 1218 . 0.2427 0.2883 . 134 . 1352 . . 'X-RAY DIFFRACTION' 
2.0578 2.1662  9 100.0000 1213 . 0.2068 0.2636 . 137 . 1350 . . 'X-RAY DIFFRACTION' 
2.1662 2.3020  9 100.0000 1232 . 0.1925 0.2408 . 138 . 1370 . . 'X-RAY DIFFRACTION' 
2.3020 2.4797  9 100.0000 1244 . 0.1851 0.2403 . 141 . 1385 . . 'X-RAY DIFFRACTION' 
2.4797 2.7292  9 100.0000 1237 . 0.1889 0.2147 . 140 . 1377 . . 'X-RAY DIFFRACTION' 
2.7292 3.1240  9 100.0000 1270 . 0.1934 0.2582 . 145 . 1415 . . 'X-RAY DIFFRACTION' 
3.1240 3.9354  9 100.0000 1256 . 0.1620 0.2207 . 143 . 1399 . . 'X-RAY DIFFRACTION' 
3.9354 41.9548 9 100.0000 1317 . 0.1998 0.1820 . 152 . 1469 . . 'X-RAY DIFFRACTION' 
# 
_struct.entry_id                  4J69 
_struct.title                     'Crystal structure of Ribonuclease A soaked in 50% S,R,S-bisfuranol: One of twelve in MSCS set' 
_struct.pdbx_model_details        ? 
_struct.pdbx_CASP_flag            ? 
_struct.pdbx_model_type_details   ? 
# 
_struct_keywords.entry_id        4J69 
_struct_keywords.text            'Endoribonuclease, HYDROLASE' 
_struct_keywords.pdbx_keywords   HYDROLASE 
# 
loop_
_struct_asym.id 
_struct_asym.pdbx_blank_PDB_chainid_flag 
_struct_asym.pdbx_modified 
_struct_asym.entity_id 
_struct_asym.details 
A N N 1 ? 
B N N 2 ? 
C N N 2 ? 
D N N 3 ? 
E N N 3 ? 
F N N 3 ? 
G N N 3 ? 
H N N 3 ? 
I N N 3 ? 
J N N 3 ? 
K N N 3 ? 
L N N 3 ? 
M N N 4 ? 
# 
_struct_ref.id                         1 
_struct_ref.db_name                    UNP 
_struct_ref.db_code                    RNAS1_BOVIN 
_struct_ref.pdbx_db_accession          P61823 
_struct_ref.entity_id                  1 
_struct_ref.pdbx_seq_one_letter_code   
;KETAAAKFERQHMDSSTSAASSSNYCNQMMKSRNLTKDRCKPVNTFVHESLADVQAVCSQKNVACKNGQTNCYQSYSTMS
ITDCRETGSSKYPNCAYKTTQANKHIIVACEGNPYVPVHFDASV
;
_struct_ref.pdbx_align_begin           27 
_struct_ref.pdbx_db_isoform            ? 
# 
_struct_ref_seq.align_id                      1 
_struct_ref_seq.ref_id                        1 
_struct_ref_seq.pdbx_PDB_id_code              4J69 
_struct_ref_seq.pdbx_strand_id                A 
_struct_ref_seq.seq_align_beg                 1 
_struct_ref_seq.pdbx_seq_align_beg_ins_code   ? 
_struct_ref_seq.seq_align_end                 124 
_struct_ref_seq.pdbx_seq_align_end_ins_code   ? 
_struct_ref_seq.pdbx_db_accession             P61823 
_struct_ref_seq.db_align_beg                  27 
_struct_ref_seq.pdbx_db_align_beg_ins_code    ? 
_struct_ref_seq.db_align_end                  150 
_struct_ref_seq.pdbx_db_align_end_ins_code    ? 
_struct_ref_seq.pdbx_auth_seq_align_beg       1 
_struct_ref_seq.pdbx_auth_seq_align_end       124 
# 
_pdbx_struct_assembly.id                   1 
_pdbx_struct_assembly.details              author_and_software_defined_assembly 
_pdbx_struct_assembly.method_details       PISA 
_pdbx_struct_assembly.oligomeric_details   dimeric 
_pdbx_struct_assembly.oligomeric_count     2 
# 
loop_
_pdbx_struct_assembly_prop.biol_id 
_pdbx_struct_assembly_prop.type 
_pdbx_struct_assembly_prop.value 
_pdbx_struct_assembly_prop.details 
1 'ABSA (A^2)' 2590  ? 
1 MORE         -51   ? 
1 'SSA (A^2)'  12540 ? 
# 
_pdbx_struct_assembly_gen.assembly_id       1 
_pdbx_struct_assembly_gen.oper_expression   1,2 
_pdbx_struct_assembly_gen.asym_id_list      A,B,C,D,E,F,G,H,I,J,K,L,M 
# 
loop_
_pdbx_struct_oper_list.id 
_pdbx_struct_oper_list.type 
_pdbx_struct_oper_list.name 
_pdbx_struct_oper_list.symmetry_operation 
_pdbx_struct_oper_list.matrix[1][1] 
_pdbx_struct_oper_list.matrix[1][2] 
_pdbx_struct_oper_list.matrix[1][3] 
_pdbx_struct_oper_list.vector[1] 
_pdbx_struct_oper_list.matrix[2][1] 
_pdbx_struct_oper_list.matrix[2][2] 
_pdbx_struct_oper_list.matrix[2][3] 
_pdbx_struct_oper_list.vector[2] 
_pdbx_struct_oper_list.matrix[3][1] 
_pdbx_struct_oper_list.matrix[3][2] 
_pdbx_struct_oper_list.matrix[3][3] 
_pdbx_struct_oper_list.vector[3] 
1 'identity operation'         1_555 x,y,z  1.0000000000  0.0000000000 0.0000000000  0.0000000000  0.0000000000 1.0000000000  0.0000000000  0.0000000000 0.0000000000  0.0000000000  1.0000000000  0.0000000000  
2 'crystal symmetry operation' 4_555 y,x,-z -0.9346074431 0.2509560585 -0.2520515504 17.4503649844 0.2509560585 -0.0369096081 -0.9672945454 6.3095457971 -0.2520515504 -0.9672945454 -0.0284829488 10.8094662577 
# 
_struct_biol.id        1 
_struct_biol.details   ? 
# 
loop_
_struct_conf.conf_type_id 
_struct_conf.id 
_struct_conf.pdbx_PDB_helix_id 
_struct_conf.beg_label_comp_id 
_struct_conf.beg_label_asym_id 
_struct_conf.beg_label_seq_id 
_struct_conf.pdbx_beg_PDB_ins_code 
_struct_conf.end_label_comp_id 
_struct_conf.end_label_asym_id 
_struct_conf.end_label_seq_id 
_struct_conf.pdbx_end_PDB_ins_code 
_struct_conf.beg_auth_comp_id 
_struct_conf.beg_auth_asym_id 
_struct_conf.beg_auth_seq_id 
_struct_conf.end_auth_comp_id 
_struct_conf.end_auth_asym_id 
_struct_conf.end_auth_seq_id 
_struct_conf.pdbx_PDB_helix_class 
_struct_conf.details 
_struct_conf.pdbx_PDB_helix_length 
HELX_P HELX_P1 1 THR A 3  ? MET A 13 ? THR A 3  MET A 13 1 ? 11 
HELX_P HELX_P2 2 ASN A 24 ? ARG A 33 ? ASN A 24 ARG A 33 1 ? 10 
HELX_P HELX_P3 3 SER A 50 ? ALA A 56 ? SER A 50 ALA A 56 1 ? 7  
HELX_P HELX_P4 4 VAL A 57 ? GLN A 60 ? VAL A 57 GLN A 60 5 ? 4  
# 
_struct_conf_type.id          HELX_P 
_struct_conf_type.criteria    ? 
_struct_conf_type.reference   ? 
# 
loop_
_struct_conn.id 
_struct_conn.conn_type_id 
_struct_conn.pdbx_leaving_atom_flag 
_struct_conn.pdbx_PDB_id 
_struct_conn.ptnr1_label_asym_id 
_struct_conn.ptnr1_label_comp_id 
_struct_conn.ptnr1_label_seq_id 
_struct_conn.ptnr1_label_atom_id 
_struct_conn.pdbx_ptnr1_label_alt_id 
_struct_conn.pdbx_ptnr1_PDB_ins_code 
_struct_conn.pdbx_ptnr1_standard_comp_id 
_struct_conn.ptnr1_symmetry 
_struct_conn.ptnr2_label_asym_id 
_struct_conn.ptnr2_label_comp_id 
_struct_conn.ptnr2_label_seq_id 
_struct_conn.ptnr2_label_atom_id 
_struct_conn.pdbx_ptnr2_label_alt_id 
_struct_conn.pdbx_ptnr2_PDB_ins_code 
_struct_conn.ptnr1_auth_asym_id 
_struct_conn.ptnr1_auth_comp_id 
_struct_conn.ptnr1_auth_seq_id 
_struct_conn.ptnr2_auth_asym_id 
_struct_conn.ptnr2_auth_comp_id 
_struct_conn.ptnr2_auth_seq_id 
_struct_conn.ptnr2_symmetry 
_struct_conn.pdbx_ptnr3_label_atom_id 
_struct_conn.pdbx_ptnr3_label_seq_id 
_struct_conn.pdbx_ptnr3_label_comp_id 
_struct_conn.pdbx_ptnr3_label_asym_id 
_struct_conn.pdbx_ptnr3_label_alt_id 
_struct_conn.pdbx_ptnr3_PDB_ins_code 
_struct_conn.details 
_struct_conn.pdbx_dist_value 
_struct_conn.pdbx_value_order 
_struct_conn.pdbx_role 
disulf1 disulf ? ? A CYS 26 SG ? ? ? 1_555 A CYS 84  SG ? ? A CYS 26 A CYS 84  1_555 ? ? ? ? ? ? ? 2.039 ? ? 
disulf2 disulf ? ? A CYS 40 SG ? ? ? 1_555 A CYS 95  SG ? ? A CYS 40 A CYS 95  1_555 ? ? ? ? ? ? ? 2.037 ? ? 
disulf3 disulf ? ? A CYS 58 SG ? ? ? 1_555 A CYS 110 SG ? ? A CYS 58 A CYS 110 1_555 ? ? ? ? ? ? ? 2.037 ? ? 
disulf4 disulf ? ? A CYS 65 SG ? ? ? 1_555 A CYS 72  SG ? ? A CYS 65 A CYS 72  1_555 ? ? ? ? ? ? ? 2.033 ? ? 
# 
_struct_conn_type.id          disulf 
_struct_conn_type.criteria    ? 
_struct_conn_type.reference   ? 
# 
loop_
_pdbx_modification_feature.ordinal 
_pdbx_modification_feature.label_comp_id 
_pdbx_modification_feature.label_asym_id 
_pdbx_modification_feature.label_seq_id 
_pdbx_modification_feature.label_alt_id 
_pdbx_modification_feature.modified_residue_label_comp_id 
_pdbx_modification_feature.modified_residue_label_asym_id 
_pdbx_modification_feature.modified_residue_label_seq_id 
_pdbx_modification_feature.modified_residue_label_alt_id 
_pdbx_modification_feature.auth_comp_id 
_pdbx_modification_feature.auth_asym_id 
_pdbx_modification_feature.auth_seq_id 
_pdbx_modification_feature.PDB_ins_code 
_pdbx_modification_feature.symmetry 
_pdbx_modification_feature.modified_residue_auth_comp_id 
_pdbx_modification_feature.modified_residue_auth_asym_id 
_pdbx_modification_feature.modified_residue_auth_seq_id 
_pdbx_modification_feature.modified_residue_PDB_ins_code 
_pdbx_modification_feature.modified_residue_symmetry 
_pdbx_modification_feature.comp_id_linking_atom 
_pdbx_modification_feature.modified_residue_id_linking_atom 
_pdbx_modification_feature.modified_residue_id 
_pdbx_modification_feature.ref_pcm_id 
_pdbx_modification_feature.ref_comp_id 
_pdbx_modification_feature.type 
_pdbx_modification_feature.category 
1 CYS A 26 ? CYS A 84  ? CYS A 26 ? 1_555 CYS A 84  ? 1_555 SG SG . . . None 'Disulfide bridge' 
2 CYS A 40 ? CYS A 95  ? CYS A 40 ? 1_555 CYS A 95  ? 1_555 SG SG . . . None 'Disulfide bridge' 
3 CYS A 58 ? CYS A 110 ? CYS A 58 ? 1_555 CYS A 110 ? 1_555 SG SG . . . None 'Disulfide bridge' 
4 CYS A 65 ? CYS A 72  ? CYS A 65 ? 1_555 CYS A 72  ? 1_555 SG SG . . . None 'Disulfide bridge' 
# 
loop_
_struct_mon_prot_cis.pdbx_id 
_struct_mon_prot_cis.label_comp_id 
_struct_mon_prot_cis.label_seq_id 
_struct_mon_prot_cis.label_asym_id 
_struct_mon_prot_cis.label_alt_id 
_struct_mon_prot_cis.pdbx_PDB_ins_code 
_struct_mon_prot_cis.auth_comp_id 
_struct_mon_prot_cis.auth_seq_id 
_struct_mon_prot_cis.auth_asym_id 
_struct_mon_prot_cis.pdbx_label_comp_id_2 
_struct_mon_prot_cis.pdbx_label_seq_id_2 
_struct_mon_prot_cis.pdbx_label_asym_id_2 
_struct_mon_prot_cis.pdbx_PDB_ins_code_2 
_struct_mon_prot_cis.pdbx_auth_comp_id_2 
_struct_mon_prot_cis.pdbx_auth_seq_id_2 
_struct_mon_prot_cis.pdbx_auth_asym_id_2 
_struct_mon_prot_cis.pdbx_PDB_model_num 
_struct_mon_prot_cis.pdbx_omega_angle 
1 TYR 92  A . ? TYR 92  A PRO 93  A ? PRO 93  A 1 5.33 
2 ASN 113 A . ? ASN 113 A PRO 114 A ? PRO 114 A 1 2.74 
# 
loop_
_struct_sheet.id 
_struct_sheet.type 
_struct_sheet.number_strands 
_struct_sheet.details 
A ? 5 ? 
B ? 4 ? 
# 
loop_
_struct_sheet_order.sheet_id 
_struct_sheet_order.range_id_1 
_struct_sheet_order.range_id_2 
_struct_sheet_order.offset 
_struct_sheet_order.sense 
A 1 2 ? anti-parallel 
A 2 3 ? anti-parallel 
A 3 4 ? anti-parallel 
A 4 5 ? anti-parallel 
B 1 2 ? anti-parallel 
B 2 3 ? anti-parallel 
B 3 4 ? anti-parallel 
# 
loop_
_struct_sheet_range.sheet_id 
_struct_sheet_range.id 
_struct_sheet_range.beg_label_comp_id 
_struct_sheet_range.beg_label_asym_id 
_struct_sheet_range.beg_label_seq_id 
_struct_sheet_range.pdbx_beg_PDB_ins_code 
_struct_sheet_range.end_label_comp_id 
_struct_sheet_range.end_label_asym_id 
_struct_sheet_range.end_label_seq_id 
_struct_sheet_range.pdbx_end_PDB_ins_code 
_struct_sheet_range.beg_auth_comp_id 
_struct_sheet_range.beg_auth_asym_id 
_struct_sheet_range.beg_auth_seq_id 
_struct_sheet_range.end_auth_comp_id 
_struct_sheet_range.end_auth_asym_id 
_struct_sheet_range.end_auth_seq_id 
A 1 VAL A 43  ? VAL A 47  ? VAL A 43  VAL A 47  
A 2 MET A 79  ? GLU A 86  ? MET A 79  GLU A 86  
A 3 TYR A 97  ? GLU A 111 ? TYR A 97  GLU A 111 
A 4 CYS A 72  ? GLN A 74  ? CYS A 72  GLN A 74  
A 5 LYS A 61  ? VAL A 63  ? LYS A 61  VAL A 63  
B 1 VAL A 43  ? VAL A 47  ? VAL A 43  VAL A 47  
B 2 MET A 79  ? GLU A 86  ? MET A 79  GLU A 86  
B 3 TYR A 97  ? GLU A 111 ? TYR A 97  GLU A 111 
B 4 VAL A 116 ? VAL A 124 ? VAL A 116 VAL A 124 
# 
loop_
_pdbx_struct_sheet_hbond.sheet_id 
_pdbx_struct_sheet_hbond.range_id_1 
_pdbx_struct_sheet_hbond.range_id_2 
_pdbx_struct_sheet_hbond.range_1_label_atom_id 
_pdbx_struct_sheet_hbond.range_1_label_comp_id 
_pdbx_struct_sheet_hbond.range_1_label_asym_id 
_pdbx_struct_sheet_hbond.range_1_label_seq_id 
_pdbx_struct_sheet_hbond.range_1_PDB_ins_code 
_pdbx_struct_sheet_hbond.range_1_auth_atom_id 
_pdbx_struct_sheet_hbond.range_1_auth_comp_id 
_pdbx_struct_sheet_hbond.range_1_auth_asym_id 
_pdbx_struct_sheet_hbond.range_1_auth_seq_id 
_pdbx_struct_sheet_hbond.range_2_label_atom_id 
_pdbx_struct_sheet_hbond.range_2_label_comp_id 
_pdbx_struct_sheet_hbond.range_2_label_asym_id 
_pdbx_struct_sheet_hbond.range_2_label_seq_id 
_pdbx_struct_sheet_hbond.range_2_PDB_ins_code 
_pdbx_struct_sheet_hbond.range_2_auth_atom_id 
_pdbx_struct_sheet_hbond.range_2_auth_comp_id 
_pdbx_struct_sheet_hbond.range_2_auth_asym_id 
_pdbx_struct_sheet_hbond.range_2_auth_seq_id 
A 1 2 N ASN A 44  ? N ASN A 44  O CYS A 84  ? O CYS A 84  
A 2 3 N ARG A 85  ? N ARG A 85  O LYS A 98  ? O LYS A 98  
A 3 4 O VAL A 108 ? O VAL A 108 N TYR A 73  ? N TYR A 73  
A 4 5 O GLN A 74  ? O GLN A 74  N LYS A 61  ? N LYS A 61  
B 1 2 N ASN A 44  ? N ASN A 44  O CYS A 84  ? O CYS A 84  
B 2 3 N ARG A 85  ? N ARG A 85  O LYS A 98  ? O LYS A 98  
B 3 4 N ALA A 109 ? N ALA A 109 O VAL A 118 ? O VAL A 118 
# 
loop_
_struct_site.id 
_struct_site.pdbx_evidence_code 
_struct_site.pdbx_auth_asym_id 
_struct_site.pdbx_auth_comp_id 
_struct_site.pdbx_auth_seq_id 
_struct_site.pdbx_auth_ins_code 
_struct_site.pdbx_num_residues 
_struct_site.details 
AC1 Software A SO4 201 ? 6  'BINDING SITE FOR RESIDUE SO4 A 201' 
AC2 Software A SO4 202 ? 6  'BINDING SITE FOR RESIDUE SO4 A 202' 
AC3 Software A RSG 204 ? 2  'BINDING SITE FOR RESIDUE RSG A 204' 
AC4 Software A RSG 205 ? 7  'BINDING SITE FOR RESIDUE RSG A 205' 
AC5 Software A RSG 206 ? 2  'BINDING SITE FOR RESIDUE RSG A 206' 
AC6 Software A RSG 211 ? 5  'BINDING SITE FOR RESIDUE RSG A 211' 
AC7 Software A RSG 212 ? 4  'BINDING SITE FOR RESIDUE RSG A 212' 
AC8 Software A RSG 213 ? 7  'BINDING SITE FOR RESIDUE RSG A 213' 
AC9 Software A RSG 214 ? 11 'BINDING SITE FOR RESIDUE RSG A 214' 
BC1 Software A RSG 215 ? 3  'BINDING SITE FOR RESIDUE RSG A 215' 
BC2 Software A RSG 216 ? 3  'BINDING SITE FOR RESIDUE RSG A 216' 
# 
loop_
_struct_site_gen.id 
_struct_site_gen.site_id 
_struct_site_gen.pdbx_num_res 
_struct_site_gen.label_comp_id 
_struct_site_gen.label_asym_id 
_struct_site_gen.label_seq_id 
_struct_site_gen.pdbx_auth_ins_code 
_struct_site_gen.auth_comp_id 
_struct_site_gen.auth_asym_id 
_struct_site_gen.auth_seq_id 
_struct_site_gen.label_atom_id 
_struct_site_gen.label_alt_id 
_struct_site_gen.symmetry 
_struct_site_gen.details 
1  AC1 6  GLN A 11  ? GLN A 11  . ? 1_555 ? 
2  AC1 6  HIS A 12  ? HIS A 12  . ? 1_555 ? 
3  AC1 6  LYS A 41  ? LYS A 41  . ? 1_555 ? 
4  AC1 6  HIS A 119 ? HIS A 119 . ? 1_555 ? 
5  AC1 6  PHE A 120 ? PHE A 120 . ? 1_555 ? 
6  AC1 6  HOH M .   ? HOH A 304 . ? 1_555 ? 
7  AC2 6  THR A 3   ? THR A 3   . ? 6_444 ? 
8  AC2 6  ALA A 4   ? ALA A 4   . ? 6_444 ? 
9  AC2 6  SER A 23  ? SER A 23  . ? 1_555 ? 
10 AC2 6  RSG E .   ? RSG A 205 . ? 1_555 ? 
11 AC2 6  HOH M .   ? HOH A 341 . ? 6_444 ? 
12 AC2 6  HOH M .   ? HOH A 405 . ? 6_444 ? 
13 AC3 2  ASN A 24  ? ASN A 24  . ? 1_555 ? 
14 AC3 2  LYS A 31  ? LYS A 31  . ? 1_555 ? 
15 AC4 7  LYS A 1   ? LYS A 1   . ? 6_444 ? 
16 AC4 7  THR A 3   ? THR A 3   . ? 6_444 ? 
17 AC4 7  ALA A 20  ? ALA A 20  . ? 1_555 ? 
18 AC4 7  SER A 21  ? SER A 21  . ? 1_555 ? 
19 AC4 7  SER A 22  ? SER A 22  . ? 1_555 ? 
20 AC4 7  SER A 23  ? SER A 23  . ? 1_555 ? 
21 AC4 7  SO4 C .   ? SO4 A 202 . ? 1_555 ? 
22 AC5 2  RSG K .   ? RSG A 211 . ? 3_445 ? 
23 AC5 2  HOH M .   ? HOH A 315 . ? 1_555 ? 
24 AC6 5  SER A 21  ? SER A 21  . ? 1_555 ? 
25 AC6 5  GLN A 28  ? GLN A 28  . ? 1_555 ? 
26 AC6 5  ALA A 52  ? ALA A 52  . ? 2_454 ? 
27 AC6 5  ASP A 53  ? ASP A 53  . ? 2_454 ? 
28 AC6 5  RSG F .   ? RSG A 206 . ? 2_454 ? 
29 AC7 4  SER A 18  ? SER A 18  . ? 1_555 ? 
30 AC7 4  ALA A 19  ? ALA A 19  . ? 1_555 ? 
31 AC7 4  ASN A 103 ? ASN A 103 . ? 1_555 ? 
32 AC7 4  HOH M .   ? HOH A 394 . ? 1_555 ? 
33 AC8 7  SER A 15  ? SER A 15  . ? 1_555 ? 
34 AC8 7  THR A 17  ? THR A 17  . ? 1_555 ? 
35 AC8 7  SER A 18  ? SER A 18  . ? 1_555 ? 
36 AC8 7  HIS A 48  ? HIS A 48  . ? 1_555 ? 
37 AC8 7  GLU A 49  ? GLU A 49  . ? 1_555 ? 
38 AC8 7  SER A 50  ? SER A 50  . ? 1_555 ? 
39 AC8 7  HOH M .   ? HOH A 325 . ? 1_555 ? 
40 AC9 11 VAL A 43  ? VAL A 43  . ? 1_555 ? 
41 AC9 11 THR A 45  ? THR A 45  . ? 1_555 ? 
42 AC9 11 LYS A 66  ? LYS A 66  . ? 4_555 ? 
43 AC9 11 ASP A 83  ? ASP A 83  . ? 1_555 ? 
44 AC9 11 ARG A 85  ? ARG A 85  . ? 1_555 ? 
45 AC9 11 PHE A 120 ? PHE A 120 . ? 1_555 ? 
46 AC9 11 ASP A 121 ? ASP A 121 . ? 1_555 ? 
47 AC9 11 ALA A 122 ? ALA A 122 . ? 4_555 ? 
48 AC9 11 ALA A 122 ? ALA A 122 . ? 1_555 ? 
49 AC9 11 SER A 123 ? SER A 123 . ? 1_555 ? 
50 AC9 11 SER A 123 ? SER A 123 . ? 4_555 ? 
51 BC1 3  SER A 18  ? SER A 18  . ? 1_555 ? 
52 BC1 3  ALA A 19  ? ALA A 19  . ? 1_555 ? 
53 BC1 3  SER A 21  ? SER A 21  . ? 1_555 ? 
54 BC2 3  ASN A 62  ? ASN A 62  . ? 1_555 ? 
55 BC2 3  THR A 70  ? THR A 70  . ? 1_555 ? 
56 BC2 3  TYR A 73  ? TYR A 73  . ? 1_555 ? 
# 
_pdbx_entry_details.entry_id                   4J69 
_pdbx_entry_details.compound_details           ? 
_pdbx_entry_details.source_details             ? 
_pdbx_entry_details.nonpolymer_details         ? 
_pdbx_entry_details.sequence_details           ? 
_pdbx_entry_details.has_ligand_of_interest     ? 
_pdbx_entry_details.has_protein_modification   Y 
# 
_pdbx_validate_close_contact.id               1 
_pdbx_validate_close_contact.PDB_model_num    1 
_pdbx_validate_close_contact.auth_atom_id_1   NZ 
_pdbx_validate_close_contact.auth_asym_id_1   A 
_pdbx_validate_close_contact.auth_comp_id_1   LYS 
_pdbx_validate_close_contact.auth_seq_id_1    104 
_pdbx_validate_close_contact.PDB_ins_code_1   ? 
_pdbx_validate_close_contact.label_alt_id_1   ? 
_pdbx_validate_close_contact.auth_atom_id_2   OG 
_pdbx_validate_close_contact.auth_asym_id_2   A 
_pdbx_validate_close_contact.auth_comp_id_2   SER 
_pdbx_validate_close_contact.auth_seq_id_2    123 
_pdbx_validate_close_contact.PDB_ins_code_2   ? 
_pdbx_validate_close_contact.label_alt_id_2   ? 
_pdbx_validate_close_contact.dist             2.14 
# 
loop_
_pdbx_validate_torsion.id 
_pdbx_validate_torsion.PDB_model_num 
_pdbx_validate_torsion.auth_comp_id 
_pdbx_validate_torsion.auth_asym_id 
_pdbx_validate_torsion.auth_seq_id 
_pdbx_validate_torsion.PDB_ins_code 
_pdbx_validate_torsion.label_alt_id 
_pdbx_validate_torsion.phi 
_pdbx_validate_torsion.psi 
1 1 GLN A 60 ? ? -99.32  -135.05 
2 1 ASN A 94 ? ? -102.97 68.74   
# 
_phasing.method   MR 
# 
loop_
_chem_comp_atom.comp_id 
_chem_comp_atom.atom_id 
_chem_comp_atom.type_symbol 
_chem_comp_atom.pdbx_aromatic_flag 
_chem_comp_atom.pdbx_stereo_config 
_chem_comp_atom.pdbx_ordinal 
ALA N    N N N 1   
ALA CA   C N S 2   
ALA C    C N N 3   
ALA O    O N N 4   
ALA CB   C N N 5   
ALA OXT  O N N 6   
ALA H    H N N 7   
ALA H2   H N N 8   
ALA HA   H N N 9   
ALA HB1  H N N 10  
ALA HB2  H N N 11  
ALA HB3  H N N 12  
ALA HXT  H N N 13  
ARG N    N N N 14  
ARG CA   C N S 15  
ARG C    C N N 16  
ARG O    O N N 17  
ARG CB   C N N 18  
ARG CG   C N N 19  
ARG CD   C N N 20  
ARG NE   N N N 21  
ARG CZ   C N N 22  
ARG NH1  N N N 23  
ARG NH2  N N N 24  
ARG OXT  O N N 25  
ARG H    H N N 26  
ARG H2   H N N 27  
ARG HA   H N N 28  
ARG HB2  H N N 29  
ARG HB3  H N N 30  
ARG HG2  H N N 31  
ARG HG3  H N N 32  
ARG HD2  H N N 33  
ARG HD3  H N N 34  
ARG HE   H N N 35  
ARG HH11 H N N 36  
ARG HH12 H N N 37  
ARG HH21 H N N 38  
ARG HH22 H N N 39  
ARG HXT  H N N 40  
ASN N    N N N 41  
ASN CA   C N S 42  
ASN C    C N N 43  
ASN O    O N N 44  
ASN CB   C N N 45  
ASN CG   C N N 46  
ASN OD1  O N N 47  
ASN ND2  N N N 48  
ASN OXT  O N N 49  
ASN H    H N N 50  
ASN H2   H N N 51  
ASN HA   H N N 52  
ASN HB2  H N N 53  
ASN HB3  H N N 54  
ASN HD21 H N N 55  
ASN HD22 H N N 56  
ASN HXT  H N N 57  
ASP N    N N N 58  
ASP CA   C N S 59  
ASP C    C N N 60  
ASP O    O N N 61  
ASP CB   C N N 62  
ASP CG   C N N 63  
ASP OD1  O N N 64  
ASP OD2  O N N 65  
ASP OXT  O N N 66  
ASP H    H N N 67  
ASP H2   H N N 68  
ASP HA   H N N 69  
ASP HB2  H N N 70  
ASP HB3  H N N 71  
ASP HD2  H N N 72  
ASP HXT  H N N 73  
CYS N    N N N 74  
CYS CA   C N R 75  
CYS C    C N N 76  
CYS O    O N N 77  
CYS CB   C N N 78  
CYS SG   S N N 79  
CYS OXT  O N N 80  
CYS H    H N N 81  
CYS H2   H N N 82  
CYS HA   H N N 83  
CYS HB2  H N N 84  
CYS HB3  H N N 85  
CYS HG   H N N 86  
CYS HXT  H N N 87  
GLN N    N N N 88  
GLN CA   C N S 89  
GLN C    C N N 90  
GLN O    O N N 91  
GLN CB   C N N 92  
GLN CG   C N N 93  
GLN CD   C N N 94  
GLN OE1  O N N 95  
GLN NE2  N N N 96  
GLN OXT  O N N 97  
GLN H    H N N 98  
GLN H2   H N N 99  
GLN HA   H N N 100 
GLN HB2  H N N 101 
GLN HB3  H N N 102 
GLN HG2  H N N 103 
GLN HG3  H N N 104 
GLN HE21 H N N 105 
GLN HE22 H N N 106 
GLN HXT  H N N 107 
GLU N    N N N 108 
GLU CA   C N S 109 
GLU C    C N N 110 
GLU O    O N N 111 
GLU CB   C N N 112 
GLU CG   C N N 113 
GLU CD   C N N 114 
GLU OE1  O N N 115 
GLU OE2  O N N 116 
GLU OXT  O N N 117 
GLU H    H N N 118 
GLU H2   H N N 119 
GLU HA   H N N 120 
GLU HB2  H N N 121 
GLU HB3  H N N 122 
GLU HG2  H N N 123 
GLU HG3  H N N 124 
GLU HE2  H N N 125 
GLU HXT  H N N 126 
GLY N    N N N 127 
GLY CA   C N N 128 
GLY C    C N N 129 
GLY O    O N N 130 
GLY OXT  O N N 131 
GLY H    H N N 132 
GLY H2   H N N 133 
GLY HA2  H N N 134 
GLY HA3  H N N 135 
GLY HXT  H N N 136 
HIS N    N N N 137 
HIS CA   C N S 138 
HIS C    C N N 139 
HIS O    O N N 140 
HIS CB   C N N 141 
HIS CG   C Y N 142 
HIS ND1  N Y N 143 
HIS CD2  C Y N 144 
HIS CE1  C Y N 145 
HIS NE2  N Y N 146 
HIS OXT  O N N 147 
HIS H    H N N 148 
HIS H2   H N N 149 
HIS HA   H N N 150 
HIS HB2  H N N 151 
HIS HB3  H N N 152 
HIS HD1  H N N 153 
HIS HD2  H N N 154 
HIS HE1  H N N 155 
HIS HE2  H N N 156 
HIS HXT  H N N 157 
HOH O    O N N 158 
HOH H1   H N N 159 
HOH H2   H N N 160 
ILE N    N N N 161 
ILE CA   C N S 162 
ILE C    C N N 163 
ILE O    O N N 164 
ILE CB   C N S 165 
ILE CG1  C N N 166 
ILE CG2  C N N 167 
ILE CD1  C N N 168 
ILE OXT  O N N 169 
ILE H    H N N 170 
ILE H2   H N N 171 
ILE HA   H N N 172 
ILE HB   H N N 173 
ILE HG12 H N N 174 
ILE HG13 H N N 175 
ILE HG21 H N N 176 
ILE HG22 H N N 177 
ILE HG23 H N N 178 
ILE HD11 H N N 179 
ILE HD12 H N N 180 
ILE HD13 H N N 181 
ILE HXT  H N N 182 
LEU N    N N N 183 
LEU CA   C N S 184 
LEU C    C N N 185 
LEU O    O N N 186 
LEU CB   C N N 187 
LEU CG   C N N 188 
LEU CD1  C N N 189 
LEU CD2  C N N 190 
LEU OXT  O N N 191 
LEU H    H N N 192 
LEU H2   H N N 193 
LEU HA   H N N 194 
LEU HB2  H N N 195 
LEU HB3  H N N 196 
LEU HG   H N N 197 
LEU HD11 H N N 198 
LEU HD12 H N N 199 
LEU HD13 H N N 200 
LEU HD21 H N N 201 
LEU HD22 H N N 202 
LEU HD23 H N N 203 
LEU HXT  H N N 204 
LYS N    N N N 205 
LYS CA   C N S 206 
LYS C    C N N 207 
LYS O    O N N 208 
LYS CB   C N N 209 
LYS CG   C N N 210 
LYS CD   C N N 211 
LYS CE   C N N 212 
LYS NZ   N N N 213 
LYS OXT  O N N 214 
LYS H    H N N 215 
LYS H2   H N N 216 
LYS HA   H N N 217 
LYS HB2  H N N 218 
LYS HB3  H N N 219 
LYS HG2  H N N 220 
LYS HG3  H N N 221 
LYS HD2  H N N 222 
LYS HD3  H N N 223 
LYS HE2  H N N 224 
LYS HE3  H N N 225 
LYS HZ1  H N N 226 
LYS HZ2  H N N 227 
LYS HZ3  H N N 228 
LYS HXT  H N N 229 
MET N    N N N 230 
MET CA   C N S 231 
MET C    C N N 232 
MET O    O N N 233 
MET CB   C N N 234 
MET CG   C N N 235 
MET SD   S N N 236 
MET CE   C N N 237 
MET OXT  O N N 238 
MET H    H N N 239 
MET H2   H N N 240 
MET HA   H N N 241 
MET HB2  H N N 242 
MET HB3  H N N 243 
MET HG2  H N N 244 
MET HG3  H N N 245 
MET HE1  H N N 246 
MET HE2  H N N 247 
MET HE3  H N N 248 
MET HXT  H N N 249 
PHE N    N N N 250 
PHE CA   C N S 251 
PHE C    C N N 252 
PHE O    O N N 253 
PHE CB   C N N 254 
PHE CG   C Y N 255 
PHE CD1  C Y N 256 
PHE CD2  C Y N 257 
PHE CE1  C Y N 258 
PHE CE2  C Y N 259 
PHE CZ   C Y N 260 
PHE OXT  O N N 261 
PHE H    H N N 262 
PHE H2   H N N 263 
PHE HA   H N N 264 
PHE HB2  H N N 265 
PHE HB3  H N N 266 
PHE HD1  H N N 267 
PHE HD2  H N N 268 
PHE HE1  H N N 269 
PHE HE2  H N N 270 
PHE HZ   H N N 271 
PHE HXT  H N N 272 
PRO N    N N N 273 
PRO CA   C N S 274 
PRO C    C N N 275 
PRO O    O N N 276 
PRO CB   C N N 277 
PRO CG   C N N 278 
PRO CD   C N N 279 
PRO OXT  O N N 280 
PRO H    H N N 281 
PRO HA   H N N 282 
PRO HB2  H N N 283 
PRO HB3  H N N 284 
PRO HG2  H N N 285 
PRO HG3  H N N 286 
PRO HD2  H N N 287 
PRO HD3  H N N 288 
PRO HXT  H N N 289 
RSG C1   C N S 290 
RSG O1   O N N 291 
RSG C2   C N R 292 
RSG O2   O N N 293 
RSG C3   C N S 294 
RSG O3   O N N 295 
RSG C4   C N N 296 
RSG C5   C N N 297 
RSG C6   C N N 298 
RSG H1   H N N 299 
RSG H2   H N N 300 
RSG H3   H N N 301 
RSG HO3  H N N 302 
RSG H4   H N N 303 
RSG H4A  H N N 304 
RSG H5   H N N 305 
RSG H5A  H N N 306 
RSG H6   H N N 307 
RSG H6A  H N N 308 
SER N    N N N 309 
SER CA   C N S 310 
SER C    C N N 311 
SER O    O N N 312 
SER CB   C N N 313 
SER OG   O N N 314 
SER OXT  O N N 315 
SER H    H N N 316 
SER H2   H N N 317 
SER HA   H N N 318 
SER HB2  H N N 319 
SER HB3  H N N 320 
SER HG   H N N 321 
SER HXT  H N N 322 
SO4 S    S N N 323 
SO4 O1   O N N 324 
SO4 O2   O N N 325 
SO4 O3   O N N 326 
SO4 O4   O N N 327 
THR N    N N N 328 
THR CA   C N S 329 
THR C    C N N 330 
THR O    O N N 331 
THR CB   C N R 332 
THR OG1  O N N 333 
THR CG2  C N N 334 
THR OXT  O N N 335 
THR H    H N N 336 
THR H2   H N N 337 
THR HA   H N N 338 
THR HB   H N N 339 
THR HG1  H N N 340 
THR HG21 H N N 341 
THR HG22 H N N 342 
THR HG23 H N N 343 
THR HXT  H N N 344 
TYR N    N N N 345 
TYR CA   C N S 346 
TYR C    C N N 347 
TYR O    O N N 348 
TYR CB   C N N 349 
TYR CG   C Y N 350 
TYR CD1  C Y N 351 
TYR CD2  C Y N 352 
TYR CE1  C Y N 353 
TYR CE2  C Y N 354 
TYR CZ   C Y N 355 
TYR OH   O N N 356 
TYR OXT  O N N 357 
TYR H    H N N 358 
TYR H2   H N N 359 
TYR HA   H N N 360 
TYR HB2  H N N 361 
TYR HB3  H N N 362 
TYR HD1  H N N 363 
TYR HD2  H N N 364 
TYR HE1  H N N 365 
TYR HE2  H N N 366 
TYR HH   H N N 367 
TYR HXT  H N N 368 
VAL N    N N N 369 
VAL CA   C N S 370 
VAL C    C N N 371 
VAL O    O N N 372 
VAL CB   C N N 373 
VAL CG1  C N N 374 
VAL CG2  C N N 375 
VAL OXT  O N N 376 
VAL H    H N N 377 
VAL H2   H N N 378 
VAL HA   H N N 379 
VAL HB   H N N 380 
VAL HG11 H N N 381 
VAL HG12 H N N 382 
VAL HG13 H N N 383 
VAL HG21 H N N 384 
VAL HG22 H N N 385 
VAL HG23 H N N 386 
VAL HXT  H N N 387 
# 
loop_
_chem_comp_bond.comp_id 
_chem_comp_bond.atom_id_1 
_chem_comp_bond.atom_id_2 
_chem_comp_bond.value_order 
_chem_comp_bond.pdbx_aromatic_flag 
_chem_comp_bond.pdbx_stereo_config 
_chem_comp_bond.pdbx_ordinal 
ALA N   CA   sing N N 1   
ALA N   H    sing N N 2   
ALA N   H2   sing N N 3   
ALA CA  C    sing N N 4   
ALA CA  CB   sing N N 5   
ALA CA  HA   sing N N 6   
ALA C   O    doub N N 7   
ALA C   OXT  sing N N 8   
ALA CB  HB1  sing N N 9   
ALA CB  HB2  sing N N 10  
ALA CB  HB3  sing N N 11  
ALA OXT HXT  sing N N 12  
ARG N   CA   sing N N 13  
ARG N   H    sing N N 14  
ARG N   H2   sing N N 15  
ARG CA  C    sing N N 16  
ARG CA  CB   sing N N 17  
ARG CA  HA   sing N N 18  
ARG C   O    doub N N 19  
ARG C   OXT  sing N N 20  
ARG CB  CG   sing N N 21  
ARG CB  HB2  sing N N 22  
ARG CB  HB3  sing N N 23  
ARG CG  CD   sing N N 24  
ARG CG  HG2  sing N N 25  
ARG CG  HG3  sing N N 26  
ARG CD  NE   sing N N 27  
ARG CD  HD2  sing N N 28  
ARG CD  HD3  sing N N 29  
ARG NE  CZ   sing N N 30  
ARG NE  HE   sing N N 31  
ARG CZ  NH1  sing N N 32  
ARG CZ  NH2  doub N N 33  
ARG NH1 HH11 sing N N 34  
ARG NH1 HH12 sing N N 35  
ARG NH2 HH21 sing N N 36  
ARG NH2 HH22 sing N N 37  
ARG OXT HXT  sing N N 38  
ASN N   CA   sing N N 39  
ASN N   H    sing N N 40  
ASN N   H2   sing N N 41  
ASN CA  C    sing N N 42  
ASN CA  CB   sing N N 43  
ASN CA  HA   sing N N 44  
ASN C   O    doub N N 45  
ASN C   OXT  sing N N 46  
ASN CB  CG   sing N N 47  
ASN CB  HB2  sing N N 48  
ASN CB  HB3  sing N N 49  
ASN CG  OD1  doub N N 50  
ASN CG  ND2  sing N N 51  
ASN ND2 HD21 sing N N 52  
ASN ND2 HD22 sing N N 53  
ASN OXT HXT  sing N N 54  
ASP N   CA   sing N N 55  
ASP N   H    sing N N 56  
ASP N   H2   sing N N 57  
ASP CA  C    sing N N 58  
ASP CA  CB   sing N N 59  
ASP CA  HA   sing N N 60  
ASP C   O    doub N N 61  
ASP C   OXT  sing N N 62  
ASP CB  CG   sing N N 63  
ASP CB  HB2  sing N N 64  
ASP CB  HB3  sing N N 65  
ASP CG  OD1  doub N N 66  
ASP CG  OD2  sing N N 67  
ASP OD2 HD2  sing N N 68  
ASP OXT HXT  sing N N 69  
CYS N   CA   sing N N 70  
CYS N   H    sing N N 71  
CYS N   H2   sing N N 72  
CYS CA  C    sing N N 73  
CYS CA  CB   sing N N 74  
CYS CA  HA   sing N N 75  
CYS C   O    doub N N 76  
CYS C   OXT  sing N N 77  
CYS CB  SG   sing N N 78  
CYS CB  HB2  sing N N 79  
CYS CB  HB3  sing N N 80  
CYS SG  HG   sing N N 81  
CYS OXT HXT  sing N N 82  
GLN N   CA   sing N N 83  
GLN N   H    sing N N 84  
GLN N   H2   sing N N 85  
GLN CA  C    sing N N 86  
GLN CA  CB   sing N N 87  
GLN CA  HA   sing N N 88  
GLN C   O    doub N N 89  
GLN C   OXT  sing N N 90  
GLN CB  CG   sing N N 91  
GLN CB  HB2  sing N N 92  
GLN CB  HB3  sing N N 93  
GLN CG  CD   sing N N 94  
GLN CG  HG2  sing N N 95  
GLN CG  HG3  sing N N 96  
GLN CD  OE1  doub N N 97  
GLN CD  NE2  sing N N 98  
GLN NE2 HE21 sing N N 99  
GLN NE2 HE22 sing N N 100 
GLN OXT HXT  sing N N 101 
GLU N   CA   sing N N 102 
GLU N   H    sing N N 103 
GLU N   H2   sing N N 104 
GLU CA  C    sing N N 105 
GLU CA  CB   sing N N 106 
GLU CA  HA   sing N N 107 
GLU C   O    doub N N 108 
GLU C   OXT  sing N N 109 
GLU CB  CG   sing N N 110 
GLU CB  HB2  sing N N 111 
GLU CB  HB3  sing N N 112 
GLU CG  CD   sing N N 113 
GLU CG  HG2  sing N N 114 
GLU CG  HG3  sing N N 115 
GLU CD  OE1  doub N N 116 
GLU CD  OE2  sing N N 117 
GLU OE2 HE2  sing N N 118 
GLU OXT HXT  sing N N 119 
GLY N   CA   sing N N 120 
GLY N   H    sing N N 121 
GLY N   H2   sing N N 122 
GLY CA  C    sing N N 123 
GLY CA  HA2  sing N N 124 
GLY CA  HA3  sing N N 125 
GLY C   O    doub N N 126 
GLY C   OXT  sing N N 127 
GLY OXT HXT  sing N N 128 
HIS N   CA   sing N N 129 
HIS N   H    sing N N 130 
HIS N   H2   sing N N 131 
HIS CA  C    sing N N 132 
HIS CA  CB   sing N N 133 
HIS CA  HA   sing N N 134 
HIS C   O    doub N N 135 
HIS C   OXT  sing N N 136 
HIS CB  CG   sing N N 137 
HIS CB  HB2  sing N N 138 
HIS CB  HB3  sing N N 139 
HIS CG  ND1  sing Y N 140 
HIS CG  CD2  doub Y N 141 
HIS ND1 CE1  doub Y N 142 
HIS ND1 HD1  sing N N 143 
HIS CD2 NE2  sing Y N 144 
HIS CD2 HD2  sing N N 145 
HIS CE1 NE2  sing Y N 146 
HIS CE1 HE1  sing N N 147 
HIS NE2 HE2  sing N N 148 
HIS OXT HXT  sing N N 149 
HOH O   H1   sing N N 150 
HOH O   H2   sing N N 151 
ILE N   CA   sing N N 152 
ILE N   H    sing N N 153 
ILE N   H2   sing N N 154 
ILE CA  C    sing N N 155 
ILE CA  CB   sing N N 156 
ILE CA  HA   sing N N 157 
ILE C   O    doub N N 158 
ILE C   OXT  sing N N 159 
ILE CB  CG1  sing N N 160 
ILE CB  CG2  sing N N 161 
ILE CB  HB   sing N N 162 
ILE CG1 CD1  sing N N 163 
ILE CG1 HG12 sing N N 164 
ILE CG1 HG13 sing N N 165 
ILE CG2 HG21 sing N N 166 
ILE CG2 HG22 sing N N 167 
ILE CG2 HG23 sing N N 168 
ILE CD1 HD11 sing N N 169 
ILE CD1 HD12 sing N N 170 
ILE CD1 HD13 sing N N 171 
ILE OXT HXT  sing N N 172 
LEU N   CA   sing N N 173 
LEU N   H    sing N N 174 
LEU N   H2   sing N N 175 
LEU CA  C    sing N N 176 
LEU CA  CB   sing N N 177 
LEU CA  HA   sing N N 178 
LEU C   O    doub N N 179 
LEU C   OXT  sing N N 180 
LEU CB  CG   sing N N 181 
LEU CB  HB2  sing N N 182 
LEU CB  HB3  sing N N 183 
LEU CG  CD1  sing N N 184 
LEU CG  CD2  sing N N 185 
LEU CG  HG   sing N N 186 
LEU CD1 HD11 sing N N 187 
LEU CD1 HD12 sing N N 188 
LEU CD1 HD13 sing N N 189 
LEU CD2 HD21 sing N N 190 
LEU CD2 HD22 sing N N 191 
LEU CD2 HD23 sing N N 192 
LEU OXT HXT  sing N N 193 
LYS N   CA   sing N N 194 
LYS N   H    sing N N 195 
LYS N   H2   sing N N 196 
LYS CA  C    sing N N 197 
LYS CA  CB   sing N N 198 
LYS CA  HA   sing N N 199 
LYS C   O    doub N N 200 
LYS C   OXT  sing N N 201 
LYS CB  CG   sing N N 202 
LYS CB  HB2  sing N N 203 
LYS CB  HB3  sing N N 204 
LYS CG  CD   sing N N 205 
LYS CG  HG2  sing N N 206 
LYS CG  HG3  sing N N 207 
LYS CD  CE   sing N N 208 
LYS CD  HD2  sing N N 209 
LYS CD  HD3  sing N N 210 
LYS CE  NZ   sing N N 211 
LYS CE  HE2  sing N N 212 
LYS CE  HE3  sing N N 213 
LYS NZ  HZ1  sing N N 214 
LYS NZ  HZ2  sing N N 215 
LYS NZ  HZ3  sing N N 216 
LYS OXT HXT  sing N N 217 
MET N   CA   sing N N 218 
MET N   H    sing N N 219 
MET N   H2   sing N N 220 
MET CA  C    sing N N 221 
MET CA  CB   sing N N 222 
MET CA  HA   sing N N 223 
MET C   O    doub N N 224 
MET C   OXT  sing N N 225 
MET CB  CG   sing N N 226 
MET CB  HB2  sing N N 227 
MET CB  HB3  sing N N 228 
MET CG  SD   sing N N 229 
MET CG  HG2  sing N N 230 
MET CG  HG3  sing N N 231 
MET SD  CE   sing N N 232 
MET CE  HE1  sing N N 233 
MET CE  HE2  sing N N 234 
MET CE  HE3  sing N N 235 
MET OXT HXT  sing N N 236 
PHE N   CA   sing N N 237 
PHE N   H    sing N N 238 
PHE N   H2   sing N N 239 
PHE CA  C    sing N N 240 
PHE CA  CB   sing N N 241 
PHE CA  HA   sing N N 242 
PHE C   O    doub N N 243 
PHE C   OXT  sing N N 244 
PHE CB  CG   sing N N 245 
PHE CB  HB2  sing N N 246 
PHE CB  HB3  sing N N 247 
PHE CG  CD1  doub Y N 248 
PHE CG  CD2  sing Y N 249 
PHE CD1 CE1  sing Y N 250 
PHE CD1 HD1  sing N N 251 
PHE CD2 CE2  doub Y N 252 
PHE CD2 HD2  sing N N 253 
PHE CE1 CZ   doub Y N 254 
PHE CE1 HE1  sing N N 255 
PHE CE2 CZ   sing Y N 256 
PHE CE2 HE2  sing N N 257 
PHE CZ  HZ   sing N N 258 
PHE OXT HXT  sing N N 259 
PRO N   CA   sing N N 260 
PRO N   CD   sing N N 261 
PRO N   H    sing N N 262 
PRO CA  C    sing N N 263 
PRO CA  CB   sing N N 264 
PRO CA  HA   sing N N 265 
PRO C   O    doub N N 266 
PRO C   OXT  sing N N 267 
PRO CB  CG   sing N N 268 
PRO CB  HB2  sing N N 269 
PRO CB  HB3  sing N N 270 
PRO CG  CD   sing N N 271 
PRO CG  HG2  sing N N 272 
PRO CG  HG3  sing N N 273 
PRO CD  HD2  sing N N 274 
PRO CD  HD3  sing N N 275 
PRO OXT HXT  sing N N 276 
RSG C4  C1   sing N N 277 
RSG C1  O3   sing N N 278 
RSG C1  C2   sing N N 279 
RSG C1  H1   sing N N 280 
RSG C4  O1   sing N N 281 
RSG O1  C3   sing N N 282 
RSG C2  C3   sing N N 283 
RSG C2  C6   sing N N 284 
RSG C2  H2   sing N N 285 
RSG C3  O2   sing N N 286 
RSG O2  C5   sing N N 287 
RSG C3  H3   sing N N 288 
RSG O3  HO3  sing N N 289 
RSG C4  H4   sing N N 290 
RSG C4  H4A  sing N N 291 
RSG C6  C5   sing N N 292 
RSG C5  H5   sing N N 293 
RSG C5  H5A  sing N N 294 
RSG C6  H6   sing N N 295 
RSG C6  H6A  sing N N 296 
SER N   CA   sing N N 297 
SER N   H    sing N N 298 
SER N   H2   sing N N 299 
SER CA  C    sing N N 300 
SER CA  CB   sing N N 301 
SER CA  HA   sing N N 302 
SER C   O    doub N N 303 
SER C   OXT  sing N N 304 
SER CB  OG   sing N N 305 
SER CB  HB2  sing N N 306 
SER CB  HB3  sing N N 307 
SER OG  HG   sing N N 308 
SER OXT HXT  sing N N 309 
SO4 S   O1   doub N N 310 
SO4 S   O2   doub N N 311 
SO4 S   O3   sing N N 312 
SO4 S   O4   sing N N 313 
THR N   CA   sing N N 314 
THR N   H    sing N N 315 
THR N   H2   sing N N 316 
THR CA  C    sing N N 317 
THR CA  CB   sing N N 318 
THR CA  HA   sing N N 319 
THR C   O    doub N N 320 
THR C   OXT  sing N N 321 
THR CB  OG1  sing N N 322 
THR CB  CG2  sing N N 323 
THR CB  HB   sing N N 324 
THR OG1 HG1  sing N N 325 
THR CG2 HG21 sing N N 326 
THR CG2 HG22 sing N N 327 
THR CG2 HG23 sing N N 328 
THR OXT HXT  sing N N 329 
TYR N   CA   sing N N 330 
TYR N   H    sing N N 331 
TYR N   H2   sing N N 332 
TYR CA  C    sing N N 333 
TYR CA  CB   sing N N 334 
TYR CA  HA   sing N N 335 
TYR C   O    doub N N 336 
TYR C   OXT  sing N N 337 
TYR CB  CG   sing N N 338 
TYR CB  HB2  sing N N 339 
TYR CB  HB3  sing N N 340 
TYR CG  CD1  doub Y N 341 
TYR CG  CD2  sing Y N 342 
TYR CD1 CE1  sing Y N 343 
TYR CD1 HD1  sing N N 344 
TYR CD2 CE2  doub Y N 345 
TYR CD2 HD2  sing N N 346 
TYR CE1 CZ   doub Y N 347 
TYR CE1 HE1  sing N N 348 
TYR CE2 CZ   sing Y N 349 
TYR CE2 HE2  sing N N 350 
TYR CZ  OH   sing N N 351 
TYR OH  HH   sing N N 352 
TYR OXT HXT  sing N N 353 
VAL N   CA   sing N N 354 
VAL N   H    sing N N 355 
VAL N   H2   sing N N 356 
VAL CA  C    sing N N 357 
VAL CA  CB   sing N N 358 
VAL CA  HA   sing N N 359 
VAL C   O    doub N N 360 
VAL C   OXT  sing N N 361 
VAL CB  CG1  sing N N 362 
VAL CB  CG2  sing N N 363 
VAL CB  HB   sing N N 364 
VAL CG1 HG11 sing N N 365 
VAL CG1 HG12 sing N N 366 
VAL CG1 HG13 sing N N 367 
VAL CG2 HG21 sing N N 368 
VAL CG2 HG22 sing N N 369 
VAL CG2 HG23 sing N N 370 
VAL OXT HXT  sing N N 371 
# 
_pdbx_initial_refinement_model.id               1 
_pdbx_initial_refinement_model.entity_id_list   ? 
_pdbx_initial_refinement_model.type             'experimental model' 
_pdbx_initial_refinement_model.source_name      PDB 
_pdbx_initial_refinement_model.accession_code   1RPH 
_pdbx_initial_refinement_model.details          'PDB ENTRY 1RPH' 
# 
_atom_sites.entry_id                    4J69 
_atom_sites.fract_transf_matrix[1][1]   0.01168413 
_atom_sites.fract_transf_matrix[1][2]   0.00977537 
_atom_sites.fract_transf_matrix[1][3]   -0.00962969 
_atom_sites.fract_transf_matrix[2][1]   -0.00603933 
_atom_sites.fract_transf_matrix[2][2]   0.01188593 
_atom_sites.fract_transf_matrix[2][3]   -0.01212616 
_atom_sites.fract_transf_matrix[3][1]   -0.00022637 
_atom_sites.fract_transf_matrix[3][2]   0.01108799 
_atom_sites.fract_transf_matrix[3][3]   0.01098106 
_atom_sites.fract_transf_vector[1]      -0.487363 
_atom_sites.fract_transf_vector[2]      -0.325882 
_atom_sites.fract_transf_vector[3]      -0.092355 
# 
loop_
_atom_type.symbol 
C 
N 
O 
S 
# 
loop_
_atom_site.group_PDB 
_atom_site.id 
_atom_site.type_symbol 
_atom_site.label_atom_id 
_atom_site.label_alt_id 
_atom_site.label_comp_id 
_atom_site.label_asym_id 
_atom_site.label_entity_id 
_atom_site.label_seq_id 
_atom_site.pdbx_PDB_ins_code 
_atom_site.Cartn_x 
_atom_site.Cartn_y 
_atom_site.Cartn_z 
_atom_site.occupancy 
_atom_site.B_iso_or_equiv 
_atom_site.pdbx_formal_charge 
_atom_site.auth_seq_id 
_atom_site.auth_comp_id 
_atom_site.auth_asym_id 
_atom_site.auth_atom_id 
_atom_site.pdbx_PDB_model_num 
ATOM   1    N N   . LYS A 1 1   ? -8.325  8.433   -16.915 1.00 43.42 ? 1   LYS A N   1 
ATOM   2    C CA  . LYS A 1 1   ? -7.401  8.323   -15.796 1.00 39.62 ? 1   LYS A CA  1 
ATOM   3    C C   . LYS A 1 1   ? -8.153  7.863   -14.544 1.00 36.49 ? 1   LYS A C   1 
ATOM   4    O O   . LYS A 1 1   ? -9.379  7.973   -14.483 1.00 39.97 ? 1   LYS A O   1 
ATOM   5    C CB  . LYS A 1 1   ? -6.730  9.671   -15.557 1.00 42.92 ? 1   LYS A CB  1 
ATOM   6    C CG  . LYS A 1 1   ? -5.553  9.630   -14.604 1.00 46.48 ? 1   LYS A CG  1 
ATOM   7    C CD  . LYS A 1 1   ? -4.731  10.903  -14.714 1.00 50.46 ? 1   LYS A CD  1 
ATOM   8    C CE  . LYS A 1 1   ? -3.448  10.802  -13.901 1.00 60.57 ? 1   LYS A CE  1 
ATOM   9    N NZ  . LYS A 1 1   ? -2.495  11.901  -14.248 1.00 67.17 ? 1   LYS A NZ  1 
ATOM   10   N N   . GLU A 1 2   ? -7.427  7.326   -13.564 1.00 33.10 ? 2   GLU A N   1 
ATOM   11   C CA  . GLU A 1 2   ? -8.024  6.919   -12.295 1.00 33.12 ? 2   GLU A CA  1 
ATOM   12   C C   . GLU A 1 2   ? -8.123  8.124   -11.397 1.00 25.99 ? 2   GLU A C   1 
ATOM   13   O O   . GLU A 1 2   ? -7.291  9.021   -11.485 1.00 30.31 ? 2   GLU A O   1 
ATOM   14   C CB  . GLU A 1 2   ? -7.108  5.942   -11.569 1.00 33.21 ? 2   GLU A CB  1 
ATOM   15   C CG  . GLU A 1 2   ? -7.140  4.528   -12.034 1.00 35.11 ? 2   GLU A CG  1 
ATOM   16   C CD  . GLU A 1 2   ? -6.110  3.694   -11.297 1.00 32.95 ? 2   GLU A CD  1 
ATOM   17   O OE1 . GLU A 1 2   ? -4.924  4.089   -11.288 1.00 30.24 ? 2   GLU A OE1 1 
ATOM   18   O OE2 . GLU A 1 2   ? -6.491  2.656   -10.727 1.00 31.72 ? 2   GLU A OE2 1 
ATOM   19   N N   . THR A 1 3   ? -9.111  8.137   -10.508 1.00 25.63 ? 3   THR A N   1 
ATOM   20   C CA  . THR A 1 3   ? -9.123  9.113   -9.429  1.00 27.88 ? 3   THR A CA  1 
ATOM   21   C C   . THR A 1 3   ? -7.991  8.749   -8.481  1.00 25.61 ? 3   THR A C   1 
ATOM   22   O O   . THR A 1 3   ? -7.521  7.609   -8.490  1.00 23.44 ? 3   THR A O   1 
ATOM   23   C CB  . THR A 1 3   ? -10.449 9.115   -8.665  1.00 24.20 ? 3   THR A CB  1 
ATOM   24   O OG1 . THR A 1 3   ? -10.645 7.841   -8.036  1.00 25.15 ? 3   THR A OG1 1 
ATOM   25   C CG2 . THR A 1 3   ? -11.614 9.390   -9.627  1.00 24.85 ? 3   THR A CG2 1 
ATOM   26   N N   . ALA A 1 4   ? -7.532  9.707   -7.678  1.00 24.74 ? 4   ALA A N   1 
ATOM   27   C CA  . ALA A 1 4   ? -6.471  9.416   -6.714  1.00 23.91 ? 4   ALA A CA  1 
ATOM   28   C C   . ALA A 1 4   ? -6.906  8.304   -5.740  1.00 23.51 ? 4   ALA A C   1 
ATOM   29   O O   . ALA A 1 4   ? -6.117  7.436   -5.376  1.00 23.81 ? 4   ALA A O   1 
ATOM   30   C CB  . ALA A 1 4   ? -6.096  10.675  -5.954  1.00 28.79 ? 4   ALA A CB  1 
ATOM   31   N N   . ALA A 1 5   ? -8.157  8.350   -5.301  1.00 20.01 ? 5   ALA A N   1 
ATOM   32   C CA  . ALA A 1 5   ? -8.646  7.388   -4.308  1.00 20.53 ? 5   ALA A CA  1 
ATOM   33   C C   . ALA A 1 5   ? -8.671  5.987   -4.897  1.00 21.34 ? 5   ALA A C   1 
ATOM   34   O O   . ALA A 1 5   ? -8.299  5.009   -4.239  1.00 19.70 ? 5   ALA A O   1 
ATOM   35   C CB  . ALA A 1 5   ? -10.042 7.788   -3.842  1.00 24.85 ? 5   ALA A CB  1 
ATOM   36   N N   . ALA A 1 6   ? -9.139  5.876   -6.135  1.00 19.32 ? 6   ALA A N   1 
ATOM   37   C CA  . ALA A 1 6   ? -9.234  4.560   -6.793  1.00 18.78 ? 6   ALA A CA  1 
ATOM   38   C C   . ALA A 1 6   ? -7.851  3.982   -7.047  1.00 23.83 ? 6   ALA A C   1 
ATOM   39   O O   . ALA A 1 6   ? -7.646  2.757   -7.015  1.00 22.56 ? 6   ALA A O   1 
ATOM   40   C CB  . ALA A 1 6   ? -9.986  4.679   -8.102  1.00 22.44 ? 6   ALA A CB  1 
ATOM   41   N N   . LYS A 1 7   ? -6.898  4.859   -7.351  1.00 22.25 ? 7   LYS A N   1 
ATOM   42   C CA  . LYS A 1 7   ? -5.528  4.408   -7.548  1.00 22.22 ? 7   LYS A CA  1 
ATOM   43   C C   . LYS A 1 7   ? -4.928  3.871   -6.244  1.00 21.17 ? 7   LYS A C   1 
ATOM   44   O O   . LYS A 1 7   ? -4.210  2.870   -6.258  1.00 19.12 ? 7   LYS A O   1 
ATOM   45   C CB  . LYS A 1 7   ? -4.675  5.539   -8.112  1.00 24.94 ? 7   LYS A CB  1 
ATOM   46   C CG  . LYS A 1 7   ? -3.205  5.207   -8.168  1.00 24.75 ? 7   LYS A CG  1 
ATOM   47   C CD  . LYS A 1 7   ? -2.434  6.211   -9.027  1.00 31.97 ? 7   LYS A CD  1 
ATOM   48   C CE  . LYS A 1 7   ? -1.009  5.728   -9.275  1.00 38.01 ? 7   LYS A CE  1 
ATOM   49   N NZ  . LYS A 1 7   ? -0.169  6.780   -9.915  1.00 47.85 ? 7   LYS A NZ  1 
ATOM   50   N N   . PHE A 1 8   ? -5.218  4.534   -5.121  1.00 20.74 ? 8   PHE A N   1 
ATOM   51   C CA  . PHE A 1 8   ? -4.778  4.052   -3.817  1.00 19.93 ? 8   PHE A CA  1 
ATOM   52   C C   . PHE A 1 8   ? -5.358  2.667   -3.565  1.00 19.84 ? 8   PHE A C   1 
ATOM   53   O O   . PHE A 1 8   ? -4.644  1.749   -3.128  1.00 21.81 ? 8   PHE A O   1 
ATOM   54   C CB  . PHE A 1 8   ? -5.181  5.027   -2.689  1.00 20.33 ? 8   PHE A CB  1 
ATOM   55   C CG  . PHE A 1 8   ? -4.797  4.540   -1.324  1.00 17.82 ? 8   PHE A CG  1 
ATOM   56   C CD1 . PHE A 1 8   ? -5.625  3.664   -0.620  1.00 20.91 ? 8   PHE A CD1 1 
ATOM   57   C CD2 . PHE A 1 8   ? -3.589  4.920   -0.758  1.00 22.49 ? 8   PHE A CD2 1 
ATOM   58   C CE1 . PHE A 1 8   ? -5.253  3.184   0.630   1.00 20.27 ? 8   PHE A CE1 1 
ATOM   59   C CE2 . PHE A 1 8   ? -3.218  4.458   0.484   1.00 20.48 ? 8   PHE A CE2 1 
ATOM   60   C CZ  . PHE A 1 8   ? -4.044  3.580   1.174   1.00 19.92 ? 8   PHE A CZ  1 
ATOM   61   N N   . GLU A 1 9   ? -6.651  2.503   -3.825  1.00 17.11 ? 9   GLU A N   1 
ATOM   62   C CA  . GLU A 1 9   ? -7.289  1.204   -3.623  1.00 20.19 ? 9   GLU A CA  1 
ATOM   63   C C   . GLU A 1 9   ? -6.599  0.135   -4.475  1.00 22.81 ? 9   GLU A C   1 
ATOM   64   O O   . GLU A 1 9   ? -6.247  -0.943  -3.987  1.00 22.12 ? 9   GLU A O   1 
ATOM   65   C CB  . GLU A 1 9   ? -8.782  1.297   -3.958  1.00 19.53 ? 9   GLU A CB  1 
ATOM   66   C CG  . GLU A 1 9   ? -9.542  2.182   -2.949  1.00 20.15 ? 9   GLU A CG  1 
ATOM   67   C CD  . GLU A 1 9   ? -10.944 2.568   -3.416  1.00 24.32 ? 9   GLU A CD  1 
ATOM   68   O OE1 . GLU A 1 9   ? -11.287 2.288   -4.586  1.00 23.23 ? 9   GLU A OE1 1 
ATOM   69   O OE2 . GLU A 1 9   ? -11.688 3.158   -2.613  1.00 27.64 ? 9   GLU A OE2 1 
ATOM   70   N N   . ARG A 1 10  ? -6.369  0.444   -5.744  1.00 21.26 ? 10  ARG A N   1 
ATOM   71   C CA  . ARG A 1 10  ? -5.736  -0.520  -6.649  1.00 19.36 ? 10  ARG A CA  1 
ATOM   72   C C   . ARG A 1 10  ? -4.325  -0.905  -6.184  1.00 22.68 ? 10  ARG A C   1 
ATOM   73   O O   . ARG A 1 10  ? -3.959  -2.084  -6.182  1.00 20.92 ? 10  ARG A O   1 
ATOM   74   C CB  . ARG A 1 10  ? -5.681  0.053   -8.066  1.00 20.68 ? 10  ARG A CB  1 
ATOM   75   C CG  . ARG A 1 10  ? -5.034  -0.917  -9.073  1.00 22.22 ? 10  ARG A CG  1 
ATOM   76   C CD  . ARG A 1 10  ? -5.071  -0.391  -10.527 1.00 22.49 ? 10  ARG A CD  1 
ATOM   77   N NE  . ARG A 1 10  ? -4.467  0.935   -10.671 1.00 23.99 ? 10  ARG A NE  1 
ATOM   78   C CZ  . ARG A 1 10  ? -3.174  1.156   -10.898 1.00 27.66 ? 10  ARG A CZ  1 
ATOM   79   N NH1 . ARG A 1 10  ? -2.321  0.145   -10.979 1.00 25.31 ? 10  ARG A NH1 1 
ATOM   80   N NH2 . ARG A 1 10  ? -2.721  2.394   -11.009 1.00 30.27 ? 10  ARG A NH2 1 
ATOM   81   N N   . GLN A 1 11  ? -3.531  0.082   -5.776  1.00 20.35 ? 11  GLN A N   1 
ATOM   82   C CA  . GLN A 1 11  ? -2.154  -0.207  -5.395  1.00 20.69 ? 11  GLN A CA  1 
ATOM   83   C C   . GLN A 1 11  ? -2.004  -0.839  -4.023  1.00 23.18 ? 11  GLN A C   1 
ATOM   84   O O   . GLN A 1 11  ? -1.066  -1.611  -3.814  1.00 24.46 ? 11  GLN A O   1 
ATOM   85   C CB  . GLN A 1 11  ? -1.327  1.073   -5.422  1.00 25.35 ? 11  GLN A CB  1 
ATOM   86   C CG  . GLN A 1 11  ? -1.183  1.664   -6.795  1.00 24.15 ? 11  GLN A CG  1 
ATOM   87   C CD  . GLN A 1 11  ? -0.151  2.767   -6.838  1.00 29.74 ? 11  GLN A CD  1 
ATOM   88   O OE1 . GLN A 1 11  ? 0.837   2.665   -7.543  1.00 32.53 ? 11  GLN A OE1 1 
ATOM   89   N NE2 . GLN A 1 11  ? -0.378  3.823   -6.078  1.00 31.36 ? 11  GLN A NE2 1 
ATOM   90   N N   . HIS A 1 12  ? -2.905  -0.514  -3.087  1.00 20.53 ? 12  HIS A N   1 
ATOM   91   C CA  . HIS A 1 12  ? -2.630  -0.752  -1.673  1.00 19.55 ? 12  HIS A CA  1 
ATOM   92   C C   . HIS A 1 12  ? -3.630  -1.592  -0.881  1.00 22.14 ? 12  HIS A C   1 
ATOM   93   O O   . HIS A 1 12  ? -3.302  -2.046  0.227   1.00 22.87 ? 12  HIS A O   1 
ATOM   94   C CB  . HIS A 1 12  ? -2.419  0.600   -0.960  1.00 20.93 ? 12  HIS A CB  1 
ATOM   95   C CG  . HIS A 1 12  ? -1.312  1.413   -1.540  1.00 21.77 ? 12  HIS A CG  1 
ATOM   96   N ND1 . HIS A 1 12  ? 0.008   0.975   -1.558  1.00 20.99 ? 12  HIS A ND1 1 
ATOM   97   C CD2 . HIS A 1 12  ? -1.306  2.617   -2.153  1.00 20.93 ? 12  HIS A CD2 1 
ATOM   98   C CE1 . HIS A 1 12  ? 0.755   1.882   -2.134  1.00 23.08 ? 12  HIS A CE1 1 
ATOM   99   N NE2 . HIS A 1 12  ? -0.004  2.900   -2.504  1.00 25.15 ? 12  HIS A NE2 1 
ATOM   100  N N   . MET A 1 13  ? -4.833  -1.820  -1.419  1.00 18.19 ? 13  MET A N   1 
ATOM   101  C CA  . MET A 1 13  ? -5.840  -2.573  -0.659  1.00 20.24 ? 13  MET A CA  1 
ATOM   102  C C   . MET A 1 13  ? -5.894  -4.061  -1.019  1.00 23.27 ? 13  MET A C   1 
ATOM   103  O O   . MET A 1 13  ? -6.053  -4.406  -2.192  1.00 22.27 ? 13  MET A O   1 
ATOM   104  C CB  . MET A 1 13  ? -7.238  -1.973  -0.853  1.00 21.03 ? 13  MET A CB  1 
ATOM   105  C CG  . MET A 1 13  ? -7.430  -0.591  -0.225  1.00 19.35 ? 13  MET A CG  1 
ATOM   106  S SD  . MET A 1 13  ? -7.134  -0.627  1.557   1.00 20.48 ? 13  MET A SD  1 
ATOM   107  C CE  . MET A 1 13  ? -8.186  -1.986  2.045   1.00 18.83 ? 13  MET A CE  1 
ATOM   108  N N   . ASP A 1 14  ? -5.751  -4.942  -0.023  1.00 20.85 ? 14  ASP A N   1 
ATOM   109  C CA  . ASP A 1 14  ? -6.068  -6.352  -0.227  1.00 22.86 ? 14  ASP A CA  1 
ATOM   110  C C   . ASP A 1 14  ? -6.903  -6.872  0.932   1.00 24.48 ? 14  ASP A C   1 
ATOM   111  O O   . ASP A 1 14  ? -6.377  -7.516  1.826   1.00 25.37 ? 14  ASP A O   1 
ATOM   112  C CB  . ASP A 1 14  ? -4.811  -7.208  -0.357  1.00 27.85 ? 14  ASP A CB  1 
ATOM   113  C CG  . ASP A 1 14  ? -5.136  -8.644  -0.769  1.00 32.95 ? 14  ASP A CG  1 
ATOM   114  O OD1 . ASP A 1 14  ? -6.310  -8.898  -1.118  1.00 29.93 ? 14  ASP A OD1 1 
ATOM   115  O OD2 . ASP A 1 14  ? -4.234  -9.508  -0.747  1.00 27.71 ? 14  ASP A OD2 1 
ATOM   116  N N   . SER A 1 15  ? -8.204  -6.609  0.905   1.00 22.78 ? 15  SER A N   1 
ATOM   117  C CA  . SER A 1 15  ? -9.090  -7.032  1.979   1.00 27.35 ? 15  SER A CA  1 
ATOM   118  C C   . SER A 1 15  ? -9.533  -8.479  1.842   1.00 34.58 ? 15  SER A C   1 
ATOM   119  O O   . SER A 1 15  ? -10.339 -8.953  2.643   1.00 33.12 ? 15  SER A O   1 
ATOM   120  C CB  . SER A 1 15  ? -10.325 -6.139  2.009   1.00 27.07 ? 15  SER A CB  1 
ATOM   121  O OG  . SER A 1 15  ? -9.939  -4.780  1.964   1.00 27.01 ? 15  SER A OG  1 
ATOM   122  N N   . SER A 1 16  ? -9.016  -9.169  0.828   1.00 26.10 ? 16  SER A N   1 
ATOM   123  C CA  . SER A 1 16  ? -9.443  -10.527 0.541   1.00 31.25 ? 16  SER A CA  1 
ATOM   124  C C   . SER A 1 16  ? -8.663  -11.583 1.329   1.00 32.87 ? 16  SER A C   1 
ATOM   125  O O   . SER A 1 16  ? -9.079  -12.744 1.396   1.00 33.13 ? 16  SER A O   1 
ATOM   126  C CB  . SER A 1 16  ? -9.303  -10.810 -0.956  1.00 32.50 ? 16  SER A CB  1 
ATOM   127  O OG  . SER A 1 16  ? -7.927  -10.960 -1.317  1.00 37.71 ? 16  SER A OG  1 
ATOM   128  N N   . THR A 1 17  ? -7.526  -11.199 1.910   1.00 27.83 ? 17  THR A N   1 
ATOM   129  C CA  . THR A 1 17  ? -6.700  -12.147 2.660   1.00 31.20 ? 17  THR A CA  1 
ATOM   130  C C   . THR A 1 17  ? -6.214  -11.511 3.951   1.00 29.59 ? 17  THR A C   1 
ATOM   131  O O   . THR A 1 17  ? -6.022  -10.298 4.003   1.00 28.03 ? 17  THR A O   1 
ATOM   132  C CB  . THR A 1 17  ? -5.464  -12.569 1.853   1.00 30.42 ? 17  THR A CB  1 
ATOM   133  O OG1 . THR A 1 17  ? -4.750  -11.396 1.427   1.00 29.93 ? 17  THR A OG1 1 
ATOM   134  C CG2 . THR A 1 17  ? -5.871  -13.364 0.635   1.00 39.57 ? 17  THR A CG2 1 
ATOM   135  N N   . SER A 1 18  ? -6.006  -12.314 4.988   1.00 29.79 ? 18  SER A N   1 
ATOM   136  C CA  . SER A 1 18  ? -5.531  -11.778 6.263   1.00 29.89 ? 18  SER A CA  1 
ATOM   137  C C   . SER A 1 18  ? -4.032  -11.475 6.242   1.00 28.64 ? 18  SER A C   1 
ATOM   138  O O   . SER A 1 18  ? -3.530  -10.738 7.099   1.00 26.26 ? 18  SER A O   1 
ATOM   139  C CB  . SER A 1 18  ? -5.860  -12.745 7.408   1.00 36.69 ? 18  SER A CB  1 
ATOM   140  O OG  . SER A 1 18  ? -5.222  -13.997 7.219   1.00 40.62 ? 18  SER A OG  1 
ATOM   141  N N   . ALA A 1 19  ? -3.329  -12.033 5.259   1.00 25.30 ? 19  ALA A N   1 
ATOM   142  C CA  . ALA A 1 19  ? -1.871  -11.891 5.135   1.00 26.59 ? 19  ALA A CA  1 
ATOM   143  C C   . ALA A 1 19  ? -1.417  -12.522 3.829   1.00 29.42 ? 19  ALA A C   1 
ATOM   144  O O   . ALA A 1 19  ? -2.183  -13.241 3.202   1.00 26.79 ? 19  ALA A O   1 
ATOM   145  C CB  . ALA A 1 19  ? -1.173  -12.591 6.292   1.00 35.12 ? 19  ALA A CB  1 
ATOM   146  N N   . ALA A 1 20  ? -0.167  -12.282 3.432   1.00 24.61 ? 20  ALA A N   1 
ATOM   147  C CA  . ALA A 1 20  ? 0.377   -12.889 2.215   1.00 25.74 ? 20  ALA A CA  1 
ATOM   148  C C   . ALA A 1 20  ? 0.293   -14.407 2.309   1.00 33.12 ? 20  ALA A C   1 
ATOM   149  O O   . ALA A 1 20  ? 0.648   -14.976 3.337   1.00 30.86 ? 20  ALA A O   1 
ATOM   150  C CB  . ALA A 1 20  ? 1.824   -12.450 2.005   1.00 25.36 ? 20  ALA A CB  1 
ATOM   151  N N   . SER A 1 21  ? -0.190  -15.056 1.246   1.00 34.19 ? 21  SER A N   1 
ATOM   152  C CA  . SER A 1 21  ? -0.423  -16.504 1.253   1.00 37.49 ? 21  SER A CA  1 
ATOM   153  C C   . SER A 1 21  ? 0.844   -17.324 1.038   1.00 36.85 ? 21  SER A C   1 
ATOM   154  O O   . SER A 1 21  ? 0.926   -18.486 1.456   1.00 40.16 ? 21  SER A O   1 
ATOM   155  C CB  . SER A 1 21  ? -1.440  -16.870 0.176   1.00 40.38 ? 21  SER A CB  1 
ATOM   156  O OG  . SER A 1 21  ? -1.353  -15.945 -0.899  1.00 42.35 ? 21  SER A OG  1 
ATOM   157  N N   . SER A 1 22  ? 1.836   -16.726 0.385   1.00 34.14 ? 22  SER A N   1 
ATOM   158  C CA  . SER A 1 22  ? 3.070   -17.444 0.085   1.00 29.16 ? 22  SER A CA  1 
ATOM   159  C C   . SER A 1 22  ? 4.150   -16.464 -0.336  1.00 32.20 ? 22  SER A C   1 
ATOM   160  O O   . SER A 1 22  ? 3.892   -15.256 -0.473  1.00 24.72 ? 22  SER A O   1 
ATOM   161  C CB  . SER A 1 22  ? 2.829   -18.443 -1.047  1.00 30.36 ? 22  SER A CB  1 
ATOM   162  O OG  . SER A 1 22  ? 2.665   -17.750 -2.274  1.00 31.90 ? 22  SER A OG  1 
ATOM   163  N N   . SER A 1 23  ? 5.353   -16.978 -0.572  1.00 25.80 ? 23  SER A N   1 
ATOM   164  C CA  . SER A 1 23  ? 6.479   -16.138 -0.969  1.00 25.66 ? 23  SER A CA  1 
ATOM   165  C C   . SER A 1 23  ? 6.288   -15.592 -2.370  1.00 22.90 ? 23  SER A C   1 
ATOM   166  O O   . SER A 1 23  ? 7.052   -14.723 -2.818  1.00 25.73 ? 23  SER A O   1 
ATOM   167  C CB  . SER A 1 23  ? 7.780   -16.935 -0.919  1.00 34.24 ? 23  SER A CB  1 
ATOM   168  O OG  . SER A 1 23  ? 7.737   -17.989 -1.862  1.00 32.40 ? 23  SER A OG  1 
ATOM   169  N N   . ASN A 1 24  ? 5.276   -16.094 -3.075  1.00 25.61 ? 24  ASN A N   1 
ATOM   170  C CA  . ASN A 1 24  ? 4.979   -15.587 -4.411  1.00 25.72 ? 24  ASN A CA  1 
ATOM   171  C C   . ASN A 1 24  ? 3.848   -14.562 -4.409  1.00 27.50 ? 24  ASN A C   1 
ATOM   172  O O   . ASN A 1 24  ? 3.428   -14.094 -5.466  1.00 24.91 ? 24  ASN A O   1 
ATOM   173  C CB  . ASN A 1 24  ? 4.605   -16.735 -5.343  1.00 32.04 ? 24  ASN A CB  1 
ATOM   174  C CG  . ASN A 1 24  ? 5.075   -16.501 -6.747  1.00 35.74 ? 24  ASN A CG  1 
ATOM   175  O OD1 . ASN A 1 24  ? 6.245   -16.180 -6.974  1.00 41.08 ? 24  ASN A OD1 1 
ATOM   176  N ND2 . ASN A 1 24  ? 4.171   -16.646 -7.710  1.00 44.23 ? 24  ASN A ND2 1 
ATOM   177  N N   . TYR A 1 25  ? 3.347   -14.218 -3.227  1.00 22.44 ? 25  TYR A N   1 
ATOM   178  C CA  . TYR A 1 25  ? 2.235   -13.268 -3.128  1.00 25.75 ? 25  TYR A CA  1 
ATOM   179  C C   . TYR A 1 25  ? 2.515   -11.977 -3.886  1.00 23.39 ? 25  TYR A C   1 
ATOM   180  O O   . TYR A 1 25  ? 1.667   -11.503 -4.639  1.00 23.96 ? 25  TYR A O   1 
ATOM   181  C CB  . TYR A 1 25  ? 1.941   -12.958 -1.663  1.00 23.99 ? 25  TYR A CB  1 
ATOM   182  C CG  . TYR A 1 25  ? 0.920   -11.851 -1.438  1.00 23.54 ? 25  TYR A CG  1 
ATOM   183  C CD1 . TYR A 1 25  ? -0.447  -12.125 -1.429  1.00 28.48 ? 25  TYR A CD1 1 
ATOM   184  C CD2 . TYR A 1 25  ? 1.327   -10.542 -1.212  1.00 27.85 ? 25  TYR A CD2 1 
ATOM   185  C CE1 . TYR A 1 25  ? -1.386  -11.118 -1.202  1.00 25.04 ? 25  TYR A CE1 1 
ATOM   186  C CE2 . TYR A 1 25  ? 0.402   -9.529  -0.994  1.00 23.56 ? 25  TYR A CE2 1 
ATOM   187  C CZ  . TYR A 1 25  ? -0.947  -9.826  -0.984  1.00 27.17 ? 25  TYR A CZ  1 
ATOM   188  O OH  . TYR A 1 25  ? -1.851  -8.809  -0.769  1.00 25.18 ? 25  TYR A OH  1 
ATOM   189  N N   . CYS A 1 26  ? 3.705   -11.403 -3.707  1.00 21.18 ? 26  CYS A N   1 
ATOM   190  C CA  . CYS A 1 26  ? 3.986   -10.117 -4.329  1.00 21.90 ? 26  CYS A CA  1 
ATOM   191  C C   . CYS A 1 26  ? 4.107   -10.227 -5.837  1.00 23.38 ? 26  CYS A C   1 
ATOM   192  O O   . CYS A 1 26  ? 3.600   -9.368  -6.571  1.00 22.58 ? 26  CYS A O   1 
ATOM   193  C CB  . CYS A 1 26  ? 5.242   -9.485  -3.746  1.00 21.21 ? 26  CYS A CB  1 
ATOM   194  S SG  . CYS A 1 26  ? 4.942   -8.797  -2.115  1.00 21.78 ? 26  CYS A SG  1 
ATOM   195  N N   . ASN A 1 27  ? 4.775   -11.266 -6.312  1.00 23.17 ? 27  ASN A N   1 
ATOM   196  C CA  . ASN A 1 27  ? 4.840   -11.482 -7.760  1.00 25.39 ? 27  ASN A CA  1 
ATOM   197  C C   . ASN A 1 27  ? 3.442   -11.493 -8.370  1.00 25.47 ? 27  ASN A C   1 
ATOM   198  O O   . ASN A 1 27  ? 3.198   -10.888 -9.418  1.00 27.21 ? 27  ASN A O   1 
ATOM   199  C CB  . ASN A 1 27  ? 5.552   -12.791 -8.052  1.00 26.42 ? 27  ASN A CB  1 
ATOM   200  C CG  . ASN A 1 27  ? 7.031   -12.707 -7.770  1.00 26.96 ? 27  ASN A CG  1 
ATOM   201  O OD1 . ASN A 1 27  ? 7.653   -11.671 -8.003  1.00 26.04 ? 27  ASN A OD1 1 
ATOM   202  N ND2 . ASN A 1 27  ? 7.606   -13.791 -7.260  1.00 31.23 ? 27  ASN A ND2 1 
ATOM   203  N N   . GLN A 1 28  ? 2.525   -12.182 -7.707  1.00 22.56 ? 28  GLN A N   1 
ATOM   204  C CA  . GLN A 1 28  ? 1.162   -12.302 -8.219  1.00 25.50 ? 28  GLN A CA  1 
ATOM   205  C C   . GLN A 1 28  ? 0.408   -10.994 -8.141  1.00 27.34 ? 28  GLN A C   1 
ATOM   206  O O   . GLN A 1 28  ? -0.267  -10.608 -9.096  1.00 26.69 ? 28  GLN A O   1 
ATOM   207  C CB  . GLN A 1 28  ? 0.398   -13.353 -7.433  1.00 31.46 ? 28  GLN A CB  1 
ATOM   208  C CG  . GLN A 1 28  ? 0.861   -14.767 -7.723  1.00 35.90 ? 28  GLN A CG  1 
ATOM   209  C CD  . GLN A 1 28  ? 0.186   -15.784 -6.831  1.00 43.66 ? 28  GLN A CD  1 
ATOM   210  O OE1 . GLN A 1 28  ? 0.145   -15.627 -5.605  1.00 41.77 ? 28  GLN A OE1 1 
ATOM   211  N NE2 . GLN A 1 28  ? -0.355  -16.837 -7.440  1.00 52.31 ? 28  GLN A NE2 1 
ATOM   212  N N   . MET A 1 29  ? 0.512   -10.312 -6.995  1.00 24.40 ? 29  MET A N   1 
ATOM   213  C CA  . MET A 1 29  ? -0.284  -9.108  -6.759  1.00 20.43 ? 29  MET A CA  1 
ATOM   214  C C   . MET A 1 29  ? 0.231   -7.898  -7.513  1.00 22.35 ? 29  MET A C   1 
ATOM   215  O O   . MET A 1 29  ? -0.571  -7.076  -7.967  1.00 23.23 ? 29  MET A O   1 
ATOM   216  C CB  . MET A 1 29  ? -0.362  -8.798  -5.256  1.00 23.07 ? 29  MET A CB  1 
ATOM   217  C CG  . MET A 1 29  ? -1.185  -9.791  -4.498  1.00 25.38 ? 29  MET A CG  1 
ATOM   218  S SD  . MET A 1 29  ? -2.931  -9.656  -4.903  1.00 28.05 ? 29  MET A SD  1 
ATOM   219  C CE  . MET A 1 29  ? -3.272  -8.052  -4.180  1.00 27.11 ? 29  MET A CE  1 
ATOM   220  N N   . MET A 1 30  ? 1.554   -7.764  -7.643  1.00 21.75 ? 30  MET A N   1 
ATOM   221  C CA  . MET A 1 30  ? 2.108   -6.621  -8.366  1.00 22.98 ? 30  MET A CA  1 
ATOM   222  C C   . MET A 1 30  ? 1.703   -6.702  -9.833  1.00 26.06 ? 30  MET A C   1 
ATOM   223  O O   . MET A 1 30  ? 1.465   -5.680  -10.482 1.00 24.97 ? 30  MET A O   1 
ATOM   224  C CB  . MET A 1 30  ? 3.629   -6.577  -8.246  1.00 24.42 ? 30  MET A CB  1 
ATOM   225  C CG  . MET A 1 30  ? 4.128   -6.318  -6.828  1.00 23.81 ? 30  MET A CG  1 
ATOM   226  S SD  . MET A 1 30  ? 3.584   -4.716  -6.174  1.00 23.64 ? 30  MET A SD  1 
ATOM   227  C CE  . MET A 1 30  ? 4.678   -3.609  -7.062  1.00 25.71 ? 30  MET A CE  1 
ATOM   228  N N   . LYS A 1 31  ? 1.629   -7.926  -10.352 1.00 27.53 ? 31  LYS A N   1 
ATOM   229  C CA  . LYS A 1 31  ? 1.181   -8.146  -11.728 1.00 26.16 ? 31  LYS A CA  1 
ATOM   230  C C   . LYS A 1 31  ? -0.322  -7.883  -11.891 1.00 26.48 ? 31  LYS A C   1 
ATOM   231  O O   . LYS A 1 31  ? -0.732  -7.079  -12.743 1.00 27.93 ? 31  LYS A O   1 
ATOM   232  C CB  . LYS A 1 31  ? 1.517   -9.579  -12.156 1.00 28.65 ? 31  LYS A CB  1 
ATOM   233  C CG  . LYS A 1 31  ? 1.048   -9.947  -13.571 1.00 36.51 ? 31  LYS A CG  1 
ATOM   234  C CD  . LYS A 1 31  ? 1.776   -11.198 -14.078 1.00 41.68 ? 31  LYS A CD  1 
ATOM   235  C CE  . LYS A 1 31  ? 1.379   -11.544 -15.503 1.00 48.50 ? 31  LYS A CE  1 
ATOM   236  N NZ  . LYS A 1 31  ? 2.153   -12.716 -16.019 1.00 57.09 ? 31  LYS A NZ  1 
ATOM   237  N N   . SER A 1 32  ? -1.141  -8.540  -11.071 1.00 24.87 ? 32  SER A N   1 
ATOM   238  C CA  . SER A 1 32  ? -2.596  -8.450  -11.226 1.00 28.00 ? 32  SER A CA  1 
ATOM   239  C C   . SER A 1 32  ? -3.139  -7.048  -10.928 1.00 30.90 ? 32  SER A C   1 
ATOM   240  O O   . SER A 1 32  ? -4.212  -6.672  -11.428 1.00 28.01 ? 32  SER A O   1 
ATOM   241  C CB  . SER A 1 32  ? -3.303  -9.487  -10.358 1.00 31.37 ? 32  SER A CB  1 
ATOM   242  O OG  . SER A 1 32  ? -3.194  -9.168  -8.987  1.00 29.40 ? 32  SER A OG  1 
ATOM   243  N N   . ARG A 1 33  ? -2.399  -6.270  -10.134 1.00 24.15 ? 33  ARG A N   1 
ATOM   244  C CA  . ARG A 1 33  ? -2.817  -4.900  -9.836  1.00 25.55 ? 33  ARG A CA  1 
ATOM   245  C C   . ARG A 1 33  ? -2.195  -3.914  -10.829 1.00 26.61 ? 33  ARG A C   1 
ATOM   246  O O   . ARG A 1 33  ? -2.215  -2.695  -10.600 1.00 26.74 ? 33  ARG A O   1 
ATOM   247  C CB  . ARG A 1 33  ? -2.459  -4.509  -8.393  1.00 21.67 ? 33  ARG A CB  1 
ATOM   248  C CG  . ARG A 1 33  ? -3.189  -5.331  -7.327  1.00 19.18 ? 33  ARG A CG  1 
ATOM   249  C CD  . ARG A 1 33  ? -4.715  -5.264  -7.497  1.00 21.70 ? 33  ARG A CD  1 
ATOM   250  N NE  . ARG A 1 33  ? -5.427  -5.981  -6.435  1.00 19.86 ? 33  ARG A NE  1 
ATOM   251  C CZ  . ARG A 1 33  ? -5.809  -5.424  -5.285  1.00 25.66 ? 33  ARG A CZ  1 
ATOM   252  N NH1 . ARG A 1 33  ? -5.544  -4.145  -5.042  1.00 19.49 ? 33  ARG A NH1 1 
ATOM   253  N NH2 . ARG A 1 33  ? -6.445  -6.140  -4.368  1.00 22.03 ? 33  ARG A NH2 1 
ATOM   254  N N   . ASN A 1 34  ? -1.637  -4.441  -11.923 1.00 25.23 ? 34  ASN A N   1 
ATOM   255  C CA  . ASN A 1 34  ? -1.100  -3.607  -13.007 1.00 26.65 ? 34  ASN A CA  1 
ATOM   256  C C   . ASN A 1 34  ? 0.088   -2.737  -12.619 1.00 34.18 ? 34  ASN A C   1 
ATOM   257  O O   . ASN A 1 34  ? 0.272   -1.661  -13.175 1.00 35.54 ? 34  ASN A O   1 
ATOM   258  C CB  . ASN A 1 34  ? -2.204  -2.746  -13.657 1.00 29.83 ? 34  ASN A CB  1 
ATOM   259  C CG  . ASN A 1 34  ? -3.259  -3.593  -14.367 1.00 37.94 ? 34  ASN A CG  1 
ATOM   260  O OD1 . ASN A 1 34  ? -2.944  -4.627  -14.962 1.00 37.32 ? 34  ASN A OD1 1 
ATOM   261  N ND2 . ASN A 1 34  ? -4.514  -3.154  -14.307 1.00 38.65 ? 34  ASN A ND2 1 
ATOM   262  N N   . LEU A 1 35  ? 0.905   -3.205  -11.679 1.00 29.74 ? 35  LEU A N   1 
ATOM   263  C CA  . LEU A 1 35  ? 2.057   -2.424  -11.246 1.00 30.48 ? 35  LEU A CA  1 
ATOM   264  C C   . LEU A 1 35  ? 3.341   -2.873  -11.931 1.00 32.48 ? 35  LEU A C   1 
ATOM   265  O O   . LEU A 1 35  ? 4.435   -2.429  -11.570 1.00 33.76 ? 35  LEU A O   1 
ATOM   266  C CB  . LEU A 1 35  ? 2.211   -2.492  -9.720  1.00 26.20 ? 35  LEU A CB  1 
ATOM   267  C CG  . LEU A 1 35  ? 0.954   -1.982  -9.005  1.00 28.81 ? 35  LEU A CG  1 
ATOM   268  C CD1 . LEU A 1 35  ? 1.043   -2.123  -7.501  1.00 27.84 ? 35  LEU A CD1 1 
ATOM   269  C CD2 . LEU A 1 35  ? 0.699   -0.543  -9.377  1.00 32.35 ? 35  LEU A CD2 1 
ATOM   270  N N   . THR A 1 36  ? 3.215   -3.749  -12.921 1.00 33.21 ? 36  THR A N   1 
ATOM   271  C CA  . THR A 1 36  ? 4.383   -4.199  -13.671 1.00 34.70 ? 36  THR A CA  1 
ATOM   272  C C   . THR A 1 36  ? 4.156   -4.000  -15.170 1.00 42.84 ? 36  THR A C   1 
ATOM   273  O O   . THR A 1 36  ? 4.879   -4.553  -16.006 1.00 38.99 ? 36  THR A O   1 
ATOM   274  C CB  . THR A 1 36  ? 4.690   -5.678  -13.408 1.00 30.39 ? 36  THR A CB  1 
ATOM   275  O OG1 . THR A 1 36  ? 3.667   -6.496  -13.991 1.00 31.60 ? 36  THR A OG1 1 
ATOM   276  C CG2 . THR A 1 36  ? 4.753   -5.959  -11.913 1.00 35.50 ? 36  THR A CG2 1 
ATOM   277  N N   . LYS A 1 37  ? 3.151   -3.194  -15.494 1.00 41.94 ? 37  LYS A N   1 
ATOM   278  C CA  . LYS A 1 37  ? 2.689   -3.041  -16.869 1.00 48.98 ? 37  LYS A CA  1 
ATOM   279  C C   . LYS A 1 37  ? 3.717   -2.304  -17.728 1.00 49.02 ? 37  LYS A C   1 
ATOM   280  O O   . LYS A 1 37  ? 4.199   -2.838  -18.731 1.00 54.32 ? 37  LYS A O   1 
ATOM   281  C CB  . LYS A 1 37  ? 1.348   -2.307  -16.881 1.00 49.97 ? 37  LYS A CB  1 
ATOM   282  C CG  . LYS A 1 37  ? 0.628   -2.301  -18.219 1.00 57.22 ? 37  LYS A CG  1 
ATOM   283  C CD  . LYS A 1 37  ? -0.541  -1.331  -18.179 1.00 63.80 ? 37  LYS A CD  1 
ATOM   284  C CE  . LYS A 1 37  ? -1.255  -1.257  -19.518 1.00 70.14 ? 37  LYS A CE  1 
ATOM   285  N NZ  . LYS A 1 37  ? -2.384  -0.289  -19.477 1.00 78.91 ? 37  LYS A NZ  1 
ATOM   286  N N   . ASP A 1 38  ? 4.061   -1.084  -17.327 1.00 49.69 ? 38  ASP A N   1 
ATOM   287  C CA  . ASP A 1 38  ? 4.962   -0.257  -18.124 1.00 55.40 ? 38  ASP A CA  1 
ATOM   288  C C   . ASP A 1 38  ? 6.385   -0.210  -17.554 1.00 55.20 ? 38  ASP A C   1 
ATOM   289  O O   . ASP A 1 38  ? 7.294   0.334   -18.184 1.00 54.16 ? 38  ASP A O   1 
ATOM   290  C CB  . ASP A 1 38  ? 4.386   1.155   -18.271 1.00 60.88 ? 38  ASP A CB  1 
ATOM   291  C CG  . ASP A 1 38  ? 3.094   1.174   -19.075 1.00 64.39 ? 38  ASP A CG  1 
ATOM   292  O OD1 . ASP A 1 38  ? 2.941   0.313   -19.974 1.00 64.49 ? 38  ASP A OD1 1 
ATOM   293  O OD2 . ASP A 1 38  ? 2.234   2.045   -18.807 1.00 70.20 ? 38  ASP A OD2 1 
ATOM   294  N N   . ARG A 1 39  ? 6.562   -0.786  -16.369 1.00 48.29 ? 39  ARG A N   1 
ATOM   295  C CA  . ARG A 1 39  ? 7.855   -0.838  -15.691 1.00 46.51 ? 39  ARG A CA  1 
ATOM   296  C C   . ARG A 1 39  ? 7.666   -1.672  -14.443 1.00 45.21 ? 39  ARG A C   1 
ATOM   297  O O   . ARG A 1 39  ? 6.531   -1.987  -14.072 1.00 44.43 ? 39  ARG A O   1 
ATOM   298  C CB  . ARG A 1 39  ? 8.317   0.556   -15.274 1.00 42.20 ? 39  ARG A CB  1 
ATOM   299  C CG  . ARG A 1 39  ? 7.439   1.196   -14.206 1.00 49.19 ? 39  ARG A CG  1 
ATOM   300  C CD  . ARG A 1 39  ? 8.115   2.402   -13.566 1.00 53.11 ? 39  ARG A CD  1 
ATOM   301  N NE  . ARG A 1 39  ? 7.436   2.816   -12.340 1.00 57.88 ? 39  ARG A NE  1 
ATOM   302  C CZ  . ARG A 1 39  ? 7.995   3.565   -11.397 1.00 55.49 ? 39  ARG A CZ  1 
ATOM   303  N NH1 . ARG A 1 39  ? 9.248   3.985   -11.535 1.00 61.61 ? 39  ARG A NH1 1 
ATOM   304  N NH2 . ARG A 1 39  ? 7.306   3.892   -10.312 1.00 60.35 ? 39  ARG A NH2 1 
ATOM   305  N N   . CYS A 1 40  ? 8.762   -2.026  -13.781 1.00 41.72 ? 40  CYS A N   1 
ATOM   306  C CA  . CYS A 1 40  ? 8.656   -2.692  -12.485 1.00 40.98 ? 40  CYS A CA  1 
ATOM   307  C C   . CYS A 1 40  ? 8.549   -1.643  -11.384 1.00 38.11 ? 40  CYS A C   1 
ATOM   308  O O   . CYS A 1 40  ? 9.527   -0.957  -11.092 1.00 37.80 ? 40  CYS A O   1 
ATOM   309  C CB  . CYS A 1 40  ? 9.882   -3.562  -12.231 1.00 39.08 ? 40  CYS A CB  1 
ATOM   310  S SG  . CYS A 1 40  ? 10.019  -4.976  -13.325 1.00 41.84 ? 40  CYS A SG  1 
ATOM   311  N N   . LYS A 1 41  ? 7.374   -1.491  -10.778 1.00 35.88 ? 41  LYS A N   1 
ATOM   312  C CA  . LYS A 1 41  ? 7.285   -0.577  -9.647  1.00 32.51 ? 41  LYS A CA  1 
ATOM   313  C C   . LYS A 1 41  ? 8.189   -1.136  -8.551  1.00 27.43 ? 41  LYS A C   1 
ATOM   314  O O   . LYS A 1 41  ? 8.060   -2.299  -8.185  1.00 30.08 ? 41  LYS A O   1 
ATOM   315  C CB  . LYS A 1 41  ? 5.854   -0.405  -9.139  1.00 32.40 ? 41  LYS A CB  1 
ATOM   316  C CG  . LYS A 1 41  ? 5.752   0.815   -8.213  1.00 29.53 ? 41  LYS A CG  1 
ATOM   317  C CD  . LYS A 1 41  ? 4.366   1.054   -7.674  1.00 33.25 ? 41  LYS A CD  1 
ATOM   318  C CE  . LYS A 1 41  ? 4.429   2.013   -6.490  1.00 35.26 ? 41  LYS A CE  1 
ATOM   319  N NZ  . LYS A 1 41  ? 3.128   2.052   -5.749  1.00 36.41 ? 41  LYS A NZ  1 
ATOM   320  N N   . PRO A 1 42  ? 9.136   -0.323  -8.062  1.00 31.30 ? 42  PRO A N   1 
ATOM   321  C CA  . PRO A 1 42  ? 10.213  -0.847  -7.205  1.00 32.00 ? 42  PRO A CA  1 
ATOM   322  C C   . PRO A 1 42  ? 9.716   -1.306  -5.838  1.00 29.06 ? 42  PRO A C   1 
ATOM   323  O O   . PRO A 1 42  ? 10.171  -2.332  -5.328  1.00 30.47 ? 42  PRO A O   1 
ATOM   324  C CB  . PRO A 1 42  ? 11.151  0.359   -7.035  1.00 35.35 ? 42  PRO A CB  1 
ATOM   325  C CG  . PRO A 1 42  ? 10.779  1.321   -8.157  1.00 36.51 ? 42  PRO A CG  1 
ATOM   326  C CD  . PRO A 1 42  ? 9.307   1.110   -8.356  1.00 35.54 ? 42  PRO A CD  1 
ATOM   327  N N   . VAL A 1 43  ? 8.831   -0.528  -5.222  1.00 24.30 ? 43  VAL A N   1 
ATOM   328  C CA  . VAL A 1 43  ? 8.387   -0.828  -3.870  1.00 26.68 ? 43  VAL A CA  1 
ATOM   329  C C   . VAL A 1 43  ? 6.906   -0.537  -3.759  1.00 26.42 ? 43  VAL A C   1 
ATOM   330  O O   . VAL A 1 43  ? 6.428   0.443   -4.332  1.00 26.78 ? 43  VAL A O   1 
ATOM   331  C CB  . VAL A 1 43  ? 9.136   0.035   -2.846  1.00 28.58 ? 43  VAL A CB  1 
ATOM   332  C CG1 . VAL A 1 43  ? 8.730   -0.345  -1.442  1.00 31.55 ? 43  VAL A CG1 1 
ATOM   333  C CG2 . VAL A 1 43  ? 10.641  -0.135  -3.019  1.00 32.74 ? 43  VAL A CG2 1 
ATOM   334  N N   . ASN A 1 44  ? 6.185   -1.375  -3.018  1.00 23.53 ? 44  ASN A N   1 
ATOM   335  C CA  . ASN A 1 44  ? 4.742   -1.206  -2.859  1.00 24.29 ? 44  ASN A CA  1 
ATOM   336  C C   . ASN A 1 44  ? 4.229   -2.028  -1.679  1.00 25.54 ? 44  ASN A C   1 
ATOM   337  O O   . ASN A 1 44  ? 4.676   -3.156  -1.464  1.00 29.74 ? 44  ASN A O   1 
ATOM   338  C CB  . ASN A 1 44  ? 4.006   -1.625  -4.134  1.00 23.41 ? 44  ASN A CB  1 
ATOM   339  C CG  . ASN A 1 44  ? 2.526   -1.298  -4.073  1.00 25.38 ? 44  ASN A CG  1 
ATOM   340  O OD1 . ASN A 1 44  ? 2.149   -0.129  -4.092  1.00 28.50 ? 44  ASN A OD1 1 
ATOM   341  N ND2 . ASN A 1 44  ? 1.687   -2.320  -3.982  1.00 20.74 ? 44  ASN A ND2 1 
ATOM   342  N N   . THR A 1 45  ? 3.300   -1.465  -0.913  1.00 21.31 ? 45  THR A N   1 
ATOM   343  C CA  . THR A 1 45  ? 2.775   -2.127  0.277   1.00 18.68 ? 45  THR A CA  1 
ATOM   344  C C   . THR A 1 45  ? 1.300   -2.416  0.090   1.00 21.95 ? 45  THR A C   1 
ATOM   345  O O   . THR A 1 45  ? 0.550   -1.545  -0.372  1.00 21.31 ? 45  THR A O   1 
ATOM   346  C CB  . THR A 1 45  ? 2.912   -1.211  1.517   1.00 24.34 ? 45  THR A CB  1 
ATOM   347  O OG1 . THR A 1 45  ? 4.298   -0.947  1.750   1.00 25.84 ? 45  THR A OG1 1 
ATOM   348  C CG2 . THR A 1 45  ? 2.330   -1.880  2.754   1.00 21.37 ? 45  THR A CG2 1 
ATOM   349  N N   . PHE A 1 46  ? 0.881   -3.623  0.465   1.00 17.93 ? 46  PHE A N   1 
ATOM   350  C CA  . PHE A 1 46  ? -0.531  -3.981  0.455   1.00 18.84 ? 46  PHE A CA  1 
ATOM   351  C C   . PHE A 1 46  ? -1.045  -4.080  1.866   1.00 19.52 ? 46  PHE A C   1 
ATOM   352  O O   . PHE A 1 46  ? -0.352  -4.626  2.728   1.00 19.82 ? 46  PHE A O   1 
ATOM   353  C CB  . PHE A 1 46  ? -0.720  -5.327  -0.235  1.00 20.40 ? 46  PHE A CB  1 
ATOM   354  C CG  . PHE A 1 46  ? -0.590  -5.244  -1.726  1.00 20.92 ? 46  PHE A CG  1 
ATOM   355  C CD1 . PHE A 1 46  ? -1.640  -4.742  -2.488  1.00 20.81 ? 46  PHE A CD1 1 
ATOM   356  C CD2 . PHE A 1 46  ? 0.585   -5.621  -2.359  1.00 22.92 ? 46  PHE A CD2 1 
ATOM   357  C CE1 . PHE A 1 46  ? -1.516  -4.628  -3.868  1.00 21.80 ? 46  PHE A CE1 1 
ATOM   358  C CE2 . PHE A 1 46  ? 0.709   -5.523  -3.738  1.00 22.57 ? 46  PHE A CE2 1 
ATOM   359  C CZ  . PHE A 1 46  ? -0.342  -5.019  -4.490  1.00 20.54 ? 46  PHE A CZ  1 
ATOM   360  N N   . VAL A 1 47  ? -2.259  -3.582  2.106   1.00 19.86 ? 47  VAL A N   1 
ATOM   361  C CA  . VAL A 1 47  ? -2.862  -3.642  3.444   1.00 19.82 ? 47  VAL A CA  1 
ATOM   362  C C   . VAL A 1 47  ? -3.980  -4.671  3.538   1.00 21.12 ? 47  VAL A C   1 
ATOM   363  O O   . VAL A 1 47  ? -4.972  -4.596  2.813   1.00 21.95 ? 47  VAL A O   1 
ATOM   364  C CB  . VAL A 1 47  ? -3.410  -2.272  3.874   1.00 21.15 ? 47  VAL A CB  1 
ATOM   365  C CG1 . VAL A 1 47  ? -3.909  -2.332  5.329   1.00 21.34 ? 47  VAL A CG1 1 
ATOM   366  C CG2 . VAL A 1 47  ? -2.327  -1.207  3.707   1.00 19.91 ? 47  VAL A CG2 1 
ATOM   367  N N   . HIS A 1 48  ? -3.827  -5.619  4.456   1.00 19.81 ? 48  HIS A N   1 
ATOM   368  C CA  . HIS A 1 48  ? -4.807  -6.678  4.640   1.00 24.13 ? 48  HIS A CA  1 
ATOM   369  C C   . HIS A 1 48  ? -5.813  -6.317  5.730   1.00 25.72 ? 48  HIS A C   1 
ATOM   370  O O   . HIS A 1 48  ? -5.835  -6.946  6.797   1.00 26.32 ? 48  HIS A O   1 
ATOM   371  C CB  . HIS A 1 48  ? -4.102  -7.978  5.032   1.00 22.65 ? 48  HIS A CB  1 
ATOM   372  C CG  . HIS A 1 48  ? -3.065  -8.425  4.052   1.00 23.98 ? 48  HIS A CG  1 
ATOM   373  N ND1 . HIS A 1 48  ? -3.347  -9.243  2.983   1.00 27.43 ? 48  HIS A ND1 1 
ATOM   374  C CD2 . HIS A 1 48  ? -1.730  -8.170  3.988   1.00 22.17 ? 48  HIS A CD2 1 
ATOM   375  C CE1 . HIS A 1 48  ? -2.236  -9.476  2.298   1.00 24.88 ? 48  HIS A CE1 1 
ATOM   376  N NE2 . HIS A 1 48  ? -1.247  -8.831  2.887   1.00 23.94 ? 48  HIS A NE2 1 
ATOM   377  N N   . GLU A 1 49  ? -6.616  -5.289  5.480   1.00 21.71 ? 49  GLU A N   1 
ATOM   378  C CA  . GLU A 1 49  ? -7.710  -4.922  6.382   1.00 23.43 ? 49  GLU A CA  1 
ATOM   379  C C   . GLU A 1 49  ? -8.883  -4.475  5.526   1.00 24.68 ? 49  GLU A C   1 
ATOM   380  O O   . GLU A 1 49  ? -8.731  -4.321  4.313   1.00 20.99 ? 49  GLU A O   1 
ATOM   381  C CB  . GLU A 1 49  ? -7.314  -3.775  7.310   1.00 22.21 ? 49  GLU A CB  1 
ATOM   382  C CG  . GLU A 1 49  ? -6.031  -4.008  8.120   1.00 22.97 ? 49  GLU A CG  1 
ATOM   383  C CD  . GLU A 1 49  ? -6.174  -5.071  9.208   1.00 29.65 ? 49  GLU A CD  1 
ATOM   384  O OE1 . GLU A 1 49  ? -7.317  -5.441  9.565   1.00 29.09 ? 49  GLU A OE1 1 
ATOM   385  O OE2 . GLU A 1 49  ? -5.127  -5.539  9.708   1.00 24.08 ? 49  GLU A OE2 1 
ATOM   386  N N   . SER A 1 50  ? -10.045 -4.252  6.133   1.00 23.28 ? 50  SER A N   1 
ATOM   387  C CA  . SER A 1 50  ? -11.200 -3.808  5.348   1.00 21.90 ? 50  SER A CA  1 
ATOM   388  C C   . SER A 1 50  ? -10.923 -2.422  4.766   1.00 23.28 ? 50  SER A C   1 
ATOM   389  O O   . SER A 1 50  ? -10.117 -1.657  5.322   1.00 21.83 ? 50  SER A O   1 
ATOM   390  C CB  . SER A 1 50  ? -12.446 -3.744  6.218   1.00 22.47 ? 50  SER A CB  1 
ATOM   391  O OG  . SER A 1 50  ? -12.335 -2.679  7.134   1.00 23.50 ? 50  SER A OG  1 
ATOM   392  N N   . LEU A 1 51  ? -11.576 -2.087  3.653   1.00 21.13 ? 51  LEU A N   1 
ATOM   393  C CA  . LEU A 1 51  ? -11.451 -0.736  3.106   1.00 19.50 ? 51  LEU A CA  1 
ATOM   394  C C   . LEU A 1 51  ? -11.901 0.278   4.161   1.00 25.39 ? 51  LEU A C   1 
ATOM   395  O O   . LEU A 1 51  ? -11.282 1.329   4.340   1.00 23.20 ? 51  LEU A O   1 
ATOM   396  C CB  . LEU A 1 51  ? -12.285 -0.591  1.842   1.00 23.48 ? 51  LEU A CB  1 
ATOM   397  C CG  . LEU A 1 51  ? -12.254 0.784   1.182   1.00 26.44 ? 51  LEU A CG  1 
ATOM   398  C CD1 . LEU A 1 51  ? -10.835 1.146   0.760   1.00 24.43 ? 51  LEU A CD1 1 
ATOM   399  C CD2 . LEU A 1 51  ? -13.211 0.844   0.000   1.00 28.50 ? 51  LEU A CD2 1 
ATOM   400  N N   . ALA A 1 52  ? -12.967 -0.038  4.885   1.00 23.25 ? 52  ALA A N   1 
ATOM   401  C CA  . ALA A 1 52  ? -13.440 0.881   5.922   1.00 23.63 ? 52  ALA A CA  1 
ATOM   402  C C   . ALA A 1 52  ? -12.377 1.159   6.995   1.00 21.97 ? 52  ALA A C   1 
ATOM   403  O O   . ALA A 1 52  ? -12.225 2.299   7.448   1.00 24.78 ? 52  ALA A O   1 
ATOM   404  C CB  . ALA A 1 52  ? -14.719 0.346   6.553   1.00 30.16 ? 52  ALA A CB  1 
ATOM   405  N N   . ASP A 1 53  ? -11.645 0.127   7.413   1.00 19.60 ? 53  ASP A N   1 
ATOM   406  C CA  . ASP A 1 53  ? -10.624 0.312   8.442   1.00 23.53 ? 53  ASP A CA  1 
ATOM   407  C C   . ASP A 1 53  ? -9.494  1.194   7.933   1.00 24.66 ? 53  ASP A C   1 
ATOM   408  O O   . ASP A 1 53  ? -8.924  2.001   8.680   1.00 22.16 ? 53  ASP A O   1 
ATOM   409  C CB  . ASP A 1 53  ? -10.061 -1.034  8.893   1.00 21.93 ? 53  ASP A CB  1 
ATOM   410  C CG  . ASP A 1 53  ? -10.934 -1.725  9.912   1.00 30.47 ? 53  ASP A CG  1 
ATOM   411  O OD1 . ASP A 1 53  ? -12.037 -1.225  10.188  1.00 31.54 ? 53  ASP A OD1 1 
ATOM   412  O OD2 . ASP A 1 53  ? -10.516 -2.779  10.434  1.00 30.04 ? 53  ASP A OD2 1 
ATOM   413  N N   . VAL A 1 54  ? -9.171  1.064   6.652   1.00 21.51 ? 54  VAL A N   1 
ATOM   414  C CA  . VAL A 1 54  ? -8.068  1.854   6.102   1.00 20.42 ? 54  VAL A CA  1 
ATOM   415  C C   . VAL A 1 54  ? -8.511  3.297   5.869   1.00 23.07 ? 54  VAL A C   1 
ATOM   416  O O   . VAL A 1 54  ? -7.773  4.229   6.201   1.00 20.68 ? 54  VAL A O   1 
ATOM   417  C CB  . VAL A 1 54  ? -7.490  1.202   4.839   1.00 22.51 ? 54  VAL A CB  1 
ATOM   418  C CG1 . VAL A 1 54  ? -6.482  2.108   4.170   1.00 20.12 ? 54  VAL A CG1 1 
ATOM   419  C CG2 . VAL A 1 54  ? -6.856  -0.132  5.209   1.00 18.14 ? 54  VAL A CG2 1 
ATOM   420  N N   . GLN A 1 55  ? -9.722  3.498   5.344   1.00 20.15 ? 55  GLN A N   1 
ATOM   421  C CA  . GLN A 1 55  ? -10.234 4.861   5.182   1.00 23.05 ? 55  GLN A CA  1 
ATOM   422  C C   . GLN A 1 55  ? -10.334 5.573   6.520   1.00 25.55 ? 55  GLN A C   1 
ATOM   423  O O   . GLN A 1 55  ? -10.135 6.781   6.603   1.00 23.84 ? 55  GLN A O   1 
ATOM   424  C CB  . GLN A 1 55  ? -11.599 4.856   4.509   1.00 24.20 ? 55  GLN A CB  1 
ATOM   425  C CG  . GLN A 1 55  ? -11.550 4.476   3.030   1.00 20.93 ? 55  GLN A CG  1 
ATOM   426  C CD  . GLN A 1 55  ? -12.938 4.328   2.444   1.00 25.02 ? 55  GLN A CD  1 
ATOM   427  O OE1 . GLN A 1 55  ? -13.883 3.959   3.150   1.00 29.19 ? 55  GLN A OE1 1 
ATOM   428  N NE2 . GLN A 1 55  ? -13.069 4.588   1.152   1.00 27.06 ? 55  GLN A NE2 1 
ATOM   429  N N   . ALA A 1 56  ? -10.645 4.817   7.569   1.00 23.89 ? 56  ALA A N   1 
ATOM   430  C CA  . ALA A 1 56  ? -10.787 5.368   8.914   1.00 25.67 ? 56  ALA A CA  1 
ATOM   431  C C   . ALA A 1 56  ? -9.499  6.012   9.407   1.00 26.38 ? 56  ALA A C   1 
ATOM   432  O O   . ALA A 1 56  ? -9.516  6.853   10.312  1.00 26.27 ? 56  ALA A O   1 
ATOM   433  C CB  . ALA A 1 56  ? -11.237 4.276   9.878   1.00 24.87 ? 56  ALA A CB  1 
ATOM   434  N N   . VAL A 1 57  ? -8.371  5.623   8.827   1.00 21.48 ? 57  VAL A N   1 
ATOM   435  C CA  . VAL A 1 57  ? -7.084  6.190   9.267   1.00 24.60 ? 57  VAL A CA  1 
ATOM   436  C C   . VAL A 1 57  ? -7.036  7.706   9.052   1.00 25.75 ? 57  VAL A C   1 
ATOM   437  O O   . VAL A 1 57  ? -6.351  8.426   9.800   1.00 23.39 ? 57  VAL A O   1 
ATOM   438  C CB  . VAL A 1 57  ? -5.913  5.464   8.607   1.00 21.18 ? 57  VAL A CB  1 
ATOM   439  C CG1 . VAL A 1 57  ? -4.551  6.069   9.017   1.00 23.78 ? 57  VAL A CG1 1 
ATOM   440  C CG2 . VAL A 1 57  ? -5.957  4.002   8.986   1.00 18.76 ? 57  VAL A CG2 1 
ATOM   441  N N   . CYS A 1 58  ? -7.800  8.204   8.078   1.00 22.29 ? 58  CYS A N   1 
ATOM   442  C CA  . CYS A 1 58  ? -7.811  9.646   7.805   1.00 23.60 ? 58  CYS A CA  1 
ATOM   443  C C   . CYS A 1 58  ? -8.384  10.492  8.932   1.00 26.52 ? 58  CYS A C   1 
ATOM   444  O O   . CYS A 1 58  ? -8.330  11.719  8.860   1.00 26.85 ? 58  CYS A O   1 
ATOM   445  C CB  . CYS A 1 58  ? -8.562  9.970   6.528   1.00 23.49 ? 58  CYS A CB  1 
ATOM   446  S SG  . CYS A 1 58  ? -7.845  9.173   5.048   1.00 25.86 ? 58  CYS A SG  1 
ATOM   447  N N   . SER A 1 59  ? -8.946  9.857   9.955   1.00 24.55 ? 59  SER A N   1 
ATOM   448  C CA  . SER A 1 59  ? -9.459  10.603  11.099  1.00 29.18 ? 59  SER A CA  1 
ATOM   449  C C   . SER A 1 59  ? -8.749  10.145  12.367  1.00 30.80 ? 59  SER A C   1 
ATOM   450  O O   . SER A 1 59  ? -9.232  10.363  13.489  1.00 32.89 ? 59  SER A O   1 
ATOM   451  C CB  . SER A 1 59  ? -10.965 10.387  11.229  1.00 30.40 ? 59  SER A CB  1 
ATOM   452  O OG  . SER A 1 59  ? -11.211 9.060   11.653  1.00 38.07 ? 59  SER A OG  1 
ATOM   453  N N   . GLN A 1 60  ? -7.594  9.514   12.186  1.00 26.25 ? 60  GLN A N   1 
ATOM   454  C CA  . GLN A 1 60  ? -6.774  9.081   13.316  1.00 28.09 ? 60  GLN A CA  1 
ATOM   455  C C   . GLN A 1 60  ? -5.628  10.069  13.588  1.00 25.77 ? 60  GLN A C   1 
ATOM   456  O O   . GLN A 1 60  ? -5.866  11.272  13.592  1.00 28.32 ? 60  GLN A O   1 
ATOM   457  C CB  . GLN A 1 60  ? -6.355  7.611   13.151  1.00 23.20 ? 60  GLN A CB  1 
ATOM   458  C CG  . GLN A 1 60  ? -7.612  6.704   13.255  1.00 25.26 ? 60  GLN A CG  1 
ATOM   459  C CD  . GLN A 1 60  ? -7.378  5.226   12.984  1.00 24.48 ? 60  GLN A CD  1 
ATOM   460  O OE1 . GLN A 1 60  ? -6.290  4.701   13.193  1.00 22.33 ? 60  GLN A OE1 1 
ATOM   461  N NE2 . GLN A 1 60  ? -8.427  4.545   12.543  1.00 24.60 ? 60  GLN A NE2 1 
ATOM   462  N N   . LYS A 1 61  ? -4.409  9.596   13.816  1.00 26.04 ? 61  LYS A N   1 
ATOM   463  C CA  . LYS A 1 61  ? -3.355  10.471  14.340  1.00 25.22 ? 61  LYS A CA  1 
ATOM   464  C C   . LYS A 1 61  ? -2.714  11.319  13.253  1.00 29.24 ? 61  LYS A C   1 
ATOM   465  O O   . LYS A 1 61  ? -1.973  10.794  12.424  1.00 25.31 ? 61  LYS A O   1 
ATOM   466  C CB  . LYS A 1 61  ? -2.271  9.626   15.012  1.00 25.66 ? 61  LYS A CB  1 
ATOM   467  C CG  . LYS A 1 61  ? -1.204  10.432  15.735  1.00 31.10 ? 61  LYS A CG  1 
ATOM   468  C CD  . LYS A 1 61  ? -1.799  11.131  16.945  1.00 28.69 ? 61  LYS A CD  1 
ATOM   469  C CE  . LYS A 1 61  ? -0.730  11.813  17.799  1.00 38.19 ? 61  LYS A CE  1 
ATOM   470  N NZ  . LYS A 1 61  ? -1.274  12.220  19.139  1.00 35.54 ? 61  LYS A NZ  1 
ATOM   471  N N   . ASN A 1 62  ? -2.971  12.626  13.261  1.00 26.06 ? 62  ASN A N   1 
ATOM   472  C CA  . ASN A 1 62  ? -2.373  13.515  12.256  1.00 26.62 ? 62  ASN A CA  1 
ATOM   473  C C   . ASN A 1 62  ? -0.861  13.661  12.484  1.00 29.81 ? 62  ASN A C   1 
ATOM   474  O O   . ASN A 1 62  ? -0.431  14.030  13.584  1.00 28.60 ? 62  ASN A O   1 
ATOM   475  C CB  . ASN A 1 62  ? -3.101  14.868  12.274  1.00 27.62 ? 62  ASN A CB  1 
ATOM   476  C CG  . ASN A 1 62  ? -2.579  15.858  11.236  1.00 35.56 ? 62  ASN A CG  1 
ATOM   477  O OD1 . ASN A 1 62  ? -2.441  17.047  11.532  1.00 30.95 ? 62  ASN A OD1 1 
ATOM   478  N ND2 . ASN A 1 62  ? -2.314  15.383  10.012  1.00 28.99 ? 62  ASN A ND2 1 
ATOM   479  N N   . VAL A 1 63  ? -0.065  13.340  11.459  1.00 25.31 ? 63  VAL A N   1 
ATOM   480  C CA  . VAL A 1 63  ? 1.406   13.430  11.523  1.00 25.00 ? 63  VAL A CA  1 
ATOM   481  C C   . VAL A 1 63  ? 1.931   14.001  10.214  1.00 28.41 ? 63  VAL A C   1 
ATOM   482  O O   . VAL A 1 63  ? 1.197   14.075  9.231   1.00 29.95 ? 63  VAL A O   1 
ATOM   483  C CB  . VAL A 1 63  ? 2.080   12.061  11.730  1.00 27.66 ? 63  VAL A CB  1 
ATOM   484  C CG1 . VAL A 1 63  ? 1.730   11.477  13.088  1.00 29.33 ? 63  VAL A CG1 1 
ATOM   485  C CG2 . VAL A 1 63  ? 1.685   11.090  10.595  1.00 26.93 ? 63  VAL A CG2 1 
ATOM   486  N N   . ALA A 1 64  ? 3.201   14.397  10.188  1.00 28.49 ? 64  ALA A N   1 
ATOM   487  C CA  . ALA A 1 64  ? 3.778   14.940  8.958   1.00 29.76 ? 64  ALA A CA  1 
ATOM   488  C C   . ALA A 1 64  ? 4.098   13.821  7.996   1.00 26.52 ? 64  ALA A C   1 
ATOM   489  O O   . ALA A 1 64  ? 4.526   12.735  8.424   1.00 25.20 ? 64  ALA A O   1 
ATOM   490  C CB  . ALA A 1 64  ? 5.048   15.721  9.265   1.00 30.82 ? 64  ALA A CB  1 
ATOM   491  N N   . CYS A 1 65  ? 3.902   14.081  6.704   1.00 32.56 ? 65  CYS A N   1 
ATOM   492  C CA  . CYS A 1 65  ? 4.333   13.155  5.657   1.00 30.63 ? 65  CYS A CA  1 
ATOM   493  C C   . CYS A 1 65  ? 5.845   13.288  5.494   1.00 33.32 ? 65  CYS A C   1 
ATOM   494  O O   . CYS A 1 65  ? 6.432   14.250  5.989   1.00 33.25 ? 65  CYS A O   1 
ATOM   495  C CB  . CYS A 1 65  ? 3.648   13.487  4.332   1.00 35.45 ? 65  CYS A CB  1 
ATOM   496  S SG  . CYS A 1 65  ? 1.839   13.645  4.431   1.00 38.17 ? 65  CYS A SG  1 
ATOM   497  N N   . LYS A 1 66  ? 6.479   12.338  4.811   1.00 31.27 ? 66  LYS A N   1 
ATOM   498  C CA  . LYS A 1 66  ? 7.933   12.377  4.653   1.00 38.30 ? 66  LYS A CA  1 
ATOM   499  C C   . LYS A 1 66  ? 8.420   13.643  3.958   1.00 36.50 ? 66  LYS A C   1 
ATOM   500  O O   . LYS A 1 66  ? 9.551   14.071  4.182   1.00 39.85 ? 66  LYS A O   1 
ATOM   501  C CB  . LYS A 1 66  ? 8.455   11.153  3.899   1.00 39.70 ? 66  LYS A CB  1 
ATOM   502  C CG  . LYS A 1 66  ? 8.352   9.874   4.688   1.00 45.03 ? 66  LYS A CG  1 
ATOM   503  C CD  . LYS A 1 66  ? 9.233   8.779   4.098   1.00 55.63 ? 66  LYS A CD  1 
ATOM   504  C CE  . LYS A 1 66  ? 8.793   7.404   4.592   1.00 55.85 ? 66  LYS A CE  1 
ATOM   505  N NZ  . LYS A 1 66  ? 9.712   6.291   4.175   1.00 58.49 ? 66  LYS A NZ  1 
ATOM   506  N N   . ASN A 1 67  ? 7.567   14.242  3.130   1.00 37.81 ? 67  ASN A N   1 
ATOM   507  C CA  . ASN A 1 67  ? 7.929   15.451  2.396   1.00 40.16 ? 67  ASN A CA  1 
ATOM   508  C C   . ASN A 1 67  ? 7.608   16.740  3.137   1.00 41.16 ? 67  ASN A C   1 
ATOM   509  O O   . ASN A 1 67  ? 7.883   17.831  2.641   1.00 42.85 ? 67  ASN A O   1 
ATOM   510  C CB  . ASN A 1 67  ? 7.244   15.467  1.027   1.00 41.28 ? 67  ASN A CB  1 
ATOM   511  C CG  . ASN A 1 67  ? 5.730   15.451  1.126   1.00 42.35 ? 67  ASN A CG  1 
ATOM   512  O OD1 . ASN A 1 67  ? 5.160   15.578  2.209   1.00 43.81 ? 67  ASN A OD1 1 
ATOM   513  N ND2 . ASN A 1 67  ? 5.067   15.305  -0.015  1.00 50.12 ? 67  ASN A ND2 1 
ATOM   514  N N   . GLY A 1 68  ? 7.003   16.621  4.314   1.00 36.84 ? 68  GLY A N   1 
ATOM   515  C CA  . GLY A 1 68  ? 6.684   17.798  5.093   1.00 36.50 ? 68  GLY A CA  1 
ATOM   516  C C   . GLY A 1 68  ? 5.251   18.276  4.967   1.00 37.26 ? 68  GLY A C   1 
ATOM   517  O O   . GLY A 1 68  ? 4.865   19.228  5.644   1.00 39.57 ? 68  GLY A O   1 
ATOM   518  N N   . GLN A 1 69  ? 4.461   17.639  4.104   1.00 36.09 ? 69  GLN A N   1 
ATOM   519  C CA  . GLN A 1 69  ? 3.040   17.991  3.997   1.00 35.97 ? 69  GLN A CA  1 
ATOM   520  C C   . GLN A 1 69  ? 2.329   17.631  5.296   1.00 34.48 ? 69  GLN A C   1 
ATOM   521  O O   . GLN A 1 69  ? 2.818   16.782  6.039   1.00 39.04 ? 69  GLN A O   1 
ATOM   522  C CB  . GLN A 1 69  ? 2.384   17.254  2.833   1.00 37.65 ? 69  GLN A CB  1 
ATOM   523  C CG  . GLN A 1 69  ? 2.664   17.850  1.465   1.00 39.74 ? 69  GLN A CG  1 
ATOM   524  C CD  . GLN A 1 69  ? 2.186   16.941  0.342   1.00 52.17 ? 69  GLN A CD  1 
ATOM   525  O OE1 . GLN A 1 69  ? 1.379   16.027  0.559   1.00 54.02 ? 69  GLN A OE1 1 
ATOM   526  N NE2 . GLN A 1 69  ? 2.680   17.185  -0.863  1.00 52.20 ? 69  GLN A NE2 1 
ATOM   527  N N   . THR A 1 70  ? 1.184   18.263  5.564   1.00 32.82 ? 70  THR A N   1 
ATOM   528  C CA  . THR A 1 70  ? 0.470   18.088  6.834   1.00 36.04 ? 70  THR A CA  1 
ATOM   529  C C   . THR A 1 70  ? -0.745  17.173  6.782   1.00 31.56 ? 70  THR A C   1 
ATOM   530  O O   . THR A 1 70  ? -1.472  17.068  7.773   1.00 32.72 ? 70  THR A O   1 
ATOM   531  C CB  . THR A 1 70  ? -0.045  19.438  7.390   1.00 44.46 ? 70  THR A CB  1 
ATOM   532  O OG1 . THR A 1 70  ? -0.736  20.158  6.355   1.00 47.16 ? 70  THR A OG1 1 
ATOM   533  C CG2 . THR A 1 70  ? 1.104   20.263  7.906   1.00 40.95 ? 70  THR A CG2 1 
ATOM   534  N N   . ASN A 1 71  ? -0.978  16.514  5.648   1.00 30.49 ? 71  ASN A N   1 
ATOM   535  C CA  . ASN A 1 71  ? -2.206  15.731  5.501   1.00 31.42 ? 71  ASN A CA  1 
ATOM   536  C C   . ASN A 1 71  ? -1.965  14.233  5.638   1.00 31.46 ? 71  ASN A C   1 
ATOM   537  O O   . ASN A 1 71  ? -2.593  13.431  4.951   1.00 28.49 ? 71  ASN A O   1 
ATOM   538  C CB  . ASN A 1 71  ? -2.891  16.041  4.165   1.00 31.73 ? 71  ASN A CB  1 
ATOM   539  C CG  . ASN A 1 71  ? -2.033  15.672  2.975   1.00 35.83 ? 71  ASN A CG  1 
ATOM   540  O OD1 . ASN A 1 71  ? -0.823  15.892  2.982   1.00 32.71 ? 71  ASN A OD1 1 
ATOM   541  N ND2 . ASN A 1 71  ? -2.656  15.093  1.946   1.00 32.03 ? 71  ASN A ND2 1 
ATOM   542  N N   . CYS A 1 72  ? -1.054  13.859  6.531   1.00 28.83 ? 72  CYS A N   1 
ATOM   543  C CA  . CYS A 1 72  ? -0.730  12.453  6.739   1.00 27.98 ? 72  CYS A CA  1 
ATOM   544  C C   . CYS A 1 72  ? -1.300  11.987  8.070   1.00 28.54 ? 72  CYS A C   1 
ATOM   545  O O   . CYS A 1 72  ? -1.474  12.796  8.988   1.00 25.20 ? 72  CYS A O   1 
ATOM   546  C CB  . CYS A 1 72  ? 0.776   12.227  6.668   1.00 26.39 ? 72  CYS A CB  1 
ATOM   547  S SG  . CYS A 1 72  ? 1.371   11.750  4.997   1.00 33.05 ? 72  CYS A SG  1 
ATOM   548  N N   . TYR A 1 73  ? -1.628  10.697  8.158   1.00 23.26 ? 73  TYR A N   1 
ATOM   549  C CA  . TYR A 1 73  ? -2.312  10.146  9.330   1.00 25.92 ? 73  TYR A CA  1 
ATOM   550  C C   . TYR A 1 73  ? -1.758  8.770   9.644   1.00 26.20 ? 73  TYR A C   1 
ATOM   551  O O   . TYR A 1 73  ? -1.554  7.956   8.739   1.00 23.30 ? 73  TYR A O   1 
ATOM   552  C CB  . TYR A 1 73  ? -3.839  10.097  9.093   1.00 23.84 ? 73  TYR A CB  1 
ATOM   553  C CG  . TYR A 1 73  ? -4.401  11.478  8.885   1.00 26.82 ? 73  TYR A CG  1 
ATOM   554  C CD1 . TYR A 1 73  ? -4.381  12.074  7.630   1.00 26.87 ? 73  TYR A CD1 1 
ATOM   555  C CD2 . TYR A 1 73  ? -4.896  12.213  9.951   1.00 25.53 ? 73  TYR A CD2 1 
ATOM   556  C CE1 . TYR A 1 73  ? -4.858  13.367  7.441   1.00 30.54 ? 73  TYR A CE1 1 
ATOM   557  C CE2 . TYR A 1 73  ? -5.373  13.500  9.771   1.00 28.05 ? 73  TYR A CE2 1 
ATOM   558  C CZ  . TYR A 1 73  ? -5.349  14.070  8.521   1.00 30.46 ? 73  TYR A CZ  1 
ATOM   559  O OH  . TYR A 1 73  ? -5.822  15.354  8.344   1.00 35.01 ? 73  TYR A OH  1 
ATOM   560  N N   . GLN A 1 74  ? -1.499  8.518   10.921  1.00 23.64 ? 74  GLN A N   1 
ATOM   561  C CA  . GLN A 1 74  ? -0.917  7.255   11.344  1.00 21.51 ? 74  GLN A CA  1 
ATOM   562  C C   . GLN A 1 74  ? -1.996  6.451   12.053  1.00 26.67 ? 74  GLN A C   1 
ATOM   563  O O   . GLN A 1 74  ? -2.736  6.990   12.880  1.00 27.74 ? 74  GLN A O   1 
ATOM   564  C CB  . GLN A 1 74  ? 0.281   7.502   12.275  1.00 22.57 ? 74  GLN A CB  1 
ATOM   565  C CG  . GLN A 1 74  ? 0.902   6.233   12.863  1.00 25.81 ? 74  GLN A CG  1 
ATOM   566  C CD  . GLN A 1 74  ? 2.266   6.479   13.516  1.00 35.61 ? 74  GLN A CD  1 
ATOM   567  O OE1 . GLN A 1 74  ? 3.034   7.349   13.090  1.00 35.46 ? 74  GLN A OE1 1 
ATOM   568  N NE2 . GLN A 1 74  ? 2.569   5.705   14.548  1.00 34.10 ? 74  GLN A NE2 1 
ATOM   569  N N   . SER A 1 75  ? -2.120  5.169   11.714  1.00 22.51 ? 75  SER A N   1 
ATOM   570  C CA  . SER A 1 75  ? -3.167  4.356   12.312  1.00 22.97 ? 75  SER A CA  1 
ATOM   571  C C   . SER A 1 75  ? -2.865  4.198   13.795  1.00 21.66 ? 75  SER A C   1 
ATOM   572  O O   . SER A 1 75  ? -1.696  4.081   14.174  1.00 22.95 ? 75  SER A O   1 
ATOM   573  C CB  . SER A 1 75  ? -3.244  2.987   11.626  1.00 22.23 ? 75  SER A CB  1 
ATOM   574  O OG  . SER A 1 75  ? -2.024  2.282   11.748  1.00 23.05 ? 75  SER A OG  1 
ATOM   575  N N   . TYR A 1 76  ? -3.908  4.227   14.626  1.00 21.58 ? 76  TYR A N   1 
ATOM   576  C CA  . TYR A 1 76  ? -3.765  4.051   16.072  1.00 24.73 ? 76  TYR A CA  1 
ATOM   577  C C   . TYR A 1 76  ? -3.338  2.637   16.392  1.00 27.75 ? 76  TYR A C   1 
ATOM   578  O O   . TYR A 1 76  ? -2.585  2.396   17.341  1.00 26.13 ? 76  TYR A O   1 
ATOM   579  C CB  . TYR A 1 76  ? -5.106  4.280   16.752  1.00 24.80 ? 76  TYR A CB  1 
ATOM   580  C CG  . TYR A 1 76  ? -5.566  5.718   16.807  1.00 25.62 ? 76  TYR A CG  1 
ATOM   581  C CD1 . TYR A 1 76  ? -4.667  6.762   17.011  1.00 23.64 ? 76  TYR A CD1 1 
ATOM   582  C CD2 . TYR A 1 76  ? -6.909  6.026   16.666  1.00 24.40 ? 76  TYR A CD2 1 
ATOM   583  C CE1 . TYR A 1 76  ? -5.111  8.073   17.067  1.00 25.82 ? 76  TYR A CE1 1 
ATOM   584  C CE2 . TYR A 1 76  ? -7.356  7.320   16.728  1.00 25.75 ? 76  TYR A CE2 1 
ATOM   585  C CZ  . TYR A 1 76  ? -6.459  8.338   16.932  1.00 26.70 ? 76  TYR A CZ  1 
ATOM   586  O OH  . TYR A 1 76  ? -6.930  9.624   16.985  1.00 29.76 ? 76  TYR A OH  1 
ATOM   587  N N   . SER A 1 77  ? -3.831  1.692   15.597  1.00 23.40 ? 77  SER A N   1 
ATOM   588  C CA  . SER A 1 77  ? -3.498  0.293   15.821  1.00 24.15 ? 77  SER A CA  1 
ATOM   589  C C   . SER A 1 77  ? -2.581  -0.234  14.722  1.00 26.13 ? 77  SER A C   1 
ATOM   590  O O   . SER A 1 77  ? -2.352  0.436   13.708  1.00 24.49 ? 77  SER A O   1 
ATOM   591  C CB  . SER A 1 77  ? -4.772  -0.531  15.858  1.00 26.23 ? 77  SER A CB  1 
ATOM   592  O OG  . SER A 1 77  ? -4.497  -1.827  16.330  1.00 28.51 ? 77  SER A OG  1 
ATOM   593  N N   . THR A 1 78  ? -2.036  -1.427  14.923  1.00 24.15 ? 78  THR A N   1 
ATOM   594  C CA  . THR A 1 78  ? -1.233  -2.064  13.877  1.00 24.84 ? 78  THR A CA  1 
ATOM   595  C C   . THR A 1 78  ? -2.170  -2.765  12.899  1.00 28.36 ? 78  THR A C   1 
ATOM   596  O O   . THR A 1 78  ? -3.304  -3.101  13.246  1.00 23.84 ? 78  THR A O   1 
ATOM   597  C CB  . THR A 1 78  ? -0.291  -3.112  14.468  1.00 26.85 ? 78  THR A CB  1 
ATOM   598  O OG1 . THR A 1 78  ? -1.069  -4.107  15.138  1.00 26.21 ? 78  THR A OG1 1 
ATOM   599  C CG2 . THR A 1 78  ? 0.643   -2.467  15.475  1.00 32.39 ? 78  THR A CG2 1 
ATOM   600  N N   . MET A 1 79  ? -1.701  -2.976  11.670  1.00 22.25 ? 79  MET A N   1 
ATOM   601  C CA  . MET A 1 79  ? -2.513  -3.645  10.662  1.00 19.70 ? 79  MET A CA  1 
ATOM   602  C C   . MET A 1 79  ? -1.655  -4.685  9.965   1.00 21.18 ? 79  MET A C   1 
ATOM   603  O O   . MET A 1 79  ? -0.430  -4.530  9.906   1.00 22.15 ? 79  MET A O   1 
ATOM   604  C CB  . MET A 1 79  ? -2.999  -2.637  9.619   1.00 21.12 ? 79  MET A CB  1 
ATOM   605  C CG  . MET A 1 79  ? -3.916  -1.560  10.161  1.00 24.18 ? 79  MET A CG  1 
ATOM   606  S SD  . MET A 1 79  ? -4.564  -0.513  8.845   1.00 23.71 ? 79  MET A SD  1 
ATOM   607  C CE  . MET A 1 79  ? -5.819  0.388   9.765   1.00 23.31 ? 79  MET A CE  1 
ATOM   608  N N   . SER A 1 80  ? -2.287  -5.731  9.438   1.00 21.29 ? 80  SER A N   1 
ATOM   609  C CA  . SER A 1 80  ? -1.574  -6.742  8.653   1.00 21.54 ? 80  SER A CA  1 
ATOM   610  C C   . SER A 1 80  ? -1.167  -6.142  7.315   1.00 20.37 ? 80  SER A C   1 
ATOM   611  O O   . SER A 1 80  ? -2.022  -5.671  6.556   1.00 20.60 ? 80  SER A O   1 
ATOM   612  C CB  . SER A 1 80  ? -2.484  -7.950  8.410   1.00 25.09 ? 80  SER A CB  1 
ATOM   613  O OG  . SER A 1 80  ? -1.882  -8.901  7.544   1.00 25.32 ? 80  SER A OG  1 
ATOM   614  N N   . ILE A 1 81  ? 0.123   -6.137  7.007   1.00 19.52 ? 81  ILE A N   1 
ATOM   615  C CA  . ILE A 1 81  ? 0.547   -5.580  5.736   1.00 19.96 ? 81  ILE A CA  1 
ATOM   616  C C   . ILE A 1 81  ? 1.550   -6.500  5.036   1.00 22.22 ? 81  ILE A C   1 
ATOM   617  O O   . ILE A 1 81  ? 2.189   -7.346  5.674   1.00 18.69 ? 81  ILE A O   1 
ATOM   618  C CB  . ILE A 1 81  ? 1.149   -4.160  5.913   1.00 19.68 ? 81  ILE A CB  1 
ATOM   619  C CG1 . ILE A 1 81  ? 2.400   -4.186  6.781   1.00 25.04 ? 81  ILE A CG1 1 
ATOM   620  C CG2 . ILE A 1 81  ? 0.140   -3.197  6.549   1.00 21.08 ? 81  ILE A CG2 1 
ATOM   621  C CD1 . ILE A 1 81  ? 3.662   -4.258  5.972   1.00 34.95 ? 81  ILE A CD1 1 
ATOM   622  N N   . THR A 1 82  ? 1.717   -6.302  3.735   1.00 20.34 ? 82  THR A N   1 
ATOM   623  C CA  . THR A 1 82  ? 2.771   -6.992  3.003   1.00 18.65 ? 82  THR A CA  1 
ATOM   624  C C   . THR A 1 82  ? 3.586   -5.981  2.214   1.00 21.76 ? 82  THR A C   1 
ATOM   625  O O   . THR A 1 82  ? 3.044   -5.232  1.400   1.00 19.80 ? 82  THR A O   1 
ATOM   626  C CB  . THR A 1 82  ? 2.188   -8.031  2.035   1.00 17.33 ? 82  THR A CB  1 
ATOM   627  O OG1 . THR A 1 82  ? 1.354   -8.933  2.761   1.00 21.80 ? 82  THR A OG1 1 
ATOM   628  C CG2 . THR A 1 82  ? 3.310   -8.839  1.372   1.00 22.54 ? 82  THR A CG2 1 
ATOM   629  N N   . ASP A 1 83  ? 4.889   -5.948  2.451   1.00 21.60 ? 83  ASP A N   1 
ATOM   630  C CA  . ASP A 1 83  ? 5.763   -5.086  1.669   1.00 21.27 ? 83  ASP A CA  1 
ATOM   631  C C   . ASP A 1 83  ? 6.236   -5.877  0.485   1.00 23.98 ? 83  ASP A C   1 
ATOM   632  O O   . ASP A 1 83  ? 6.655   -7.025  0.645   1.00 22.10 ? 83  ASP A O   1 
ATOM   633  C CB  . ASP A 1 83  ? 6.981   -4.677  2.515   1.00 29.65 ? 83  ASP A CB  1 
ATOM   634  C CG  . ASP A 1 83  ? 8.066   -3.950  1.696   1.00 36.41 ? 83  ASP A CG  1 
ATOM   635  O OD1 . ASP A 1 83  ? 7.918   -2.743  1.437   1.00 38.51 ? 83  ASP A OD1 1 
ATOM   636  O OD2 . ASP A 1 83  ? 9.082   -4.590  1.327   1.00 42.17 ? 83  ASP A OD2 1 
ATOM   637  N N   . CYS A 1 84  ? 6.167   -5.276  -0.701  1.00 22.89 ? 84  CYS A N   1 
ATOM   638  C CA  . CYS A 1 84  ? 6.670   -5.924  -1.910  1.00 22.17 ? 84  CYS A CA  1 
ATOM   639  C C   . CYS A 1 84  ? 7.808   -5.052  -2.442  1.00 26.79 ? 84  CYS A C   1 
ATOM   640  O O   . CYS A 1 84  ? 7.648   -3.832  -2.597  1.00 25.30 ? 84  CYS A O   1 
ATOM   641  C CB  . CYS A 1 84  ? 5.566   -6.050  -2.964  1.00 24.88 ? 84  CYS A CB  1 
ATOM   642  S SG  . CYS A 1 84  ? 4.104   -6.962  -2.414  1.00 23.21 ? 84  CYS A SG  1 
ATOM   643  N N   . ARG A 1 85  ? 8.958   -5.668  -2.688  1.00 21.39 ? 85  ARG A N   1 
ATOM   644  C CA  . ARG A 1 85  ? 10.136  -4.919  -3.104  1.00 24.20 ? 85  ARG A CA  1 
ATOM   645  C C   . ARG A 1 85  ? 10.864  -5.711  -4.174  1.00 23.75 ? 85  ARG A C   1 
ATOM   646  O O   . ARG A 1 85  ? 11.069  -6.918  -4.031  1.00 22.85 ? 85  ARG A O   1 
ATOM   647  C CB  . ARG A 1 85  ? 11.055  -4.717  -1.896  1.00 29.38 ? 85  ARG A CB  1 
ATOM   648  C CG  . ARG A 1 85  ? 11.888  -3.444  -1.915  1.00 38.14 ? 85  ARG A CG  1 
ATOM   649  C CD  . ARG A 1 85  ? 12.280  -3.069  -0.488  1.00 34.49 ? 85  ARG A CD  1 
ATOM   650  N NE  . ARG A 1 85  ? 12.455  -1.633  -0.291  1.00 38.46 ? 85  ARG A NE  1 
ATOM   651  C CZ  . ARG A 1 85  ? 11.647  -0.898  0.455   1.00 39.64 ? 85  ARG A CZ  1 
ATOM   652  N NH1 . ARG A 1 85  ? 10.622  -1.470  1.073   1.00 46.13 ? 85  ARG A NH1 1 
ATOM   653  N NH2 . ARG A 1 85  ? 11.864  0.394   0.606   1.00 46.19 ? 85  ARG A NH2 1 
ATOM   654  N N   . GLU A 1 86  ? 11.226  -5.038  -5.257  1.00 25.77 ? 86  GLU A N   1 
ATOM   655  C CA  . GLU A 1 86  ? 11.975  -5.675  -6.327  1.00 27.50 ? 86  GLU A CA  1 
ATOM   656  C C   . GLU A 1 86  ? 13.271  -6.267  -5.783  1.00 26.30 ? 86  GLU A C   1 
ATOM   657  O O   . GLU A 1 86  ? 13.910  -5.672  -4.902  1.00 25.53 ? 86  GLU A O   1 
ATOM   658  C CB  . GLU A 1 86  ? 12.336  -4.633  -7.373  1.00 29.07 ? 86  GLU A CB  1 
ATOM   659  C CG  . GLU A 1 86  ? 11.487  -4.636  -8.598  1.00 34.90 ? 86  GLU A CG  1 
ATOM   660  C CD  . GLU A 1 86  ? 12.168  -3.862  -9.699  1.00 36.50 ? 86  GLU A CD  1 
ATOM   661  O OE1 . GLU A 1 86  ? 12.454  -2.670  -9.473  1.00 36.79 ? 86  GLU A OE1 1 
ATOM   662  O OE2 . GLU A 1 86  ? 12.438  -4.457  -10.760 1.00 36.06 ? 86  GLU A OE2 1 
ATOM   663  N N   . THR A 1 87  ? 13.675  -7.406  -6.333  1.00 30.39 ? 87  THR A N   1 
ATOM   664  C CA  . THR A 1 87  ? 14.811  -8.149  -5.802  1.00 35.78 ? 87  THR A CA  1 
ATOM   665  C C   . THR A 1 87  ? 15.586  -8.875  -6.901  1.00 46.72 ? 87  THR A C   1 
ATOM   666  O O   . THR A 1 87  ? 15.028  -9.209  -7.948  1.00 44.94 ? 87  THR A O   1 
ATOM   667  C CB  . THR A 1 87  ? 14.326  -9.188  -4.770  1.00 38.21 ? 87  THR A CB  1 
ATOM   668  O OG1 . THR A 1 87  ? 15.404  -9.554  -3.898  1.00 49.09 ? 87  THR A OG1 1 
ATOM   669  C CG2 . THR A 1 87  ? 13.783  -10.427 -5.462  1.00 35.18 ? 87  THR A CG2 1 
ATOM   670  N N   . GLY A 1 88  ? 16.880  -9.088  -6.658  1.00 51.54 ? 88  GLY A N   1 
ATOM   671  C CA  . GLY A 1 88  ? 17.731  -9.930  -7.489  1.00 51.57 ? 88  GLY A CA  1 
ATOM   672  C C   . GLY A 1 88  ? 17.744  -9.757  -8.998  1.00 51.88 ? 88  GLY A C   1 
ATOM   673  O O   . GLY A 1 88  ? 18.285  -8.785  -9.532  1.00 61.21 ? 88  GLY A O   1 
ATOM   674  N N   . SER A 1 89  ? 17.145  -10.724 -9.685  1.00 57.55 ? 89  SER A N   1 
ATOM   675  C CA  . SER A 1 89  ? 17.186  -10.791 -11.140 1.00 61.34 ? 89  SER A CA  1 
ATOM   676  C C   . SER A 1 89  ? 16.041  -10.023 -11.776 1.00 61.23 ? 89  SER A C   1 
ATOM   677  O O   . SER A 1 89  ? 15.707  -10.243 -12.947 1.00 65.10 ? 89  SER A O   1 
ATOM   678  C CB  . SER A 1 89  ? 17.109  -12.250 -11.597 1.00 65.41 ? 89  SER A CB  1 
ATOM   679  O OG  . SER A 1 89  ? 15.875  -12.831 -11.199 1.00 66.08 ? 89  SER A OG  1 
ATOM   680  N N   . SER A 1 90  ? 15.428  -9.134  -11.005 1.00 56.51 ? 90  SER A N   1 
ATOM   681  C CA  . SER A 1 90  ? 14.287  -8.396  -11.508 1.00 53.13 ? 90  SER A CA  1 
ATOM   682  C C   . SER A 1 90  ? 14.701  -7.397  -12.581 1.00 52.14 ? 90  SER A C   1 
ATOM   683  O O   . SER A 1 90  ? 15.474  -6.476  -12.327 1.00 53.94 ? 90  SER A O   1 
ATOM   684  C CB  . SER A 1 90  ? 13.552  -7.691  -10.375 1.00 41.08 ? 90  SER A CB  1 
ATOM   685  O OG  . SER A 1 90  ? 12.375  -7.096  -10.877 1.00 38.42 ? 90  SER A OG  1 
ATOM   686  N N   . LYS A 1 91  ? 14.180  -7.593  -13.784 1.00 51.86 ? 91  LYS A N   1 
ATOM   687  C CA  . LYS A 1 91  ? 14.460  -6.687  -14.885 1.00 55.65 ? 91  LYS A CA  1 
ATOM   688  C C   . LYS A 1 91  ? 13.261  -6.677  -15.819 1.00 53.35 ? 91  LYS A C   1 
ATOM   689  O O   . LYS A 1 91  ? 12.863  -7.721  -16.341 1.00 54.51 ? 91  LYS A O   1 
ATOM   690  C CB  . LYS A 1 91  ? 15.722  -7.130  -15.628 1.00 56.88 ? 91  LYS A CB  1 
ATOM   691  C CG  . LYS A 1 91  ? 16.189  -6.153  -16.691 1.00 58.51 ? 91  LYS A CG  1 
ATOM   692  C CD  . LYS A 1 91  ? 17.474  -6.634  -17.336 1.00 65.33 ? 91  LYS A CD  1 
ATOM   693  C CE  . LYS A 1 91  ? 17.766  -5.876  -18.624 1.00 68.51 ? 91  LYS A CE  1 
ATOM   694  N NZ  . LYS A 1 91  ? 18.745  -6.603  -19.486 1.00 71.94 ? 91  LYS A NZ  1 
ATOM   695  N N   . TYR A 1 92  ? 12.671  -5.502  -16.010 1.00 51.39 ? 92  TYR A N   1 
ATOM   696  C CA  . TYR A 1 92  ? 11.502  -5.382  -16.869 1.00 53.86 ? 92  TYR A CA  1 
ATOM   697  C C   . TYR A 1 92  ? 11.798  -5.979  -18.247 1.00 56.74 ? 92  TYR A C   1 
ATOM   698  O O   . TYR A 1 92  ? 12.858  -5.718  -18.819 1.00 54.02 ? 92  TYR A O   1 
ATOM   699  C CB  . TYR A 1 92  ? 11.069  -3.919  -16.989 1.00 53.91 ? 92  TYR A CB  1 
ATOM   700  C CG  . TYR A 1 92  ? 9.828   -3.748  -17.820 1.00 54.79 ? 92  TYR A CG  1 
ATOM   701  C CD1 . TYR A 1 92  ? 8.567   -3.942  -17.267 1.00 51.74 ? 92  TYR A CD1 1 
ATOM   702  C CD2 . TYR A 1 92  ? 9.915   -3.405  -19.163 1.00 54.35 ? 92  TYR A CD2 1 
ATOM   703  C CE1 . TYR A 1 92  ? 7.429   -3.801  -18.027 1.00 53.47 ? 92  TYR A CE1 1 
ATOM   704  C CE2 . TYR A 1 92  ? 8.785   -3.261  -19.932 1.00 59.24 ? 92  TYR A CE2 1 
ATOM   705  C CZ  . TYR A 1 92  ? 7.544   -3.462  -19.360 1.00 58.30 ? 92  TYR A CZ  1 
ATOM   706  O OH  . TYR A 1 92  ? 6.413   -3.315  -20.126 1.00 56.71 ? 92  TYR A OH  1 
ATOM   707  N N   . PRO A 1 93  ? 10.862  -6.790  -18.778 1.00 54.78 ? 93  PRO A N   1 
ATOM   708  C CA  . PRO A 1 93  ? 9.535   -7.080  -18.224 1.00 55.37 ? 93  PRO A CA  1 
ATOM   709  C C   . PRO A 1 93  ? 9.502   -8.340  -17.368 1.00 53.20 ? 93  PRO A C   1 
ATOM   710  O O   . PRO A 1 93  ? 8.434   -8.926  -17.191 1.00 52.87 ? 93  PRO A O   1 
ATOM   711  C CB  . PRO A 1 93  ? 8.708   -7.324  -19.481 1.00 57.51 ? 93  PRO A CB  1 
ATOM   712  C CG  . PRO A 1 93  ? 9.675   -8.045  -20.380 1.00 56.63 ? 93  PRO A CG  1 
ATOM   713  C CD  . PRO A 1 93  ? 11.056  -7.474  -20.070 1.00 57.67 ? 93  PRO A CD  1 
ATOM   714  N N   . ASN A 1 94  ? 10.651  -8.764  -16.856 1.00 51.83 ? 94  ASN A N   1 
ATOM   715  C CA  . ASN A 1 94  ? 10.682  -9.922  -15.974 1.00 53.04 ? 94  ASN A CA  1 
ATOM   716  C C   . ASN A 1 94  ? 10.826  -9.484  -14.525 1.00 50.65 ? 94  ASN A C   1 
ATOM   717  O O   . ASN A 1 94  ? 11.866  -9.697  -13.893 1.00 52.00 ? 94  ASN A O   1 
ATOM   718  C CB  . ASN A 1 94  ? 11.807  -10.872 -16.369 1.00 55.10 ? 94  ASN A CB  1 
ATOM   719  C CG  . ASN A 1 94  ? 11.744  -11.260 -17.832 1.00 60.77 ? 94  ASN A CG  1 
ATOM   720  O OD1 . ASN A 1 94  ? 12.480  -10.722 -18.662 1.00 64.05 ? 94  ASN A OD1 1 
ATOM   721  N ND2 . ASN A 1 94  ? 10.847  -12.185 -18.161 1.00 60.76 ? 94  ASN A ND2 1 
ATOM   722  N N   . CYS A 1 95  ? 9.772   -8.858  -14.013 1.00 46.99 ? 95  CYS A N   1 
ATOM   723  C CA  . CYS A 1 95  ? 9.760   -8.350  -12.651 1.00 43.34 ? 95  CYS A CA  1 
ATOM   724  C C   . CYS A 1 95  ? 9.808   -9.496  -11.641 1.00 40.27 ? 95  CYS A C   1 
ATOM   725  O O   . CYS A 1 95  ? 9.322   -10.602 -11.915 1.00 43.70 ? 95  CYS A O   1 
ATOM   726  C CB  . CYS A 1 95  ? 8.518   -7.489  -12.435 1.00 37.24 ? 95  CYS A CB  1 
ATOM   727  S SG  . CYS A 1 95  ? 8.385   -6.151  -13.639 1.00 39.45 ? 95  CYS A SG  1 
ATOM   728  N N   . ALA A 1 96  ? 10.426  -9.243  -10.493 1.00 33.81 ? 96  ALA A N   1 
ATOM   729  C CA  . ALA A 1 96  ? 10.525  -10.245 -9.443  1.00 30.97 ? 96  ALA A CA  1 
ATOM   730  C C   . ALA A 1 96  ? 10.525  -9.521  -8.099  1.00 27.36 ? 96  ALA A C   1 
ATOM   731  O O   . ALA A 1 96  ? 11.277  -8.566  -7.926  1.00 29.45 ? 96  ALA A O   1 
ATOM   732  C CB  . ALA A 1 96  ? 11.797  -11.050 -9.603  1.00 30.22 ? 96  ALA A CB  1 
ATOM   733  N N   . TYR A 1 97  ? 9.706   -9.980  -7.153  1.00 26.43 ? 97  TYR A N   1 
ATOM   734  C CA  . TYR A 1 97  ? 9.550   -9.282  -5.869  1.00 23.53 ? 97  TYR A CA  1 
ATOM   735  C C   . TYR A 1 97  ? 9.789   -10.166 -4.655  1.00 24.68 ? 97  TYR A C   1 
ATOM   736  O O   . TYR A 1 97  ? 9.415   -11.341 -4.645  1.00 24.59 ? 97  TYR A O   1 
ATOM   737  C CB  . TYR A 1 97  ? 8.145   -8.679  -5.772  1.00 23.55 ? 97  TYR A CB  1 
ATOM   738  C CG  . TYR A 1 97  ? 7.937   -7.547  -6.749  1.00 24.03 ? 97  TYR A CG  1 
ATOM   739  C CD1 . TYR A 1 97  ? 8.229   -6.233  -6.393  1.00 25.34 ? 97  TYR A CD1 1 
ATOM   740  C CD2 . TYR A 1 97  ? 7.469   -7.792  -8.035  1.00 27.74 ? 97  TYR A CD2 1 
ATOM   741  C CE1 . TYR A 1 97  ? 8.058   -5.194  -7.292  1.00 27.00 ? 97  TYR A CE1 1 
ATOM   742  C CE2 . TYR A 1 97  ? 7.293   -6.754  -8.939  1.00 24.73 ? 97  TYR A CE2 1 
ATOM   743  C CZ  . TYR A 1 97  ? 7.598   -5.472  -8.570  1.00 25.92 ? 97  TYR A CZ  1 
ATOM   744  O OH  . TYR A 1 97  ? 7.435   -4.443  -9.469  1.00 28.92 ? 97  TYR A OH  1 
ATOM   745  N N   . LYS A 1 98  ? 10.375  -9.577  -3.612  1.00 22.95 ? 98  LYS A N   1 
ATOM   746  C CA  . LYS A 1 98  ? 10.445  -10.227 -2.316  1.00 22.90 ? 98  LYS A CA  1 
ATOM   747  C C   . LYS A 1 98  ? 9.193   -9.856  -1.527  1.00 23.63 ? 98  LYS A C   1 
ATOM   748  O O   . LYS A 1 98  ? 8.805   -8.679  -1.472  1.00 23.86 ? 98  LYS A O   1 
ATOM   749  C CB  . LYS A 1 98  ? 11.679  -9.739  -1.567  1.00 25.31 ? 98  LYS A CB  1 
ATOM   750  C CG  . LYS A 1 98  ? 11.805  -10.237 -0.127  1.00 26.01 ? 98  LYS A CG  1 
ATOM   751  C CD  . LYS A 1 98  ? 13.004  -9.543  0.543   1.00 28.61 ? 98  LYS A CD  1 
ATOM   752  C CE  . LYS A 1 98  ? 13.088  -9.852  2.028   1.00 32.88 ? 98  LYS A CE  1 
ATOM   753  N NZ  . LYS A 1 98  ? 13.092  -11.311 2.282   1.00 32.72 ? 98  LYS A NZ  1 
ATOM   754  N N   . THR A 1 99  ? 8.579   -10.856 -0.904  1.00 21.75 ? 99  THR A N   1 
ATOM   755  C CA  . THR A 1 99  ? 7.378   -10.656 -0.095  1.00 19.89 ? 99  THR A CA  1 
ATOM   756  C C   . THR A 1 99  ? 7.755   -10.617 1.374   1.00 23.29 ? 99  THR A C   1 
ATOM   757  O O   . THR A 1 99  ? 8.332   -11.574 1.880   1.00 24.48 ? 99  THR A O   1 
ATOM   758  C CB  . THR A 1 99  ? 6.415   -11.825 -0.330  1.00 22.15 ? 99  THR A CB  1 
ATOM   759  O OG1 . THR A 1 99  ? 5.928   -11.751 -1.672  1.00 20.99 ? 99  THR A OG1 1 
ATOM   760  C CG2 . THR A 1 99  ? 5.236   -11.792 0.638   1.00 24.26 ? 99  THR A CG2 1 
ATOM   761  N N   . THR A 1 100 ? 7.447   -9.522  2.072   1.00 23.27 ? 100 THR A N   1 
ATOM   762  C CA  . THR A 1 100 ? 7.693   -9.490  3.511   1.00 21.75 ? 100 THR A CA  1 
ATOM   763  C C   . THR A 1 100 ? 6.420   -9.114  4.262   1.00 23.17 ? 100 THR A C   1 
ATOM   764  O O   . THR A 1 100 ? 5.963   -7.978  4.171   1.00 22.11 ? 100 THR A O   1 
ATOM   765  C CB  . THR A 1 100 ? 8.770   -8.462  3.891   1.00 27.25 ? 100 THR A CB  1 
ATOM   766  O OG1 . THR A 1 100 ? 9.948   -8.682  3.107   1.00 23.26 ? 100 THR A OG1 1 
ATOM   767  C CG2 . THR A 1 100 ? 9.109   -8.590  5.365   1.00 26.63 ? 100 THR A CG2 1 
ATOM   768  N N   . GLN A 1 101 ? 5.863   -10.068 4.999   1.00 20.80 ? 101 GLN A N   1 
ATOM   769  C CA  . GLN A 1 101 ? 4.621   -9.865  5.756   1.00 23.35 ? 101 GLN A CA  1 
ATOM   770  C C   . GLN A 1 101 ? 4.945   -9.274  7.125   1.00 27.96 ? 101 GLN A C   1 
ATOM   771  O O   . GLN A 1 101 ? 5.974   -9.610  7.719   1.00 26.33 ? 101 GLN A O   1 
ATOM   772  C CB  . GLN A 1 101 ? 3.908   -11.219 5.885   1.00 26.39 ? 101 GLN A CB  1 
ATOM   773  C CG  . GLN A 1 101 ? 2.720   -11.276 6.835   1.00 31.03 ? 101 GLN A CG  1 
ATOM   774  C CD  . GLN A 1 101 ? 1.531   -10.470 6.344   1.00 29.41 ? 101 GLN A CD  1 
ATOM   775  O OE1 . GLN A 1 101 ? 1.253   -10.407 5.141   1.00 25.90 ? 101 GLN A OE1 1 
ATOM   776  N NE2 . GLN A 1 101 ? 0.821   -9.845  7.280   1.00 24.85 ? 101 GLN A NE2 1 
ATOM   777  N N   . ALA A 1 102 ? 4.100   -8.372  7.626   1.00 19.67 ? 102 ALA A N   1 
ATOM   778  C CA  . ALA A 1 102 ? 4.366   -7.770  8.933   1.00 23.80 ? 102 ALA A CA  1 
ATOM   779  C C   . ALA A 1 102 ? 3.103   -7.183  9.520   1.00 27.74 ? 102 ALA A C   1 
ATOM   780  O O   . ALA A 1 102 ? 2.061   -7.121  8.855   1.00 23.49 ? 102 ALA A O   1 
ATOM   781  C CB  . ALA A 1 102 ? 5.453   -6.693  8.828   1.00 28.56 ? 102 ALA A CB  1 
ATOM   782  N N   . ASN A 1 103 ? 3.189   -6.747  10.771  1.00 25.71 ? 103 ASN A N   1 
ATOM   783  C CA  . ASN A 1 103 ? 2.039   -6.141  11.420  1.00 31.00 ? 103 ASN A CA  1 
ATOM   784  C C   . ASN A 1 103 ? 2.465   -4.805  11.984  1.00 35.44 ? 103 ASN A C   1 
ATOM   785  O O   . ASN A 1 103 ? 3.170   -4.762  12.989  1.00 33.63 ? 103 ASN A O   1 
ATOM   786  C CB  . ASN A 1 103 ? 1.546   -7.042  12.548  1.00 36.29 ? 103 ASN A CB  1 
ATOM   787  C CG  . ASN A 1 103 ? 0.096   -7.404  12.397  1.00 39.07 ? 103 ASN A CG  1 
ATOM   788  O OD1 . ASN A 1 103 ? -0.240  -8.427  11.802  1.00 43.52 ? 103 ASN A OD1 1 
ATOM   789  N ND2 . ASN A 1 103 ? -0.788  -6.550  12.923  1.00 41.68 ? 103 ASN A ND2 1 
ATOM   790  N N   . LYS A 1 104 ? 2.067   -3.718  11.328  1.00 29.64 ? 104 LYS A N   1 
ATOM   791  C CA  . LYS A 1 104 ? 2.600   -2.403  11.649  1.00 30.60 ? 104 LYS A CA  1 
ATOM   792  C C   . LYS A 1 104 ? 1.537   -1.317  11.567  1.00 29.60 ? 104 LYS A C   1 
ATOM   793  O O   . LYS A 1 104 ? 0.475   -1.532  10.977  1.00 29.20 ? 104 LYS A O   1 
ATOM   794  C CB  . LYS A 1 104 ? 3.724   -2.062  10.688  1.00 34.02 ? 104 LYS A CB  1 
ATOM   795  C CG  . LYS A 1 104 ? 4.919   -2.996  10.798  1.00 39.64 ? 104 LYS A CG  1 
ATOM   796  C CD  . LYS A 1 104 ? 5.989   -2.560  9.837   1.00 47.78 ? 104 LYS A CD  1 
ATOM   797  C CE  . LYS A 1 104 ? 5.756   -3.085  8.436   1.00 43.30 ? 104 LYS A CE  1 
ATOM   798  N NZ  . LYS A 1 104 ? 6.337   -2.169  7.409   1.00 53.85 ? 104 LYS A NZ  1 
ATOM   799  N N   . HIS A 1 105 ? 1.812   -0.157  12.161  1.00 23.98 ? 105 HIS A N   1 
ATOM   800  C CA  . HIS A 1 105 ? 0.953   0.996   11.937  1.00 24.70 ? 105 HIS A CA  1 
ATOM   801  C C   . HIS A 1 105 ? 1.177   1.441   10.504  1.00 28.70 ? 105 HIS A C   1 
ATOM   802  O O   . HIS A 1 105 ? 2.294   1.317   9.983   1.00 31.67 ? 105 HIS A O   1 
ATOM   803  C CB  . HIS A 1 105 ? 1.315   2.148   12.887  1.00 26.28 ? 105 HIS A CB  1 
ATOM   804  C CG  . HIS A 1 105 ? 1.246   1.779   14.341  1.00 28.27 ? 105 HIS A CG  1 
ATOM   805  N ND1 . HIS A 1 105 ? 2.322   1.221   15.012  1.00 30.03 ? 105 HIS A ND1 1 
ATOM   806  C CD2 . HIS A 1 105 ? 0.247   1.876   15.240  1.00 28.11 ? 105 HIS A CD2 1 
ATOM   807  C CE1 . HIS A 1 105 ? 1.972   0.994   16.267  1.00 29.80 ? 105 HIS A CE1 1 
ATOM   808  N NE2 . HIS A 1 105 ? 0.723   1.378   16.437  1.00 29.61 ? 105 HIS A NE2 1 
ATOM   809  N N   . ILE A 1 106 ? 0.139   1.966   9.860   1.00 21.85 ? 106 ILE A N   1 
ATOM   810  C CA  . ILE A 1 106 ? 0.319   2.506   8.516   1.00 24.95 ? 106 ILE A CA  1 
ATOM   811  C C   . ILE A 1 106 ? 0.178   4.016   8.576   1.00 25.18 ? 106 ILE A C   1 
ATOM   812  O O   . ILE A 1 106 ? -0.500  4.554   9.475   1.00 22.50 ? 106 ILE A O   1 
ATOM   813  C CB  . ILE A 1 106 ? -0.696  1.917   7.509   1.00 22.95 ? 106 ILE A CB  1 
ATOM   814  C CG1 . ILE A 1 106 ? -2.133  2.278   7.914   1.00 24.53 ? 106 ILE A CG1 1 
ATOM   815  C CG2 . ILE A 1 106 ? -0.528  0.374   7.398   1.00 21.65 ? 106 ILE A CG2 1 
ATOM   816  C CD1 . ILE A 1 106 ? -3.136  2.194   6.730   1.00 21.80 ? 106 ILE A CD1 1 
ATOM   817  N N   . ILE A 1 107 ? 0.831   4.700   7.639   1.00 19.98 ? 107 ILE A N   1 
ATOM   818  C CA  . ILE A 1 107 ? 0.725   6.150   7.533   1.00 22.41 ? 107 ILE A CA  1 
ATOM   819  C C   . ILE A 1 107 ? 0.315   6.488   6.118   1.00 25.91 ? 107 ILE A C   1 
ATOM   820  O O   . ILE A 1 107 ? 0.994   6.087   5.158   1.00 23.05 ? 107 ILE A O   1 
ATOM   821  C CB  . ILE A 1 107 ? 2.061   6.836   7.870   1.00 23.98 ? 107 ILE A CB  1 
ATOM   822  C CG1 . ILE A 1 107 ? 2.409   6.559   9.337   1.00 29.35 ? 107 ILE A CG1 1 
ATOM   823  C CG2 . ILE A 1 107 ? 1.976   8.342   7.585   1.00 22.42 ? 107 ILE A CG2 1 
ATOM   824  C CD1 . ILE A 1 107 ? 3.851   6.728   9.688   1.00 35.00 ? 107 ILE A CD1 1 
ATOM   825  N N   . VAL A 1 108 ? -0.802  7.201   5.982   1.00 20.83 ? 108 VAL A N   1 
ATOM   826  C CA  . VAL A 1 108 ? -1.323  7.500   4.656   1.00 21.42 ? 108 VAL A CA  1 
ATOM   827  C C   . VAL A 1 108 ? -1.544  8.987   4.545   1.00 24.76 ? 108 VAL A C   1 
ATOM   828  O O   . VAL A 1 108 ? -1.730  9.662   5.553   1.00 24.68 ? 108 VAL A O   1 
ATOM   829  C CB  . VAL A 1 108 ? -2.648  6.771   4.373   1.00 22.90 ? 108 VAL A CB  1 
ATOM   830  C CG1 . VAL A 1 108 ? -2.428  5.280   4.232   1.00 21.80 ? 108 VAL A CG1 1 
ATOM   831  C CG2 . VAL A 1 108 ? -3.667  7.048   5.484   1.00 23.74 ? 108 VAL A CG2 1 
ATOM   832  N N   . ALA A 1 109 ? -1.505  9.499   3.320   1.00 21.84 ? 109 ALA A N   1 
ATOM   833  C CA  . ALA A 1 109 ? -1.897  10.885  3.071   1.00 21.44 ? 109 ALA A CA  1 
ATOM   834  C C   . ALA A 1 109 ? -3.335  10.879  2.592   1.00 25.35 ? 109 ALA A C   1 
ATOM   835  O O   . ALA A 1 109 ? -3.715  10.027  1.771   1.00 24.79 ? 109 ALA A O   1 
ATOM   836  C CB  . ALA A 1 109 ? -0.998  11.512  2.025   1.00 24.98 ? 109 ALA A CB  1 
ATOM   837  N N   . CYS A 1 110 ? -4.136  11.809  3.103   1.00 24.17 ? 110 CYS A N   1 
ATOM   838  C CA  . CYS A 1 110 ? -5.545  11.854  2.738   1.00 26.81 ? 110 CYS A CA  1 
ATOM   839  C C   . CYS A 1 110 ? -5.916  13.164  2.042   1.00 30.26 ? 110 CYS A C   1 
ATOM   840  O O   . CYS A 1 110 ? -5.310  14.221  2.296   1.00 26.94 ? 110 CYS A O   1 
ATOM   841  C CB  . CYS A 1 110 ? -6.423  11.644  3.973   1.00 26.47 ? 110 CYS A CB  1 
ATOM   842  S SG  . CYS A 1 110 ? -6.051  10.125  4.879   1.00 26.17 ? 110 CYS A SG  1 
ATOM   843  N N   . GLU A 1 111 ? -6.911  13.095  1.162   1.00 25.33 ? 111 GLU A N   1 
ATOM   844  C CA  . GLU A 1 111 ? -7.378  14.272  0.426   1.00 28.32 ? 111 GLU A CA  1 
ATOM   845  C C   . GLU A 1 111 ? -8.847  14.126  0.101   1.00 35.76 ? 111 GLU A C   1 
ATOM   846  O O   . GLU A 1 111 ? -9.401  13.010  0.121   1.00 28.63 ? 111 GLU A O   1 
ATOM   847  C CB  . GLU A 1 111 ? -6.665  14.403  -0.917  1.00 30.98 ? 111 GLU A CB  1 
ATOM   848  C CG  . GLU A 1 111 ? -5.305  15.065  -0.903  1.00 40.60 ? 111 GLU A CG  1 
ATOM   849  C CD  . GLU A 1 111 ? -4.672  15.057  -2.287  1.00 43.69 ? 111 GLU A CD  1 
ATOM   850  O OE1 . GLU A 1 111 ? -5.428  14.961  -3.282  1.00 49.64 ? 111 GLU A OE1 1 
ATOM   851  O OE2 . GLU A 1 111 ? -3.426  15.124  -2.375  1.00 44.89 ? 111 GLU A OE2 1 
ATOM   852  N N   . GLY A 1 112 ? -9.463  15.256  -0.240  1.00 33.23 ? 112 GLY A N   1 
ATOM   853  C CA  . GLY A 1 112 ? -10.792 15.257  -0.816  1.00 35.17 ? 112 GLY A CA  1 
ATOM   854  C C   . GLY A 1 112 ? -11.949 15.389  0.146   1.00 38.44 ? 112 GLY A C   1 
ATOM   855  O O   . GLY A 1 112 ? -11.783 15.509  1.365   1.00 34.27 ? 112 GLY A O   1 
ATOM   856  N N   . ASN A 1 113 ? -13.138 15.377  -0.434  1.00 37.14 ? 113 ASN A N   1 
ATOM   857  C CA  . ASN A 1 113 ? -14.380 15.313  0.314   1.00 41.39 ? 113 ASN A CA  1 
ATOM   858  C C   . ASN A 1 113 ? -15.234 14.334  -0.466  1.00 42.71 ? 113 ASN A C   1 
ATOM   859  O O   . ASN A 1 113 ? -15.679 14.646  -1.574  1.00 42.59 ? 113 ASN A O   1 
ATOM   860  C CB  . ASN A 1 113 ? -15.049 16.688  0.388   1.00 42.68 ? 113 ASN A CB  1 
ATOM   861  C CG  . ASN A 1 113 ? -16.343 16.684  1.208   1.00 48.61 ? 113 ASN A CG  1 
ATOM   862  O OD1 . ASN A 1 113 ? -16.627 15.750  1.964   1.00 49.93 ? 113 ASN A OD1 1 
ATOM   863  N ND2 . ASN A 1 113 ? -17.127 17.746  1.064   1.00 52.24 ? 113 ASN A ND2 1 
ATOM   864  N N   . PRO A 1 114 ? -15.431 13.123  0.076   1.00 40.51 ? 114 PRO A N   1 
ATOM   865  C CA  . PRO A 1 114 ? -14.971 12.611  1.376   1.00 39.62 ? 114 PRO A CA  1 
ATOM   866  C C   . PRO A 1 114 ? -13.444 12.492  1.505   1.00 36.29 ? 114 PRO A C   1 
ATOM   867  O O   . PRO A 1 114 ? -12.729 12.346  0.509   1.00 33.54 ? 114 PRO A O   1 
ATOM   868  C CB  . PRO A 1 114 ? -15.621 11.228  1.451   1.00 40.30 ? 114 PRO A CB  1 
ATOM   869  C CG  . PRO A 1 114 ? -15.838 10.836  0.033   1.00 43.65 ? 114 PRO A CG  1 
ATOM   870  C CD  . PRO A 1 114 ? -16.157 12.100  -0.695  1.00 43.74 ? 114 PRO A CD  1 
ATOM   871  N N   . TYR A 1 115 ? -12.961 12.577  2.737   1.00 31.50 ? 115 TYR A N   1 
ATOM   872  C CA  . TYR A 1 115 ? -11.532 12.650  3.012   1.00 30.66 ? 115 TYR A CA  1 
ATOM   873  C C   . TYR A 1 115 ? -11.013 11.228  3.087   1.00 29.09 ? 115 TYR A C   1 
ATOM   874  O O   . TYR A 1 115 ? -11.266 10.533  4.070   1.00 27.75 ? 115 TYR A O   1 
ATOM   875  C CB  . TYR A 1 115 ? -11.354 13.355  4.357   1.00 32.13 ? 115 TYR A CB  1 
ATOM   876  C CG  . TYR A 1 115 ? -9.994  13.951  4.659   1.00 29.65 ? 115 TYR A CG  1 
ATOM   877  C CD1 . TYR A 1 115 ? -9.373  14.821  3.779   1.00 29.93 ? 115 TYR A CD1 1 
ATOM   878  C CD2 . TYR A 1 115 ? -9.376  13.697  5.873   1.00 31.44 ? 115 TYR A CD2 1 
ATOM   879  C CE1 . TYR A 1 115 ? -8.146  15.388  4.087   1.00 30.74 ? 115 TYR A CE1 1 
ATOM   880  C CE2 . TYR A 1 115 ? -8.159  14.254  6.188   1.00 30.49 ? 115 TYR A CE2 1 
ATOM   881  C CZ  . TYR A 1 115 ? -7.548  15.099  5.293   1.00 28.36 ? 115 TYR A CZ  1 
ATOM   882  O OH  . TYR A 1 115 ? -6.331  15.650  5.617   1.00 30.23 ? 115 TYR A OH  1 
ATOM   883  N N   . VAL A 1 116 ? -10.309 10.793  2.040   1.00 26.62 ? 116 VAL A N   1 
ATOM   884  C CA  . VAL A 1 116 ? -9.890  9.398   1.908   1.00 26.72 ? 116 VAL A CA  1 
ATOM   885  C C   . VAL A 1 116 ? -8.403  9.242   1.538   1.00 23.15 ? 116 VAL A C   1 
ATOM   886  O O   . VAL A 1 116 ? -7.772  10.200  1.094   1.00 23.87 ? 116 VAL A O   1 
ATOM   887  C CB  . VAL A 1 116 ? -10.742 8.699   0.838   1.00 27.40 ? 116 VAL A CB  1 
ATOM   888  C CG1 . VAL A 1 116 ? -12.191 8.603   1.312   1.00 31.05 ? 116 VAL A CG1 1 
ATOM   889  C CG2 . VAL A 1 116 ? -10.670 9.462   -0.458  1.00 31.08 ? 116 VAL A CG2 1 
ATOM   890  N N   . PRO A 1 117 ? -7.840  8.029   1.712   1.00 21.71 ? 117 PRO A N   1 
ATOM   891  C CA  . PRO A 1 117 ? -6.398  7.900   1.459   1.00 23.66 ? 117 PRO A CA  1 
ATOM   892  C C   . PRO A 1 117 ? -6.067  8.040   -0.015  1.00 25.96 ? 117 PRO A C   1 
ATOM   893  O O   . PRO A 1 117 ? -6.777  7.462   -0.841  1.00 23.73 ? 117 PRO A O   1 
ATOM   894  C CB  . PRO A 1 117 ? -6.082  6.476   1.930   1.00 22.27 ? 117 PRO A CB  1 
ATOM   895  C CG  . PRO A 1 117 ? -7.143  6.175   2.977   1.00 24.53 ? 117 PRO A CG  1 
ATOM   896  C CD  . PRO A 1 117 ? -8.385  6.844   2.402   1.00 22.60 ? 117 PRO A CD  1 
ATOM   897  N N   . VAL A 1 118 ? -5.004  8.779   -0.331  1.00 23.72 ? 118 VAL A N   1 
ATOM   898  C CA  . VAL A 1 118 ? -4.568  8.935   -1.716  1.00 23.92 ? 118 VAL A CA  1 
ATOM   899  C C   . VAL A 1 118 ? -3.095  8.558   -1.919  1.00 27.73 ? 118 VAL A C   1 
ATOM   900  O O   . VAL A 1 118 ? -2.634  8.402   -3.065  1.00 25.76 ? 118 VAL A O   1 
ATOM   901  C CB  . VAL A 1 118 ? -4.829  10.364  -2.235  1.00 27.25 ? 118 VAL A CB  1 
ATOM   902  C CG1 . VAL A 1 118 ? -6.317  10.630  -2.320  1.00 22.56 ? 118 VAL A CG1 1 
ATOM   903  C CG2 . VAL A 1 118 ? -4.172  11.397  -1.313  1.00 27.14 ? 118 VAL A CG2 1 
ATOM   904  N N   . HIS A 1 119 ? -2.355  8.393   -0.821  1.00 24.76 ? 119 HIS A N   1 
ATOM   905  C CA  . HIS A 1 119 ? -0.957  7.952   -0.923  1.00 27.48 ? 119 HIS A CA  1 
ATOM   906  C C   . HIS A 1 119 ? -0.570  7.121   0.293   1.00 27.39 ? 119 HIS A C   1 
ATOM   907  O O   . HIS A 1 119 ? -1.028  7.400   1.406   1.00 26.49 ? 119 HIS A O   1 
ATOM   908  C CB  . HIS A 1 119 ? -0.002  9.151   -1.017  1.00 27.66 ? 119 HIS A CB  1 
ATOM   909  C CG  . HIS A 1 119 ? -0.183  9.989   -2.251  1.00 36.35 ? 119 HIS A CG  1 
ATOM   910  N ND1 . HIS A 1 119 ? 0.010   9.487   -3.524  1.00 40.99 ? 119 HIS A ND1 1 
ATOM   911  C CD2 . HIS A 1 119 ? -0.510  11.293  -2.406  1.00 35.61 ? 119 HIS A CD2 1 
ATOM   912  C CE1 . HIS A 1 119 ? -0.210  10.446  -4.410  1.00 39.25 ? 119 HIS A CE1 1 
ATOM   913  N NE2 . HIS A 1 119 ? -0.527  11.549  -3.758  1.00 45.99 ? 119 HIS A NE2 1 
ATOM   914  N N   . PHE A 1 120 ? 0.274   6.111   0.092   1.00 28.33 ? 120 PHE A N   1 
ATOM   915  C CA  . PHE A 1 120 ? 0.801   5.345   1.218   1.00 26.85 ? 120 PHE A CA  1 
ATOM   916  C C   . PHE A 1 120 ? 2.163   5.927   1.541   1.00 30.82 ? 120 PHE A C   1 
ATOM   917  O O   . PHE A 1 120 ? 3.055   5.917   0.693   1.00 28.99 ? 120 PHE A O   1 
ATOM   918  C CB  . PHE A 1 120 ? 0.922   3.868   0.868   1.00 26.74 ? 120 PHE A CB  1 
ATOM   919  C CG  . PHE A 1 120 ? 1.163   2.981   2.058   1.00 25.34 ? 120 PHE A CG  1 
ATOM   920  C CD1 . PHE A 1 120 ? 2.448   2.754   2.522   1.00 28.81 ? 120 PHE A CD1 1 
ATOM   921  C CD2 . PHE A 1 120 ? 0.092   2.375   2.711   1.00 28.36 ? 120 PHE A CD2 1 
ATOM   922  C CE1 . PHE A 1 120 ? 2.668   1.942   3.622   1.00 30.89 ? 120 PHE A CE1 1 
ATOM   923  C CE2 . PHE A 1 120 ? 0.297   1.569   3.810   1.00 25.01 ? 120 PHE A CE2 1 
ATOM   924  C CZ  . PHE A 1 120 ? 1.586   1.352   4.267   1.00 25.38 ? 120 PHE A CZ  1 
ATOM   925  N N   . ASP A 1 121 ? 2.319   6.478   2.742   1.00 28.92 ? 121 ASP A N   1 
ATOM   926  C CA  . ASP A 1 121 ? 3.547   7.196   3.058   1.00 30.77 ? 121 ASP A CA  1 
ATOM   927  C C   . ASP A 1 121 ? 4.586   6.236   3.622   1.00 34.43 ? 121 ASP A C   1 
ATOM   928  O O   . ASP A 1 121 ? 5.745   6.219   3.182   1.00 34.76 ? 121 ASP A O   1 
ATOM   929  C CB  . ASP A 1 121 ? 3.276   8.332   4.047   1.00 31.14 ? 121 ASP A CB  1 
ATOM   930  C CG  . ASP A 1 121 ? 4.379   9.367   4.062   1.00 37.54 ? 121 ASP A CG  1 
ATOM   931  O OD1 . ASP A 1 121 ? 4.667   9.939   2.993   1.00 44.37 ? 121 ASP A OD1 1 
ATOM   932  O OD2 . ASP A 1 121 ? 4.962   9.618   5.137   1.00 38.48 ? 121 ASP A OD2 1 
ATOM   933  N N   . ALA A 1 122 ? 4.168   5.428   4.589   1.00 27.82 ? 122 ALA A N   1 
ATOM   934  C CA  . ALA A 1 122 ? 5.093   4.552   5.299   1.00 34.56 ? 122 ALA A CA  1 
ATOM   935  C C   . ALA A 1 122 ? 4.344   3.633   6.247   1.00 32.26 ? 122 ALA A C   1 
ATOM   936  O O   . ALA A 1 122 ? 3.126   3.761   6.420   1.00 28.62 ? 122 ALA A O   1 
ATOM   937  C CB  . ALA A 1 122 ? 6.137   5.371   6.077   1.00 36.87 ? 122 ALA A CB  1 
ATOM   938  N N   . SER A 1 123 ? 5.066   2.696   6.847   1.00 33.10 ? 123 SER A N   1 
ATOM   939  C CA  . SER A 1 123 ? 4.498   1.900   7.919   1.00 32.76 ? 123 SER A CA  1 
ATOM   940  C C   . SER A 1 123 ? 5.516   1.869   9.046   1.00 37.17 ? 123 SER A C   1 
ATOM   941  O O   . SER A 1 123 ? 6.720   1.969   8.800   1.00 37.73 ? 123 SER A O   1 
ATOM   942  C CB  . SER A 1 123 ? 4.160   0.484   7.446   1.00 36.48 ? 123 SER A CB  1 
ATOM   943  O OG  . SER A 1 123 ? 5.332   -0.288  7.292   1.00 40.91 ? 123 SER A OG  1 
ATOM   944  N N   . VAL A 1 124 ? 5.037   1.782   10.282  1.00 34.36 ? 124 VAL A N   1 
ATOM   945  C CA  . VAL A 1 124 ? 5.930   1.687   11.426  1.00 39.16 ? 124 VAL A CA  1 
ATOM   946  C C   . VAL A 1 124 ? 5.531   0.514   12.300  1.00 39.17 ? 124 VAL A C   1 
ATOM   947  O O   . VAL A 1 124 ? 4.477   0.562   12.935  1.00 36.63 ? 124 VAL A O   1 
ATOM   948  C CB  . VAL A 1 124 ? 5.879   2.941   12.290  1.00 36.53 ? 124 VAL A CB  1 
ATOM   949  C CG1 . VAL A 1 124 ? 6.861   2.798   13.450  1.00 43.21 ? 124 VAL A CG1 1 
ATOM   950  C CG2 . VAL A 1 124 ? 6.187   4.187   11.449  1.00 39.77 ? 124 VAL A CG2 1 
ATOM   951  O OXT . VAL A 1 124 ? 6.258   -0.477  12.402  1.00 41.83 ? 124 VAL A OXT 1 
HETATM 952  S S   . SO4 B 2 .   ? 1.657   6.001   -3.627  1.00 37.06 ? 201 SO4 A S   1 
HETATM 953  O O1  . SO4 B 2 .   ? 2.117   5.097   -4.664  1.00 46.27 ? 201 SO4 A O1  1 
HETATM 954  O O2  . SO4 B 2 .   ? 2.791   6.475   -2.854  1.00 50.44 ? 201 SO4 A O2  1 
HETATM 955  O O3  . SO4 B 2 .   ? 0.708   5.316   -2.761  1.00 33.89 ? 201 SO4 A O3  1 
HETATM 956  O O4  . SO4 B 2 .   ? 0.994   7.141   -4.229  1.00 46.45 ? 201 SO4 A O4  1 
HETATM 957  S S   . SO4 C 2 .   ? 7.531   -20.308 1.470   1.00 58.38 ? 202 SO4 A S   1 
HETATM 958  O O1  . SO4 C 2 .   ? 8.665   -20.120 0.568   1.00 47.16 ? 202 SO4 A O1  1 
HETATM 959  O O2  . SO4 C 2 .   ? 7.849   -19.661 2.731   1.00 43.29 ? 202 SO4 A O2  1 
HETATM 960  O O3  . SO4 C 2 .   ? 7.334   -21.734 1.741   1.00 55.79 ? 202 SO4 A O3  1 
HETATM 961  O O4  . SO4 C 2 .   ? 6.318   -19.736 0.867   1.00 46.60 ? 202 SO4 A O4  1 
HETATM 962  C C1  . RSG D 3 .   ? 3.502   -15.191 -11.022 1.00 55.35 ? 204 RSG A C1  1 
HETATM 963  O O1  . RSG D 3 .   ? 3.200   -14.360 -13.221 1.00 66.29 ? 204 RSG A O1  1 
HETATM 964  C C2  . RSG D 3 .   ? 4.510   -14.184 -11.340 1.00 51.09 ? 204 RSG A C2  1 
HETATM 965  O O2  . RSG D 3 .   ? 5.017   -12.903 -13.139 1.00 59.40 ? 204 RSG A O2  1 
HETATM 966  C C3  . RSG D 3 .   ? 3.970   -13.434 -12.396 1.00 56.92 ? 204 RSG A C3  1 
HETATM 967  O O3  . RSG D 3 .   ? 4.087   -16.321 -10.454 1.00 58.28 ? 204 RSG A O3  1 
HETATM 968  C C4  . RSG D 3 .   ? 2.827   -15.541 -12.311 1.00 63.66 ? 204 RSG A C4  1 
HETATM 969  C C5  . RSG D 3 .   ? 6.220   -13.753 -12.909 1.00 60.26 ? 204 RSG A C5  1 
HETATM 970  C C6  . RSG D 3 .   ? 5.777   -14.808 -11.880 1.00 60.94 ? 204 RSG A C6  1 
HETATM 971  C C1  . RSG E 3 .   ? 4.203   -14.963 4.846   1.00 39.18 ? 205 RSG A C1  1 
HETATM 972  O O1  . RSG E 3 .   ? 4.840   -15.721 2.676   1.00 40.57 ? 205 RSG A O1  1 
HETATM 973  C C2  . RSG E 3 .   ? 4.614   -16.377 4.884   1.00 40.86 ? 205 RSG A C2  1 
HETATM 974  O O2  . RSG E 3 .   ? 5.028   -17.906 3.259   1.00 41.25 ? 205 RSG A O2  1 
HETATM 975  C C3  . RSG E 3 .   ? 5.327   -16.633 3.694   1.00 41.52 ? 205 RSG A C3  1 
HETATM 976  O O3  . RSG E 3 .   ? 2.876   -14.757 5.269   1.00 41.78 ? 205 RSG A O3  1 
HETATM 977  C C4  . RSG E 3 .   ? 4.330   -14.495 3.439   1.00 38.06 ? 205 RSG A C4  1 
HETATM 978  C C5  . RSG E 3 .   ? 3.629   -18.187 3.679   1.00 43.32 ? 205 RSG A C5  1 
HETATM 979  C C6  . RSG E 3 .   ? 3.414   -17.301 4.914   1.00 41.70 ? 205 RSG A C6  1 
HETATM 980  C C1  . RSG F 3 .   ? -14.699 6.346   6.460   1.00 48.58 ? 206 RSG A C1  1 
HETATM 981  O O1  . RSG F 3 .   ? -16.880 5.617   5.932   1.00 54.89 ? 206 RSG A O1  1 
HETATM 982  C C2  . RSG F 3 .   ? -14.880 4.982   6.958   1.00 47.72 ? 206 RSG A C2  1 
HETATM 983  O O2  . RSG F 3 .   ? -16.819 3.836   7.392   1.00 59.21 ? 206 RSG A O2  1 
HETATM 984  C C3  . RSG F 3 .   ? -16.087 4.491   6.409   1.00 49.45 ? 206 RSG A C3  1 
HETATM 985  O O3  . RSG F 3 .   ? -14.086 7.139   7.434   1.00 51.18 ? 206 RSG A O3  1 
HETATM 986  C C4  . RSG F 3 .   ? -16.052 6.888   6.151   1.00 51.12 ? 206 RSG A C4  1 
HETATM 987  C C5  . RSG F 3 .   ? -16.284 4.213   8.734   1.00 50.86 ? 206 RSG A C5  1 
HETATM 988  C C6  . RSG F 3 .   ? -14.996 4.999   8.466   1.00 47.86 ? 206 RSG A C6  1 
HETATM 989  C C1  . RSG G 3 .   ? -1.176  -11.462 10.363  1.00 51.20 ? 212 RSG A C1  1 
HETATM 990  O O1  . RSG G 3 .   ? -3.497  -11.630 10.875  1.00 56.37 ? 212 RSG A O1  1 
HETATM 991  C C2  . RSG G 3 .   ? -1.763  -12.584 9.626   1.00 50.41 ? 212 RSG A C2  1 
HETATM 992  O O2  . RSG G 3 .   ? -3.617  -13.850 10.112  1.00 58.31 ? 212 RSG A O2  1 
HETATM 993  C C3  . RSG G 3 .   ? -3.165  -12.565 9.810   1.00 52.98 ? 212 RSG A C3  1 
HETATM 994  O O3  . RSG G 3 .   ? -0.098  -11.879 11.149  1.00 59.17 ? 212 RSG A O3  1 
HETATM 995  C C4  . RSG G 3 .   ? -2.229  -10.842 11.218  1.00 50.67 ? 212 RSG A C4  1 
HETATM 996  C C5  . RSG G 3 .   ? -2.492  -14.799 9.894   1.00 59.76 ? 212 RSG A C5  1 
HETATM 997  C C6  . RSG G 3 .   ? -1.242  -13.928 10.083  1.00 57.02 ? 212 RSG A C6  1 
HETATM 998  C C1  . RSG H 3 .   ? -10.540 -8.220  6.567   1.00 48.82 ? 213 RSG A C1  1 
HETATM 999  O O1  . RSG H 3 .   ? -8.498  -8.920  5.582   1.00 42.57 ? 213 RSG A O1  1 
HETATM 1000 C C2  . RSG H 3 .   ? -10.113 -9.517  7.087   1.00 51.29 ? 213 RSG A C2  1 
HETATM 1001 O O2  . RSG H 3 .   ? -8.408  -10.921 6.713   1.00 49.02 ? 213 RSG A O2  1 
HETATM 1002 C C3  . RSG H 3 .   ? -8.730  -9.584  6.856   1.00 49.31 ? 213 RSG A C3  1 
HETATM 1003 O O3  . RSG H 3 .   ? -11.836 -8.287  6.054   1.00 51.94 ? 213 RSG A O3  1 
HETATM 1004 C C4  . RSG H 3 .   ? -9.597  -7.857  5.464   1.00 39.57 ? 213 RSG A C4  1 
HETATM 1005 C C5  . RSG H 3 .   ? -9.523  -11.543 5.955   1.00 45.59 ? 213 RSG A C5  1 
HETATM 1006 C C6  . RSG H 3 .   ? -10.722 -10.633 6.265   1.00 52.70 ? 213 RSG A C6  1 
HETATM 1007 C C1  . RSG I 3 .   ? 7.102   2.292   1.986   1.00 57.01 ? 214 RSG A C1  1 
HETATM 1008 O O1  . RSG I 3 .   ? 7.636   -0.017  1.851   1.00 52.82 ? 214 RSG A O1  1 
HETATM 1009 C C2  . RSG I 3 .   ? 7.731   1.855   3.234   1.00 52.35 ? 214 RSG A C2  1 
HETATM 1010 O O2  . RSG I 3 .   ? 7.857   -0.234  4.168   1.00 53.49 ? 214 RSG A O2  1 
HETATM 1011 C C3  . RSG I 3 .   ? 8.216   0.540   3.065   1.00 53.83 ? 214 RSG A C3  1 
HETATM 1012 O O3  . RSG I 3 .   ? 5.895   2.953   2.230   1.00 54.25 ? 214 RSG A O3  1 
HETATM 1013 C C4  . RSG I 3 .   ? 6.862   1.097   1.134   1.00 50.84 ? 214 RSG A C4  1 
HETATM 1014 C C5  . RSG I 3 .   ? 7.315   0.687   5.200   1.00 47.52 ? 214 RSG A C5  1 
HETATM 1015 C C6  . RSG I 3 .   ? 6.726   1.803   4.346   1.00 47.12 ? 214 RSG A C6  1 
HETATM 1016 C C1  . RSG J 3 .   ? -1.061  -17.828 6.168   1.00 63.78 ? 215 RSG A C1  1 
HETATM 1017 O O1  . RSG J 3 .   ? -3.215  -17.523 7.115   1.00 66.30 ? 215 RSG A O1  1 
HETATM 1018 C C2  . RSG J 3 .   ? -1.832  -16.850 5.391   1.00 58.02 ? 215 RSG A C2  1 
HETATM 1019 O O2  . RSG J 3 .   ? -4.015  -16.180 5.357   1.00 58.16 ? 215 RSG A O2  1 
HETATM 1020 C C3  . RSG J 3 .   ? -2.923  -16.439 6.184   1.00 58.74 ? 215 RSG A C3  1 
HETATM 1021 O O3  . RSG J 3 .   ? -0.649  -18.890 5.366   1.00 66.08 ? 215 RSG A O3  1 
HETATM 1022 C C4  . RSG J 3 .   ? -1.917  -18.320 7.289   1.00 64.25 ? 215 RSG A C4  1 
HETATM 1023 C C5  . RSG J 3 .   ? -3.636  -16.485 3.949   1.00 50.25 ? 215 RSG A C5  1 
HETATM 1024 C C6  . RSG J 3 .   ? -2.421  -17.410 4.116   1.00 54.39 ? 215 RSG A C6  1 
HETATM 1025 C C1  . RSG K 3 .   ? -2.561  -14.118 -4.155  1.00 51.51 ? 211 RSG A C1  1 
HETATM 1026 O O1  . RSG K 3 .   ? -3.922  -15.520 -2.834  1.00 61.43 ? 211 RSG A O1  1 
HETATM 1027 C C2  . RSG K 3 .   ? -3.931  -13.636 -4.196  1.00 52.22 ? 211 RSG A C2  1 
HETATM 1028 O O2  . RSG K 3 .   ? -5.904  -14.502 -3.496  1.00 60.88 ? 211 RSG A O2  1 
HETATM 1029 C C3  . RSG K 3 .   ? -4.592  -14.254 -3.116  1.00 60.66 ? 211 RSG A C3  1 
HETATM 1030 O O3  . RSG K 3 .   ? -2.012  -14.072 -5.434  1.00 52.56 ? 211 RSG A O3  1 
HETATM 1031 C C4  . RSG K 3 .   ? -2.643  -15.530 -3.685  1.00 59.30 ? 211 RSG A C4  1 
HETATM 1032 C C5  . RSG K 3 .   ? -6.039  -14.258 -4.961  1.00 50.65 ? 211 RSG A C5  1 
HETATM 1033 C C6  . RSG K 3 .   ? -4.598  -14.124 -5.459  1.00 51.38 ? 211 RSG A C6  1 
HETATM 1034 C C1  . RSG L 3 .   ? -4.189  20.566  9.458   1.00 64.00 ? 216 RSG A C1  1 
HETATM 1035 O O1  . RSG L 3 .   ? -5.188  18.485  8.966   1.00 61.55 ? 216 RSG A O1  1 
HETATM 1036 C C2  . RSG L 3 .   ? -5.050  20.652  8.283   1.00 67.69 ? 216 RSG A C2  1 
HETATM 1037 O O2  . RSG L 3 .   ? -6.421  19.256  7.174   1.00 68.92 ? 216 RSG A O2  1 
HETATM 1038 C C3  . RSG L 3 .   ? -5.959  19.597  8.433   1.00 62.93 ? 216 RSG A C3  1 
HETATM 1039 O O3  . RSG L 3 .   ? -2.968  21.213  9.273   1.00 66.24 ? 216 RSG A O3  1 
HETATM 1040 C C4  . RSG L 3 .   ? -3.979  19.106  9.684   1.00 57.90 ? 216 RSG A C4  1 
HETATM 1041 C C5  . RSG L 3 .   ? -5.288  19.476  6.230   1.00 60.55 ? 216 RSG A C5  1 
HETATM 1042 C C6  . RSG L 3 .   ? -4.281  20.329  7.020   1.00 67.57 ? 216 RSG A C6  1 
HETATM 1043 O O   . HOH M 4 .   ? -8.606  5.493   -1.292  1.00 23.25 ? 301 HOH A O   1 
HETATM 1044 O O   . HOH M 4 .   ? -11.274 5.008   -0.746  1.00 26.69 ? 302 HOH A O   1 
HETATM 1045 O O   . HOH M 4 .   ? -6.003  1.971   13.727  1.00 22.45 ? 303 HOH A O   1 
HETATM 1046 O O   . HOH M 4 .   ? -1.847  5.289   -4.450  1.00 29.55 ? 304 HOH A O   1 
HETATM 1047 O O   . HOH M 4 .   ? -14.990 -2.109  4.099   1.00 28.80 ? 305 HOH A O   1 
HETATM 1048 O O   . HOH M 4 .   ? -10.152 -4.846  8.816   1.00 27.04 ? 306 HOH A O   1 
HETATM 1049 O O   . HOH M 4 .   ? -13.545 -4.021  2.624   1.00 28.64 ? 307 HOH A O   1 
HETATM 1050 O O   . HOH M 4 .   ? 9.790   -7.293  0.917   1.00 26.18 ? 308 HOH A O   1 
HETATM 1051 O O   . HOH M 4 .   ? -11.207 5.876   -11.038 1.00 22.85 ? 309 HOH A O   1 
HETATM 1052 O O   . HOH M 4 .   ? 3.803   1.484   -0.910  1.00 28.54 ? 310 HOH A O   1 
HETATM 1053 O O   . HOH M 4 .   ? 6.870   -12.493 -4.347  1.00 25.13 ? 311 HOH A O   1 
HETATM 1054 O O   . HOH M 4 .   ? -3.513  7.758   -5.334  1.00 28.92 ? 312 HOH A O   1 
HETATM 1055 O O   . HOH M 4 .   ? 5.349   -9.700  -11.088 1.00 36.21 ? 313 HOH A O   1 
HETATM 1056 O O   . HOH M 4 .   ? -8.807  1.876   11.388  1.00 23.49 ? 314 HOH A O   1 
HETATM 1057 O O   . HOH M 4 .   ? -12.121 8.963   7.512   1.00 37.80 ? 315 HOH A O   1 
HETATM 1058 O O   . HOH M 4 .   ? 1.009   -5.721  -14.218 1.00 30.12 ? 316 HOH A O   1 
HETATM 1059 O O   . HOH M 4 .   ? -14.549 -2.966  8.746   1.00 37.37 ? 317 HOH A O   1 
HETATM 1060 O O   . HOH M 4 .   ? 7.309   -12.669 5.102   1.00 32.66 ? 318 HOH A O   1 
HETATM 1061 O O   . HOH M 4 .   ? -8.288  17.882  0.705   1.00 43.68 ? 319 HOH A O   1 
HETATM 1062 O O   . HOH M 4 .   ? -9.027  9.970   16.311  1.00 31.42 ? 320 HOH A O   1 
HETATM 1063 O O   . HOH M 4 .   ? -7.224  -14.890 4.681   1.00 44.69 ? 321 HOH A O   1 
HETATM 1064 O O   . HOH M 4 .   ? -8.745  -7.852  -2.797  1.00 40.39 ? 322 HOH A O   1 
HETATM 1065 O O   . HOH M 4 .   ? 0.667   20.387  3.511   1.00 47.67 ? 323 HOH A O   1 
HETATM 1066 O O   . HOH M 4 .   ? 10.804  -12.488 2.281   1.00 26.77 ? 324 HOH A O   1 
HETATM 1067 O O   . HOH M 4 .   ? -6.409  -9.023  8.788   1.00 41.21 ? 325 HOH A O   1 
HETATM 1068 O O   . HOH M 4 .   ? -9.663  14.292  9.522   1.00 43.12 ? 326 HOH A O   1 
HETATM 1069 O O   . HOH M 4 .   ? -0.608  12.628  22.282  1.00 33.14 ? 327 HOH A O   1 
HETATM 1070 O O   . HOH M 4 .   ? -9.886  12.067  -2.955  1.00 35.34 ? 328 HOH A O   1 
HETATM 1071 O O   . HOH M 4 .   ? -7.680  -2.511  11.133  1.00 32.67 ? 329 HOH A O   1 
HETATM 1072 O O   . HOH M 4 .   ? -13.509 -6.318  3.714   1.00 35.98 ? 330 HOH A O   1 
HETATM 1073 O O   . HOH M 4 .   ? -12.761 11.703  -2.162  1.00 42.84 ? 331 HOH A O   1 
HETATM 1074 O O   . HOH M 4 .   ? -5.991  -7.894  -12.639 1.00 33.58 ? 332 HOH A O   1 
HETATM 1075 O O   . HOH M 4 .   ? -4.179  13.887  15.300  1.00 36.49 ? 333 HOH A O   1 
HETATM 1076 O O   . HOH M 4 .   ? -13.022 4.207   -5.714  1.00 37.89 ? 334 HOH A O   1 
HETATM 1077 O O   . HOH M 4 .   ? -7.665  13.128  13.393  1.00 41.49 ? 335 HOH A O   1 
HETATM 1078 O O   . HOH M 4 .   ? -15.035 13.247  4.859   1.00 44.83 ? 336 HOH A O   1 
HETATM 1079 O O   . HOH M 4 .   ? -13.520 7.065   -5.302  1.00 47.61 ? 337 HOH A O   1 
HETATM 1080 O O   . HOH M 4 .   ? -16.164 2.173   2.621   1.00 46.75 ? 338 HOH A O   1 
HETATM 1081 O O   . HOH M 4 .   ? -11.586 1.522   -7.004  1.00 35.01 ? 339 HOH A O   1 
HETATM 1082 O O   . HOH M 4 .   ? -9.912  10.818  -5.261  1.00 29.35 ? 341 HOH A O   1 
HETATM 1083 O O   . HOH M 4 .   ? 9.472   -13.464 -1.322  1.00 28.41 ? 342 HOH A O   1 
HETATM 1084 O O   . HOH M 4 .   ? -5.231  -8.448  -7.710  1.00 28.56 ? 343 HOH A O   1 
HETATM 1085 O O   . HOH M 4 .   ? 8.432   2.478   -5.439  1.00 34.39 ? 344 HOH A O   1 
HETATM 1086 O O   . HOH M 4 .   ? -3.202  -11.899 -7.892  1.00 42.02 ? 345 HOH A O   1 
HETATM 1087 O O   . HOH M 4 .   ? 0.374   -16.227 -2.585  1.00 39.76 ? 346 HOH A O   1 
HETATM 1088 O O   . HOH M 4 .   ? -8.003  -6.655  12.252  1.00 43.69 ? 347 HOH A O   1 
HETATM 1089 O O   . HOH M 4 .   ? -10.316 7.460   15.131  1.00 33.34 ? 348 HOH A O   1 
HETATM 1090 O O   . HOH M 4 .   ? -1.614  14.409  -0.629  1.00 37.94 ? 349 HOH A O   1 
HETATM 1091 O O   . HOH M 4 .   ? 4.875   -9.022  -13.668 1.00 36.60 ? 350 HOH A O   1 
HETATM 1092 O O   . HOH M 4 .   ? -7.217  -8.894  -4.728  1.00 41.20 ? 351 HOH A O   1 
HETATM 1093 O O   . HOH M 4 .   ? -4.494  0.289   -14.156 1.00 42.05 ? 352 HOH A O   1 
HETATM 1094 O O   . HOH M 4 .   ? -8.714  1.771   -10.625 1.00 35.05 ? 353 HOH A O   1 
HETATM 1095 O O   . HOH M 4 .   ? 18.308  -9.710  -4.375  1.00 39.36 ? 357 HOH A O   1 
HETATM 1096 O O   . HOH M 4 .   ? -2.467  13.128  -5.395  1.00 53.07 ? 358 HOH A O   1 
HETATM 1097 O O   . HOH M 4 .   ? 2.442   12.472  0.038   1.00 48.37 ? 361 HOH A O   1 
HETATM 1098 O O   . HOH M 4 .   ? 5.346   12.360  1.520   1.00 44.26 ? 363 HOH A O   1 
HETATM 1099 O O   . HOH M 4 .   ? 10.538  -13.852 -6.598  1.00 48.87 ? 364 HOH A O   1 
HETATM 1100 O O   . HOH M 4 .   ? -7.344  16.407  10.109  1.00 45.74 ? 366 HOH A O   1 
HETATM 1101 O O   . HOH M 4 .   ? 9.066   -11.116 8.496   1.00 42.90 ? 367 HOH A O   1 
HETATM 1102 O O   . HOH M 4 .   ? 7.079   -9.403  -14.968 1.00 48.05 ? 370 HOH A O   1 
HETATM 1103 O O   . HOH M 4 .   ? -2.845  14.875  17.313  1.00 44.79 ? 371 HOH A O   1 
HETATM 1104 O O   . HOH M 4 .   ? 2.461   3.402   19.071  1.00 35.48 ? 375 HOH A O   1 
HETATM 1105 O O   . HOH M 4 .   ? 0.339   2.487   -11.329 1.00 49.61 ? 377 HOH A O   1 
HETATM 1106 O O   . HOH M 4 .   ? -3.878  2.267   -15.067 1.00 52.56 ? 379 HOH A O   1 
HETATM 1107 O O   . HOH M 4 .   ? 14.083  -13.763 -12.142 1.00 62.91 ? 381 HOH A O   1 
HETATM 1108 O O   . HOH M 4 .   ? -1.372  15.575  20.303  1.00 51.95 ? 385 HOH A O   1 
HETATM 1109 O O   . HOH M 4 .   ? -16.537 -2.887  6.697   1.00 45.23 ? 391 HOH A O   1 
HETATM 1110 O O   . HOH M 4 .   ? 5.019   -9.108  12.446  1.00 48.76 ? 392 HOH A O   1 
HETATM 1111 O O   . HOH M 4 .   ? -1.722  4.426   18.973  1.00 31.70 ? 393 HOH A O   1 
HETATM 1112 O O   . HOH M 4 .   ? 1.589   -10.467 10.051  1.00 37.90 ? 394 HOH A O   1 
HETATM 1113 O O   . HOH M 4 .   ? -8.525  13.704  -4.357  1.00 45.93 ? 405 HOH A O   1 
HETATM 1114 O O   . HOH M 4 .   ? -4.837  6.533   -14.866 1.00 50.92 ? 407 HOH A O   1 
HETATM 1115 O O   . HOH M 4 .   ? -2.524  -14.106 0.526   1.00 38.65 ? 409 HOH A O   1 
HETATM 1116 O O   . HOH M 4 .   ? -13.101 15.532  -3.583  1.00 44.77 ? 411 HOH A O   1 
HETATM 1117 O O   . HOH M 4 .   ? 8.563   -8.665  9.100   1.00 39.61 ? 415 HOH A O   1 
HETATM 1118 O O   . HOH M 4 .   ? -13.942 8.737   -2.546  1.00 49.31 ? 416 HOH A O   1 
HETATM 1119 O O   . HOH M 4 .   ? -1.221  -12.460 -11.007 1.00 36.88 ? 429 HOH A O   1 
HETATM 1120 O O   . HOH M 4 .   ? -7.489  -8.224  -9.345  1.00 28.10 ? 431 HOH A O   1 
HETATM 1121 O O   . HOH M 4 .   ? 11.719  2.021   -12.258 1.00 57.82 ? 438 HOH A O   1 
HETATM 1122 O O   . HOH M 4 .   ? -8.108  -11.644 10.278  1.00 57.42 ? 466 HOH A O   1 
HETATM 1123 O O   . HOH M 4 .   ? 5.140   19.949  8.518   1.00 49.15 ? 467 HOH A O   1 
HETATM 1124 O O   . HOH M 4 .   ? 0.190   -0.913  18.818  1.00 43.88 ? 468 HOH A O   1 
HETATM 1125 O O   . HOH M 4 .   ? 9.927   -15.847 -4.650  1.00 55.23 ? 469 HOH A O   1 
HETATM 1126 O O   . HOH M 4 .   ? 4.357   -4.119  16.349  1.00 57.04 ? 470 HOH A O   1 
# 
